data_7KKI
# 
_entry.id   7KKI 
# 
_audit_conform.dict_name       mmcif_pdbx.dic 
_audit_conform.dict_version    5.380 
_audit_conform.dict_location   http://mmcif.pdb.org/dictionaries/ascii/mmcif_pdbx.dic 
# 
loop_
_database_2.database_id 
_database_2.database_code 
_database_2.pdbx_database_accession 
_database_2.pdbx_DOI 
PDB   7KKI         pdb_00007kki 10.2210/pdb7kki/pdb 
WWPDB D_1000252621 ?            ?                   
# 
_pdbx_database_status.status_code                     REL 
_pdbx_database_status.status_code_sf                  REL 
_pdbx_database_status.status_code_mr                  ? 
_pdbx_database_status.entry_id                        7KKI 
_pdbx_database_status.recvd_initial_deposition_date   2020-10-27 
_pdbx_database_status.SG_entry                        N 
_pdbx_database_status.deposit_site                    RCSB 
_pdbx_database_status.process_site                    RCSB 
_pdbx_database_status.status_code_cs                  ? 
_pdbx_database_status.status_code_nmr_data            ? 
_pdbx_database_status.methods_development_category    ? 
_pdbx_database_status.pdb_format_compatible           Y 
# 
loop_
_audit_author.name 
_audit_author.pdbx_ordinal 
_audit_author.identifier_ORCID 
'Walton, W.G.'  1 0000-0001-6745-534X 
'Redinbo, M.R.' 2 0000-0003-0814-5346 
'Dangl, J.L.'   3 0000-0003-3199-8654 
# 
_citation.abstract                  ? 
_citation.abstract_id_CAS           ? 
_citation.book_id_ISBN              ? 
_citation.book_publisher            ? 
_citation.book_publisher_city       ? 
_citation.book_title                ? 
_citation.coordinate_linkage        ? 
_citation.country                   UK 
_citation.database_id_Medline       ? 
_citation.details                   ? 
_citation.id                        primary 
_citation.journal_abbrev            'Nat Microbiol' 
_citation.journal_id_ASTM           ? 
_citation.journal_id_CSD            ? 
_citation.journal_id_ISSN           2058-5276 
_citation.journal_full              ? 
_citation.journal_issue             ? 
_citation.journal_volume            7 
_citation.language                  ? 
_citation.page_first                1817 
_citation.page_last                 1833 
_citation.title                     'Diverse MarR bacterial regulators of auxin catabolism in the plant microbiome.' 
_citation.year                      2022 
_citation.database_id_CSD           ? 
_citation.pdbx_database_id_DOI      10.1038/s41564-022-01244-3 
_citation.pdbx_database_id_PubMed   36266335 
_citation.unpublished_flag          ? 
# 
loop_
_citation_author.citation_id 
_citation_author.name 
_citation_author.ordinal 
_citation_author.identifier_ORCID 
primary 'Conway, J.M.'       1  0000-0002-2715-2149 
primary 'Walton, W.G.'       2  ?                   
primary 'Salas-Gonzalez, I.' 3  0000-0002-0347-5058 
primary 'Law, T.F.'          4  ?                   
primary 'Lindberg, C.A.'     5  ?                   
primary 'Crook, L.E.'        6  ?                   
primary 'Kosina, S.M.'       7  0000-0003-2885-1248 
primary 'Fitzpatrick, C.R.'  8  ?                   
primary 'Lietzan, A.D.'      9  0000-0001-6388-2491 
primary 'Northen, T.R.'      10 0000-0001-8404-3259 
primary 'Jones, C.D.'        11 ?                   
primary 'Finkel, O.M.'       12 0000-0003-4770-0402 
primary 'Redinbo, M.R.'      13 0000-0003-0814-5346 
primary 'Dangl, J.L.'        14 0000-0003-3199-8654 
# 
_cell.angle_alpha                  90.000 
_cell.angle_alpha_esd              ? 
_cell.angle_beta                   90.000 
_cell.angle_beta_esd               ? 
_cell.angle_gamma                  90.000 
_cell.angle_gamma_esd              ? 
_cell.entry_id                     7KKI 
_cell.details                      ? 
_cell.formula_units_Z              ? 
_cell.length_a                     54.411 
_cell.length_a_esd                 ? 
_cell.length_b                     115.761 
_cell.length_b_esd                 ? 
_cell.length_c                     115.945 
_cell.length_c_esd                 ? 
_cell.volume                       730299.498 
_cell.volume_esd                   ? 
_cell.Z_PDB                        16 
_cell.reciprocal_angle_alpha       ? 
_cell.reciprocal_angle_beta        ? 
_cell.reciprocal_angle_gamma       ? 
_cell.reciprocal_angle_alpha_esd   ? 
_cell.reciprocal_angle_beta_esd    ? 
_cell.reciprocal_angle_gamma_esd   ? 
_cell.reciprocal_length_a          ? 
_cell.reciprocal_length_b          ? 
_cell.reciprocal_length_c          ? 
_cell.reciprocal_length_a_esd      ? 
_cell.reciprocal_length_b_esd      ? 
_cell.reciprocal_length_c_esd      ? 
_cell.pdbx_unique_axis             ? 
# 
_symmetry.entry_id                         7KKI 
_symmetry.cell_setting                     ? 
_symmetry.Int_Tables_number                22 
_symmetry.space_group_name_Hall            'F 2 2' 
_symmetry.space_group_name_H-M             'F 2 2 2' 
_symmetry.pdbx_full_space_group_name_H-M   ? 
# 
loop_
_entity.id 
_entity.type 
_entity.src_method 
_entity.pdbx_description 
_entity.formula_weight 
_entity.pdbx_number_of_molecules 
_entity.pdbx_ec 
_entity.pdbx_mutation 
_entity.pdbx_fragment 
_entity.details 
1 polymer     man 'Transcriptional regulator, MarR family' 18225.787 1  ? ? ? ? 
2 non-polymer syn 'SULFATE ION'                            96.063    2  ? ? ? ? 
3 non-polymer syn '(2,4-DICHLOROPHENOXY)ACETIC ACID'       221.037   1  ? ? ? ? 
4 water       nat water                                    18.015    85 ? ? ? ? 
# 
_entity_poly.entity_id                      1 
_entity_poly.type                           'polypeptide(L)' 
_entity_poly.nstd_linkage                   no 
_entity_poly.nstd_monomer                   no 
_entity_poly.pdbx_seq_one_letter_code       
;MAEQPPETHRFVDDYLPALLAQASQLISSEFHEVARQHGFSVSEWRVMASLAGSEPISIGQLAQVTVTKQPTVTRLLDRM
EARGQVERLPHESDRRITLVRITRKGLKAVEHLMELAREHERRVLEPFGLRRAEELKQTLRQMIDLHVHVPVEEPEED
;
_entity_poly.pdbx_seq_one_letter_code_can   
;MAEQPPETHRFVDDYLPALLAQASQLISSEFHEVARQHGFSVSEWRVMASLAGSEPISIGQLAQVTVTKQPTVTRLLDRM
EARGQVERLPHESDRRITLVRITRKGLKAVEHLMELAREHERRVLEPFGLRRAEELKQTLRQMIDLHVHVPVEEPEED
;
_entity_poly.pdbx_strand_id                 A 
_entity_poly.pdbx_target_identifier         ? 
# 
loop_
_entity_poly_seq.entity_id 
_entity_poly_seq.num 
_entity_poly_seq.mon_id 
_entity_poly_seq.hetero 
1 1   MET n 
1 2   ALA n 
1 3   GLU n 
1 4   GLN n 
1 5   PRO n 
1 6   PRO n 
1 7   GLU n 
1 8   THR n 
1 9   HIS n 
1 10  ARG n 
1 11  PHE n 
1 12  VAL n 
1 13  ASP n 
1 14  ASP n 
1 15  TYR n 
1 16  LEU n 
1 17  PRO n 
1 18  ALA n 
1 19  LEU n 
1 20  LEU n 
1 21  ALA n 
1 22  GLN n 
1 23  ALA n 
1 24  SER n 
1 25  GLN n 
1 26  LEU n 
1 27  ILE n 
1 28  SER n 
1 29  SER n 
1 30  GLU n 
1 31  PHE n 
1 32  HIS n 
1 33  GLU n 
1 34  VAL n 
1 35  ALA n 
1 36  ARG n 
1 37  GLN n 
1 38  HIS n 
1 39  GLY n 
1 40  PHE n 
1 41  SER n 
1 42  VAL n 
1 43  SER n 
1 44  GLU n 
1 45  TRP n 
1 46  ARG n 
1 47  VAL n 
1 48  MET n 
1 49  ALA n 
1 50  SER n 
1 51  LEU n 
1 52  ALA n 
1 53  GLY n 
1 54  SER n 
1 55  GLU n 
1 56  PRO n 
1 57  ILE n 
1 58  SER n 
1 59  ILE n 
1 60  GLY n 
1 61  GLN n 
1 62  LEU n 
1 63  ALA n 
1 64  GLN n 
1 65  VAL n 
1 66  THR n 
1 67  VAL n 
1 68  THR n 
1 69  LYS n 
1 70  GLN n 
1 71  PRO n 
1 72  THR n 
1 73  VAL n 
1 74  THR n 
1 75  ARG n 
1 76  LEU n 
1 77  LEU n 
1 78  ASP n 
1 79  ARG n 
1 80  MET n 
1 81  GLU n 
1 82  ALA n 
1 83  ARG n 
1 84  GLY n 
1 85  GLN n 
1 86  VAL n 
1 87  GLU n 
1 88  ARG n 
1 89  LEU n 
1 90  PRO n 
1 91  HIS n 
1 92  GLU n 
1 93  SER n 
1 94  ASP n 
1 95  ARG n 
1 96  ARG n 
1 97  ILE n 
1 98  THR n 
1 99  LEU n 
1 100 VAL n 
1 101 ARG n 
1 102 ILE n 
1 103 THR n 
1 104 ARG n 
1 105 LYS n 
1 106 GLY n 
1 107 LEU n 
1 108 LYS n 
1 109 ALA n 
1 110 VAL n 
1 111 GLU n 
1 112 HIS n 
1 113 LEU n 
1 114 MET n 
1 115 GLU n 
1 116 LEU n 
1 117 ALA n 
1 118 ARG n 
1 119 GLU n 
1 120 HIS n 
1 121 GLU n 
1 122 ARG n 
1 123 ARG n 
1 124 VAL n 
1 125 LEU n 
1 126 GLU n 
1 127 PRO n 
1 128 PHE n 
1 129 GLY n 
1 130 LEU n 
1 131 ARG n 
1 132 ARG n 
1 133 ALA n 
1 134 GLU n 
1 135 GLU n 
1 136 LEU n 
1 137 LYS n 
1 138 GLN n 
1 139 THR n 
1 140 LEU n 
1 141 ARG n 
1 142 GLN n 
1 143 MET n 
1 144 ILE n 
1 145 ASP n 
1 146 LEU n 
1 147 HIS n 
1 148 VAL n 
1 149 HIS n 
1 150 VAL n 
1 151 PRO n 
1 152 VAL n 
1 153 GLU n 
1 154 GLU n 
1 155 PRO n 
1 156 GLU n 
1 157 GLU n 
1 158 ASP n 
# 
_entity_src_gen.entity_id                          1 
_entity_src_gen.pdbx_src_id                        1 
_entity_src_gen.pdbx_alt_source_flag               sample 
_entity_src_gen.pdbx_seq_type                      'Biological sequence' 
_entity_src_gen.pdbx_beg_seq_num                   1 
_entity_src_gen.pdbx_end_seq_num                   158 
_entity_src_gen.gene_src_common_name               ? 
_entity_src_gen.gene_src_genus                     ? 
_entity_src_gen.pdbx_gene_src_gene                 Vapar_1489 
_entity_src_gen.gene_src_species                   ? 
_entity_src_gen.gene_src_strain                    ? 
_entity_src_gen.gene_src_tissue                    ? 
_entity_src_gen.gene_src_tissue_fraction           ? 
_entity_src_gen.gene_src_details                   ? 
_entity_src_gen.pdbx_gene_src_fragment             ? 
_entity_src_gen.pdbx_gene_src_scientific_name      'Variovorax paradoxus' 
_entity_src_gen.pdbx_gene_src_ncbi_taxonomy_id     34073 
_entity_src_gen.pdbx_gene_src_variant              ? 
_entity_src_gen.pdbx_gene_src_cell_line            ? 
_entity_src_gen.pdbx_gene_src_atcc                 ? 
_entity_src_gen.pdbx_gene_src_organ                ? 
_entity_src_gen.pdbx_gene_src_organelle            ? 
_entity_src_gen.pdbx_gene_src_cell                 ? 
_entity_src_gen.pdbx_gene_src_cellular_location    ? 
_entity_src_gen.host_org_common_name               ? 
_entity_src_gen.pdbx_host_org_scientific_name      'Escherichia coli' 
_entity_src_gen.pdbx_host_org_ncbi_taxonomy_id     562 
_entity_src_gen.host_org_genus                     ? 
_entity_src_gen.pdbx_host_org_gene                 ? 
_entity_src_gen.pdbx_host_org_organ                ? 
_entity_src_gen.host_org_species                   ? 
_entity_src_gen.pdbx_host_org_tissue               ? 
_entity_src_gen.pdbx_host_org_tissue_fraction      ? 
_entity_src_gen.pdbx_host_org_strain               ? 
_entity_src_gen.pdbx_host_org_variant              ? 
_entity_src_gen.pdbx_host_org_cell_line            ? 
_entity_src_gen.pdbx_host_org_atcc                 ? 
_entity_src_gen.pdbx_host_org_culture_collection   ? 
_entity_src_gen.pdbx_host_org_cell                 ? 
_entity_src_gen.pdbx_host_org_organelle            ? 
_entity_src_gen.pdbx_host_org_cellular_location    ? 
_entity_src_gen.pdbx_host_org_vector_type          ? 
_entity_src_gen.pdbx_host_org_vector               ? 
_entity_src_gen.host_org_details                   ? 
_entity_src_gen.expression_system_id               ? 
_entity_src_gen.plasmid_name                       ? 
_entity_src_gen.plasmid_details                    ? 
_entity_src_gen.pdbx_description                   ? 
# 
_struct_ref.id                         1 
_struct_ref.db_name                    UNP 
_struct_ref.db_code                    C5CSP2_VARPS 
_struct_ref.pdbx_db_accession          C5CSP2 
_struct_ref.pdbx_db_isoform            ? 
_struct_ref.entity_id                  1 
_struct_ref.pdbx_seq_one_letter_code   
;MAEQPPETHRFVDDYLPALLAQASQLISSEFHEVARQHGFSVSEWRVMASLAGSEPISIGQLAQVTVTKQPTVTRLLDRM
EARGQVERLPHESDRRITLVRITRKGLKAVEHLMELAREHERRVLEPFGLRRAEELKQTLRQMIDLHVHVPVEEPEED
;
_struct_ref.pdbx_align_begin           1 
# 
_struct_ref_seq.align_id                      1 
_struct_ref_seq.ref_id                        1 
_struct_ref_seq.pdbx_PDB_id_code              7KKI 
_struct_ref_seq.pdbx_strand_id                A 
_struct_ref_seq.seq_align_beg                 1 
_struct_ref_seq.pdbx_seq_align_beg_ins_code   ? 
_struct_ref_seq.seq_align_end                 158 
_struct_ref_seq.pdbx_seq_align_end_ins_code   ? 
_struct_ref_seq.pdbx_db_accession             C5CSP2 
_struct_ref_seq.db_align_beg                  1 
_struct_ref_seq.pdbx_db_align_beg_ins_code    ? 
_struct_ref_seq.db_align_end                  158 
_struct_ref_seq.pdbx_db_align_end_ins_code    ? 
_struct_ref_seq.pdbx_auth_seq_align_beg       1 
_struct_ref_seq.pdbx_auth_seq_align_end       158 
# 
loop_
_chem_comp.id 
_chem_comp.type 
_chem_comp.mon_nstd_flag 
_chem_comp.name 
_chem_comp.pdbx_synonyms 
_chem_comp.formula 
_chem_comp.formula_weight 
ALA 'L-peptide linking' y ALANINE                            ?                                'C3 H7 N O2'     89.093  
ARG 'L-peptide linking' y ARGININE                           ?                                'C6 H15 N4 O2 1' 175.209 
ASP 'L-peptide linking' y 'ASPARTIC ACID'                    ?                                'C4 H7 N O4'     133.103 
CFA non-polymer         . '(2,4-DICHLOROPHENOXY)ACETIC ACID' '2,4-DICHLOROPHENOXYACETIC ACID' 'C8 H6 Cl2 O3'   221.037 
GLN 'L-peptide linking' y GLUTAMINE                          ?                                'C5 H10 N2 O3'   146.144 
GLU 'L-peptide linking' y 'GLUTAMIC ACID'                    ?                                'C5 H9 N O4'     147.129 
GLY 'peptide linking'   y GLYCINE                            ?                                'C2 H5 N O2'     75.067  
HIS 'L-peptide linking' y HISTIDINE                          ?                                'C6 H10 N3 O2 1' 156.162 
HOH non-polymer         . WATER                              ?                                'H2 O'           18.015  
ILE 'L-peptide linking' y ISOLEUCINE                         ?                                'C6 H13 N O2'    131.173 
LEU 'L-peptide linking' y LEUCINE                            ?                                'C6 H13 N O2'    131.173 
LYS 'L-peptide linking' y LYSINE                             ?                                'C6 H15 N2 O2 1' 147.195 
MET 'L-peptide linking' y METHIONINE                         ?                                'C5 H11 N O2 S'  149.211 
PHE 'L-peptide linking' y PHENYLALANINE                      ?                                'C9 H11 N O2'    165.189 
PRO 'L-peptide linking' y PROLINE                            ?                                'C5 H9 N O2'     115.130 
SER 'L-peptide linking' y SERINE                             ?                                'C3 H7 N O3'     105.093 
SO4 non-polymer         . 'SULFATE ION'                      ?                                'O4 S -2'        96.063  
THR 'L-peptide linking' y THREONINE                          ?                                'C4 H9 N O3'     119.119 
TRP 'L-peptide linking' y TRYPTOPHAN                         ?                                'C11 H12 N2 O2'  204.225 
TYR 'L-peptide linking' y TYROSINE                           ?                                'C9 H11 N O3'    181.189 
VAL 'L-peptide linking' y VALINE                             ?                                'C5 H11 N O2'    117.146 
# 
_exptl.absorpt_coefficient_mu     ? 
_exptl.absorpt_correction_T_max   ? 
_exptl.absorpt_correction_T_min   ? 
_exptl.absorpt_correction_type    ? 
_exptl.absorpt_process_details    ? 
_exptl.entry_id                   7KKI 
_exptl.crystals_number            1 
_exptl.details                    ? 
_exptl.method                     'X-RAY DIFFRACTION' 
_exptl.method_details             ? 
# 
_exptl_crystal.colour                      ? 
_exptl_crystal.density_diffrn              ? 
_exptl_crystal.density_Matthews            2.50 
_exptl_crystal.density_method              ? 
_exptl_crystal.density_percent_sol         50.89 
_exptl_crystal.description                 ? 
_exptl_crystal.F_000                       ? 
_exptl_crystal.id                          1 
_exptl_crystal.preparation                 ? 
_exptl_crystal.size_max                    ? 
_exptl_crystal.size_mid                    ? 
_exptl_crystal.size_min                    ? 
_exptl_crystal.size_rad                    ? 
_exptl_crystal.colour_lustre               ? 
_exptl_crystal.colour_modifier             ? 
_exptl_crystal.colour_primary              ? 
_exptl_crystal.density_meas                ? 
_exptl_crystal.density_meas_esd            ? 
_exptl_crystal.density_meas_gt             ? 
_exptl_crystal.density_meas_lt             ? 
_exptl_crystal.density_meas_temp           ? 
_exptl_crystal.density_meas_temp_esd       ? 
_exptl_crystal.density_meas_temp_gt        ? 
_exptl_crystal.density_meas_temp_lt        ? 
_exptl_crystal.pdbx_crystal_image_url      ? 
_exptl_crystal.pdbx_crystal_image_format   ? 
_exptl_crystal.pdbx_mosaicity              ? 
_exptl_crystal.pdbx_mosaicity_esd          ? 
# 
_exptl_crystal_grow.apparatus       ? 
_exptl_crystal_grow.atmosphere      ? 
_exptl_crystal_grow.crystal_id      1 
_exptl_crystal_grow.details         ? 
_exptl_crystal_grow.method          'VAPOR DIFFUSION, SITTING DROP' 
_exptl_crystal_grow.method_ref      ? 
_exptl_crystal_grow.pH              ? 
_exptl_crystal_grow.pressure        ? 
_exptl_crystal_grow.pressure_esd    ? 
_exptl_crystal_grow.seeding         ? 
_exptl_crystal_grow.seeding_ref     ? 
_exptl_crystal_grow.temp            293 
_exptl_crystal_grow.temp_details    ? 
_exptl_crystal_grow.temp_esd        ? 
_exptl_crystal_grow.time            ? 
_exptl_crystal_grow.pdbx_details    '0.1 M Sodium Chloride, 0.1 M Bis-Tris: HCl, pH 6.5, 1.5 M Ammonium Sulfate' 
_exptl_crystal_grow.pdbx_pH_range   ? 
# 
_diffrn.ambient_environment              ? 
_diffrn.ambient_temp                     100 
_diffrn.ambient_temp_details             ? 
_diffrn.ambient_temp_esd                 ? 
_diffrn.crystal_id                       1 
_diffrn.crystal_support                  ? 
_diffrn.crystal_treatment                ? 
_diffrn.details                          ? 
_diffrn.id                               1 
_diffrn.ambient_pressure                 ? 
_diffrn.ambient_pressure_esd             ? 
_diffrn.ambient_pressure_gt              ? 
_diffrn.ambient_pressure_lt              ? 
_diffrn.ambient_temp_gt                  ? 
_diffrn.ambient_temp_lt                  ? 
_diffrn.pdbx_serial_crystal_experiment   N 
# 
_diffrn_detector.details                      ? 
_diffrn_detector.detector                     PIXEL 
_diffrn_detector.diffrn_id                    1 
_diffrn_detector.type                         'DECTRIS PILATUS3 6M' 
_diffrn_detector.area_resol_mean              ? 
_diffrn_detector.dtime                        ? 
_diffrn_detector.pdbx_frames_total            ? 
_diffrn_detector.pdbx_collection_time_total   ? 
_diffrn_detector.pdbx_collection_date         2019-12-17 
_diffrn_detector.pdbx_frequency               ? 
# 
_diffrn_radiation.collimation                      ? 
_diffrn_radiation.diffrn_id                        1 
_diffrn_radiation.filter_edge                      ? 
_diffrn_radiation.inhomogeneity                    ? 
_diffrn_radiation.monochromator                    ? 
_diffrn_radiation.polarisn_norm                    ? 
_diffrn_radiation.polarisn_ratio                   ? 
_diffrn_radiation.probe                            ? 
_diffrn_radiation.type                             ? 
_diffrn_radiation.xray_symbol                      ? 
_diffrn_radiation.wavelength_id                    1 
_diffrn_radiation.pdbx_monochromatic_or_laue_m_l   M 
_diffrn_radiation.pdbx_wavelength_list             ? 
_diffrn_radiation.pdbx_wavelength                  ? 
_diffrn_radiation.pdbx_diffrn_protocol             'SINGLE WAVELENGTH' 
_diffrn_radiation.pdbx_analyzer                    ? 
_diffrn_radiation.pdbx_scattering_type             x-ray 
# 
_diffrn_radiation_wavelength.id           1 
_diffrn_radiation_wavelength.wavelength   1.03320 
_diffrn_radiation_wavelength.wt           1.0 
# 
_diffrn_source.current                     ? 
_diffrn_source.details                     ? 
_diffrn_source.diffrn_id                   1 
_diffrn_source.power                       ? 
_diffrn_source.size                        ? 
_diffrn_source.source                      SYNCHROTRON 
_diffrn_source.target                      ? 
_diffrn_source.type                        'APS BEAMLINE 23-ID-D' 
_diffrn_source.voltage                     ? 
_diffrn_source.take-off_angle              ? 
_diffrn_source.pdbx_wavelength_list        1.03320 
_diffrn_source.pdbx_wavelength             ? 
_diffrn_source.pdbx_synchrotron_beamline   23-ID-D 
_diffrn_source.pdbx_synchrotron_site       APS 
# 
_reflns.B_iso_Wilson_estimate            24.81 
_reflns.entry_id                         7KKI 
_reflns.data_reduction_details           ? 
_reflns.data_reduction_method            ? 
_reflns.d_resolution_high                1.6 
_reflns.d_resolution_low                 45.32 
_reflns.details                          ? 
_reflns.limit_h_max                      ? 
_reflns.limit_h_min                      ? 
_reflns.limit_k_max                      ? 
_reflns.limit_k_min                      ? 
_reflns.limit_l_max                      ? 
_reflns.limit_l_min                      ? 
_reflns.number_all                       ? 
_reflns.number_obs                       24310 
_reflns.observed_criterion               ? 
_reflns.observed_criterion_F_max         ? 
_reflns.observed_criterion_F_min         ? 
_reflns.observed_criterion_I_max         ? 
_reflns.observed_criterion_I_min         ? 
_reflns.observed_criterion_sigma_F       ? 
_reflns.observed_criterion_sigma_I       ? 
_reflns.percent_possible_obs             99.82 
_reflns.R_free_details                   ? 
_reflns.Rmerge_F_all                     ? 
_reflns.Rmerge_F_obs                     ? 
_reflns.Friedel_coverage                 ? 
_reflns.number_gt                        ? 
_reflns.threshold_expression             ? 
_reflns.pdbx_redundancy                  2.0 
_reflns.pdbx_Rmerge_I_obs                ? 
_reflns.pdbx_Rmerge_I_all                ? 
_reflns.pdbx_Rsym_value                  ? 
_reflns.pdbx_netI_over_av_sigmaI         ? 
_reflns.pdbx_netI_over_sigmaI            18.92 
_reflns.pdbx_res_netI_over_av_sigmaI_2   ? 
_reflns.pdbx_res_netI_over_sigmaI_2      ? 
_reflns.pdbx_chi_squared                 ? 
_reflns.pdbx_scaling_rejects             ? 
_reflns.pdbx_d_res_high_opt              ? 
_reflns.pdbx_d_res_low_opt               ? 
_reflns.pdbx_d_res_opt_method            ? 
_reflns.phase_calculation_details        ? 
_reflns.pdbx_Rrim_I_all                  ? 
_reflns.pdbx_Rpim_I_all                  ? 
_reflns.pdbx_d_opt                       ? 
_reflns.pdbx_number_measured_all         ? 
_reflns.pdbx_diffrn_id                   1 
_reflns.pdbx_ordinal                     1 
_reflns.pdbx_CC_half                     1 
_reflns.pdbx_CC_star                     ? 
_reflns.pdbx_R_split                     ? 
# 
_reflns_shell.d_res_high                  1.6 
_reflns_shell.d_res_low                   1.657 
_reflns_shell.meanI_over_sigI_all         ? 
_reflns_shell.meanI_over_sigI_obs         ? 
_reflns_shell.number_measured_all         ? 
_reflns_shell.number_measured_obs         ? 
_reflns_shell.number_possible             ? 
_reflns_shell.number_unique_all           ? 
_reflns_shell.number_unique_obs           2385 
_reflns_shell.percent_possible_all        ? 
_reflns_shell.percent_possible_obs        ? 
_reflns_shell.Rmerge_F_all                ? 
_reflns_shell.Rmerge_F_obs                ? 
_reflns_shell.Rmerge_I_all                ? 
_reflns_shell.Rmerge_I_obs                ? 
_reflns_shell.meanI_over_sigI_gt          ? 
_reflns_shell.meanI_over_uI_all           ? 
_reflns_shell.meanI_over_uI_gt            ? 
_reflns_shell.number_measured_gt          ? 
_reflns_shell.number_unique_gt            ? 
_reflns_shell.percent_possible_gt         ? 
_reflns_shell.Rmerge_F_gt                 ? 
_reflns_shell.Rmerge_I_gt                 ? 
_reflns_shell.pdbx_redundancy             ? 
_reflns_shell.pdbx_Rsym_value             ? 
_reflns_shell.pdbx_chi_squared            ? 
_reflns_shell.pdbx_netI_over_sigmaI_all   ? 
_reflns_shell.pdbx_netI_over_sigmaI_obs   ? 
_reflns_shell.pdbx_Rrim_I_all             ? 
_reflns_shell.pdbx_Rpim_I_all             ? 
_reflns_shell.pdbx_rejects                ? 
_reflns_shell.pdbx_ordinal                1 
_reflns_shell.pdbx_diffrn_id              1 
_reflns_shell.pdbx_CC_half                0.802 
_reflns_shell.pdbx_CC_star                ? 
_reflns_shell.pdbx_R_split                ? 
# 
_refine.aniso_B[1][1]                            ? 
_refine.aniso_B[1][2]                            ? 
_refine.aniso_B[1][3]                            ? 
_refine.aniso_B[2][2]                            ? 
_refine.aniso_B[2][3]                            ? 
_refine.aniso_B[3][3]                            ? 
_refine.B_iso_max                                ? 
_refine.B_iso_mean                               31.44 
_refine.B_iso_min                                ? 
_refine.correlation_coeff_Fo_to_Fc               ? 
_refine.correlation_coeff_Fo_to_Fc_free          ? 
_refine.details                                  ? 
_refine.diff_density_max                         ? 
_refine.diff_density_max_esd                     ? 
_refine.diff_density_min                         ? 
_refine.diff_density_min_esd                     ? 
_refine.diff_density_rms                         ? 
_refine.diff_density_rms_esd                     ? 
_refine.entry_id                                 7KKI 
_refine.pdbx_refine_id                           'X-RAY DIFFRACTION' 
_refine.ls_abs_structure_details                 ? 
_refine.ls_abs_structure_Flack                   ? 
_refine.ls_abs_structure_Flack_esd               ? 
_refine.ls_abs_structure_Rogers                  ? 
_refine.ls_abs_structure_Rogers_esd              ? 
_refine.ls_d_res_high                            1.60 
_refine.ls_d_res_low                             40.96 
_refine.ls_extinction_coef                       ? 
_refine.ls_extinction_coef_esd                   ? 
_refine.ls_extinction_expression                 ? 
_refine.ls_extinction_method                     ? 
_refine.ls_goodness_of_fit_all                   ? 
_refine.ls_goodness_of_fit_all_esd               ? 
_refine.ls_goodness_of_fit_obs                   ? 
_refine.ls_goodness_of_fit_obs_esd               ? 
_refine.ls_hydrogen_treatment                    ? 
_refine.ls_matrix_type                           ? 
_refine.ls_number_constraints                    ? 
_refine.ls_number_parameters                     ? 
_refine.ls_number_reflns_all                     ? 
_refine.ls_number_reflns_obs                     24307 
_refine.ls_number_reflns_R_free                  2006 
_refine.ls_number_reflns_R_work                  22301 
_refine.ls_number_restraints                     ? 
_refine.ls_percent_reflns_obs                    99.83 
_refine.ls_percent_reflns_R_free                 8.25 
_refine.ls_R_factor_all                          ? 
_refine.ls_R_factor_obs                          0.1852 
_refine.ls_R_factor_R_free                       0.2158 
_refine.ls_R_factor_R_free_error                 ? 
_refine.ls_R_factor_R_free_error_details         ? 
_refine.ls_R_factor_R_work                       0.1825 
_refine.ls_R_Fsqd_factor_obs                     ? 
_refine.ls_R_I_factor_obs                        ? 
_refine.ls_redundancy_reflns_all                 ? 
_refine.ls_redundancy_reflns_obs                 ? 
_refine.ls_restrained_S_all                      ? 
_refine.ls_restrained_S_obs                      ? 
_refine.ls_shift_over_esd_max                    ? 
_refine.ls_shift_over_esd_mean                   ? 
_refine.ls_structure_factor_coef                 ? 
_refine.ls_weighting_details                     ? 
_refine.ls_weighting_scheme                      ? 
_refine.ls_wR_factor_all                         ? 
_refine.ls_wR_factor_obs                         ? 
_refine.ls_wR_factor_R_free                      ? 
_refine.ls_wR_factor_R_work                      ? 
_refine.occupancy_max                            ? 
_refine.occupancy_min                            ? 
_refine.solvent_model_details                    'FLAT BULK SOLVENT MODEL' 
_refine.solvent_model_param_bsol                 ? 
_refine.solvent_model_param_ksol                 ? 
_refine.pdbx_R_complete                          ? 
_refine.ls_R_factor_gt                           ? 
_refine.ls_goodness_of_fit_gt                    ? 
_refine.ls_goodness_of_fit_ref                   ? 
_refine.ls_shift_over_su_max                     ? 
_refine.ls_shift_over_su_max_lt                  ? 
_refine.ls_shift_over_su_mean                    ? 
_refine.ls_shift_over_su_mean_lt                 ? 
_refine.pdbx_ls_sigma_I                          ? 
_refine.pdbx_ls_sigma_F                          1.35 
_refine.pdbx_ls_sigma_Fsqd                       ? 
_refine.pdbx_data_cutoff_high_absF               ? 
_refine.pdbx_data_cutoff_high_rms_absF           ? 
_refine.pdbx_data_cutoff_low_absF                ? 
_refine.pdbx_isotropic_thermal_model             ? 
_refine.pdbx_ls_cross_valid_method               'FREE R-VALUE' 
_refine.pdbx_method_to_determine_struct          'MOLECULAR REPLACEMENT' 
_refine.pdbx_starting_model                      7KFO 
_refine.pdbx_stereochemistry_target_values       'GeoStd + Monomer Library + CDL v1.2' 
_refine.pdbx_R_Free_selection_details            ? 
_refine.pdbx_stereochem_target_val_spec_case     ? 
_refine.pdbx_overall_ESU_R                       ? 
_refine.pdbx_overall_ESU_R_Free                  ? 
_refine.pdbx_solvent_vdw_probe_radii             1.1100 
_refine.pdbx_solvent_ion_probe_radii             ? 
_refine.pdbx_solvent_shrinkage_radii             0.9000 
_refine.pdbx_real_space_R                        ? 
_refine.pdbx_density_correlation                 ? 
_refine.pdbx_pd_number_of_powder_patterns        ? 
_refine.pdbx_pd_number_of_points                 ? 
_refine.pdbx_pd_meas_number_of_points            ? 
_refine.pdbx_pd_proc_ls_prof_R_factor            ? 
_refine.pdbx_pd_proc_ls_prof_wR_factor           ? 
_refine.pdbx_pd_Marquardt_correlation_coeff      ? 
_refine.pdbx_pd_Fsqrd_R_factor                   ? 
_refine.pdbx_pd_ls_matrix_band_width             ? 
_refine.pdbx_overall_phase_error                 22.4395 
_refine.pdbx_overall_SU_R_free_Cruickshank_DPI   ? 
_refine.pdbx_overall_SU_R_free_Blow_DPI          ? 
_refine.pdbx_overall_SU_R_Blow_DPI               ? 
_refine.pdbx_TLS_residual_ADP_flag               ? 
_refine.pdbx_diffrn_id                           1 
_refine.overall_SU_B                             ? 
_refine.overall_SU_ML                            0.1803 
_refine.overall_SU_R_Cruickshank_DPI             ? 
_refine.overall_SU_R_free                        ? 
_refine.overall_FOM_free_R_set                   ? 
_refine.overall_FOM_work_R_set                   ? 
_refine.pdbx_average_fsc_overall                 ? 
_refine.pdbx_average_fsc_work                    ? 
_refine.pdbx_average_fsc_free                    ? 
# 
_refine_hist.pdbx_refine_id                   'X-RAY DIFFRACTION' 
_refine_hist.cycle_id                         LAST 
_refine_hist.details                          ? 
_refine_hist.d_res_high                       1.60 
_refine_hist.d_res_low                        40.96 
_refine_hist.number_atoms_solvent             85 
_refine_hist.number_atoms_total               1198 
_refine_hist.number_reflns_all                ? 
_refine_hist.number_reflns_obs                ? 
_refine_hist.number_reflns_R_free             ? 
_refine_hist.number_reflns_R_work             ? 
_refine_hist.R_factor_all                     ? 
_refine_hist.R_factor_obs                     ? 
_refine_hist.R_factor_R_free                  ? 
_refine_hist.R_factor_R_work                  ? 
_refine_hist.pdbx_number_residues_total       ? 
_refine_hist.pdbx_B_iso_mean_ligand           ? 
_refine_hist.pdbx_B_iso_mean_solvent          ? 
_refine_hist.pdbx_number_atoms_protein        1090 
_refine_hist.pdbx_number_atoms_nucleic_acid   0 
_refine_hist.pdbx_number_atoms_ligand         23 
_refine_hist.pdbx_number_atoms_lipid          ? 
_refine_hist.pdbx_number_atoms_carb           ? 
_refine_hist.pdbx_pseudo_atom_details         ? 
# 
loop_
_refine_ls_restr.pdbx_refine_id 
_refine_ls_restr.criterion 
_refine_ls_restr.dev_ideal 
_refine_ls_restr.dev_ideal_target 
_refine_ls_restr.number 
_refine_ls_restr.rejects 
_refine_ls_restr.type 
_refine_ls_restr.weight 
_refine_ls_restr.pdbx_restraint_function 
'X-RAY DIFFRACTION' ? 0.0062  ? 1323 ? f_bond_d           ? ? 
'X-RAY DIFFRACTION' ? 0.8299  ? 1812 ? f_angle_d          ? ? 
'X-RAY DIFFRACTION' ? 0.0482  ? 196  ? f_chiral_restr     ? ? 
'X-RAY DIFFRACTION' ? 0.0043  ? 246  ? f_plane_restr      ? ? 
'X-RAY DIFFRACTION' ? 29.9467 ? 196  ? f_dihedral_angle_d ? ? 
# 
loop_
_refine_ls_shell.pdbx_refine_id 
_refine_ls_shell.d_res_high 
_refine_ls_shell.d_res_low 
_refine_ls_shell.number_reflns_all 
_refine_ls_shell.number_reflns_obs 
_refine_ls_shell.number_reflns_R_free 
_refine_ls_shell.number_reflns_R_work 
_refine_ls_shell.percent_reflns_obs 
_refine_ls_shell.percent_reflns_R_free 
_refine_ls_shell.R_factor_all 
_refine_ls_shell.R_factor_obs 
_refine_ls_shell.R_factor_R_free 
_refine_ls_shell.R_factor_R_free_error 
_refine_ls_shell.R_factor_R_work 
_refine_ls_shell.redundancy_reflns_all 
_refine_ls_shell.redundancy_reflns_obs 
_refine_ls_shell.wR_factor_all 
_refine_ls_shell.wR_factor_obs 
_refine_ls_shell.wR_factor_R_free 
_refine_ls_shell.wR_factor_R_work 
_refine_ls_shell.pdbx_R_complete 
_refine_ls_shell.pdbx_total_number_of_bins_used 
_refine_ls_shell.pdbx_phase_error 
_refine_ls_shell.pdbx_fsc_work 
_refine_ls_shell.pdbx_fsc_free 
'X-RAY DIFFRACTION' 1.60 1.64  . . 142 1585 100.00 . . . 0.2753 . 0.2715 . . . . . . . . . . . 
'X-RAY DIFFRACTION' 1.64 1.68  . . 137 1556 99.88  . . . 0.2991 . 0.2414 . . . . . . . . . . . 
'X-RAY DIFFRACTION' 1.68 1.73  . . 139 1571 99.94  . . . 0.2767 . 0.2324 . . . . . . . . . . . 
'X-RAY DIFFRACTION' 1.73 1.79  . . 142 1599 100.00 . . . 0.2450 . 0.2144 . . . . . . . . . . . 
'X-RAY DIFFRACTION' 1.79 1.85  . . 144 1560 99.88  . . . 0.2423 . 0.2010 . . . . . . . . . . . 
'X-RAY DIFFRACTION' 1.85 1.93  . . 142 1584 100.00 . . . 0.2637 . 0.1983 . . . . . . . . . . . 
'X-RAY DIFFRACTION' 1.93 2.02  . . 140 1582 99.94  . . . 0.2307 . 0.1768 . . . . . . . . . . . 
'X-RAY DIFFRACTION' 2.02 2.12  . . 142 1575 99.77  . . . 0.2248 . 0.1773 . . . . . . . . . . . 
'X-RAY DIFFRACTION' 2.12 2.25  . . 143 1584 99.94  . . . 0.2177 . 0.1833 . . . . . . . . . . . 
'X-RAY DIFFRACTION' 2.26 2.43  . . 143 1603 100.00 . . . 0.2064 . 0.1813 . . . . . . . . . . . 
'X-RAY DIFFRACTION' 2.43 2.67  . . 143 1606 99.89  . . . 0.1981 . 0.1818 . . . . . . . . . . . 
'X-RAY DIFFRACTION' 2.67 3.06  . . 145 1609 99.77  . . . 0.2243 . 0.1838 . . . . . . . . . . . 
'X-RAY DIFFRACTION' 3.06 3.85  . . 146 1607 99.38  . . . 0.2026 . 0.1680 . . . . . . . . . . . 
'X-RAY DIFFRACTION' 3.86 40.96 . . 158 1680 99.35  . . . 0.2030 . 0.1754 . . . . . . . . . . . 
# 
_struct.entry_id                     7KKI 
_struct.title                        
'Crystal structure of the MarR family transcriptional regulator from Variovorax paradoxus bound to 2,4-Dichlorophenoxyacetic acid' 
_struct.pdbx_model_details           ? 
_struct.pdbx_formula_weight          ? 
_struct.pdbx_formula_weight_method   ? 
_struct.pdbx_model_type_details      ? 
_struct.pdbx_CASP_flag               N 
# 
_struct_keywords.entry_id        7KKI 
_struct_keywords.text            'Transcriptional Regulator, Ligand Binding, DNA BINDING PROTEIN' 
_struct_keywords.pdbx_keywords   'DNA BINDING PROTEIN' 
# 
loop_
_struct_asym.id 
_struct_asym.pdbx_blank_PDB_chainid_flag 
_struct_asym.pdbx_modified 
_struct_asym.entity_id 
_struct_asym.details 
A N N 1 ? 
B N N 2 ? 
C N N 2 ? 
D N N 3 ? 
E N N 4 ? 
# 
loop_
_struct_conf.conf_type_id 
_struct_conf.id 
_struct_conf.pdbx_PDB_helix_id 
_struct_conf.beg_label_comp_id 
_struct_conf.beg_label_asym_id 
_struct_conf.beg_label_seq_id 
_struct_conf.pdbx_beg_PDB_ins_code 
_struct_conf.end_label_comp_id 
_struct_conf.end_label_asym_id 
_struct_conf.end_label_seq_id 
_struct_conf.pdbx_end_PDB_ins_code 
_struct_conf.beg_auth_comp_id 
_struct_conf.beg_auth_asym_id 
_struct_conf.beg_auth_seq_id 
_struct_conf.end_auth_comp_id 
_struct_conf.end_auth_asym_id 
_struct_conf.end_auth_seq_id 
_struct_conf.pdbx_PDB_helix_class 
_struct_conf.details 
_struct_conf.pdbx_PDB_helix_length 
HELX_P HELX_P1 AA1 ARG A 10  ? TYR A 15  ? ARG A 10  TYR A 15  1 ? 6  
HELX_P HELX_P2 AA2 TYR A 15  ? HIS A 38  ? TYR A 15  HIS A 38  1 ? 24 
HELX_P HELX_P3 AA3 SER A 41  ? ALA A 52  ? SER A 41  ALA A 52  1 ? 12 
HELX_P HELX_P4 AA4 ILE A 59  ? THR A 66  ? ILE A 59  THR A 66  1 ? 8  
HELX_P HELX_P5 AA5 LYS A 69  ? ARG A 83  ? LYS A 69  ARG A 83  1 ? 15 
HELX_P HELX_P6 AA6 THR A 103 ? GLU A 126 ? THR A 103 GLU A 126 1 ? 24 
HELX_P HELX_P7 AA7 PHE A 128 ? VAL A 148 ? PHE A 128 VAL A 148 1 ? 21 
# 
_struct_conf_type.id          HELX_P 
_struct_conf_type.criteria    ? 
_struct_conf_type.reference   ? 
# 
_struct_sheet.id               AA1 
_struct_sheet.type             ? 
_struct_sheet.number_strands   3 
_struct_sheet.details          ? 
# 
loop_
_struct_sheet_order.sheet_id 
_struct_sheet_order.range_id_1 
_struct_sheet_order.range_id_2 
_struct_sheet_order.offset 
_struct_sheet_order.sense 
AA1 1 2 ? anti-parallel 
AA1 2 3 ? anti-parallel 
# 
loop_
_struct_sheet_range.sheet_id 
_struct_sheet_range.id 
_struct_sheet_range.beg_label_comp_id 
_struct_sheet_range.beg_label_asym_id 
_struct_sheet_range.beg_label_seq_id 
_struct_sheet_range.pdbx_beg_PDB_ins_code 
_struct_sheet_range.end_label_comp_id 
_struct_sheet_range.end_label_asym_id 
_struct_sheet_range.end_label_seq_id 
_struct_sheet_range.pdbx_end_PDB_ins_code 
_struct_sheet_range.beg_auth_comp_id 
_struct_sheet_range.beg_auth_asym_id 
_struct_sheet_range.beg_auth_seq_id 
_struct_sheet_range.end_auth_comp_id 
_struct_sheet_range.end_auth_asym_id 
_struct_sheet_range.end_auth_seq_id 
AA1 1 ILE A 57 ? SER A 58  ? ILE A 57 SER A 58  
AA1 2 LEU A 99 ? ILE A 102 ? LEU A 99 ILE A 102 
AA1 3 VAL A 86 ? LEU A 89  ? VAL A 86 LEU A 89  
# 
loop_
_pdbx_struct_sheet_hbond.sheet_id 
_pdbx_struct_sheet_hbond.range_id_1 
_pdbx_struct_sheet_hbond.range_id_2 
_pdbx_struct_sheet_hbond.range_1_label_atom_id 
_pdbx_struct_sheet_hbond.range_1_label_comp_id 
_pdbx_struct_sheet_hbond.range_1_label_asym_id 
_pdbx_struct_sheet_hbond.range_1_label_seq_id 
_pdbx_struct_sheet_hbond.range_1_PDB_ins_code 
_pdbx_struct_sheet_hbond.range_1_auth_atom_id 
_pdbx_struct_sheet_hbond.range_1_auth_comp_id 
_pdbx_struct_sheet_hbond.range_1_auth_asym_id 
_pdbx_struct_sheet_hbond.range_1_auth_seq_id 
_pdbx_struct_sheet_hbond.range_2_label_atom_id 
_pdbx_struct_sheet_hbond.range_2_label_comp_id 
_pdbx_struct_sheet_hbond.range_2_label_asym_id 
_pdbx_struct_sheet_hbond.range_2_label_seq_id 
_pdbx_struct_sheet_hbond.range_2_PDB_ins_code 
_pdbx_struct_sheet_hbond.range_2_auth_atom_id 
_pdbx_struct_sheet_hbond.range_2_auth_comp_id 
_pdbx_struct_sheet_hbond.range_2_auth_asym_id 
_pdbx_struct_sheet_hbond.range_2_auth_seq_id 
AA1 1 2 N ILE A 57 ? N ILE A 57 O VAL A 100 ? O VAL A 100 
AA1 2 3 O LEU A 99 ? O LEU A 99 N LEU A 89  ? N LEU A 89  
# 
loop_
_struct_site.id 
_struct_site.pdbx_evidence_code 
_struct_site.pdbx_auth_asym_id 
_struct_site.pdbx_auth_comp_id 
_struct_site.pdbx_auth_seq_id 
_struct_site.pdbx_auth_ins_code 
_struct_site.pdbx_num_residues 
_struct_site.details 
AC1 Software A SO4 201 ? 10 'binding site for residue SO4 A 201' 
AC2 Software A SO4 202 ? 8  'binding site for residue SO4 A 202' 
AC3 Software A CFA 203 ? 11 'binding site for residue CFA A 203' 
# 
loop_
_struct_site_gen.id 
_struct_site_gen.site_id 
_struct_site_gen.pdbx_num_res 
_struct_site_gen.label_comp_id 
_struct_site_gen.label_asym_id 
_struct_site_gen.label_seq_id 
_struct_site_gen.pdbx_auth_ins_code 
_struct_site_gen.auth_comp_id 
_struct_site_gen.auth_asym_id 
_struct_site_gen.auth_seq_id 
_struct_site_gen.label_atom_id 
_struct_site_gen.label_alt_id 
_struct_site_gen.symmetry 
_struct_site_gen.details 
1  AC1 10 ARG A 101 ? ARG A 101 . ? 14_555 ? 
2  AC1 10 ARG A 101 ? ARG A 101 . ? 1_555  ? 
3  AC1 10 THR A 103 ? THR A 103 . ? 1_555  ? 
4  AC1 10 THR A 103 ? THR A 103 . ? 14_555 ? 
5  AC1 10 ARG A 104 ? ARG A 104 . ? 1_555  ? 
6  AC1 10 ARG A 104 ? ARG A 104 . ? 14_555 ? 
7  AC1 10 HOH E .   ? HOH A 314 . ? 14_555 ? 
8  AC1 10 HOH E .   ? HOH A 314 . ? 1_555  ? 
9  AC1 10 HOH E .   ? HOH A 347 . ? 14_555 ? 
10 AC1 10 HOH E .   ? HOH A 347 . ? 1_555  ? 
11 AC2 8  ARG A 36  ? ARG A 36  . ? 1_555  ? 
12 AC2 8  SER A 41  ? SER A 41  . ? 1_555  ? 
13 AC2 8  VAL A 42  ? VAL A 42  . ? 1_555  ? 
14 AC2 8  ARG A 79  ? ARG A 79  . ? 3_556  ? 
15 AC2 8  HOH E .   ? HOH A 301 . ? 3_556  ? 
16 AC2 8  HOH E .   ? HOH A 303 . ? 1_555  ? 
17 AC2 8  HOH E .   ? HOH A 309 . ? 1_555  ? 
18 AC2 8  HOH E .   ? HOH A 363 . ? 1_555  ? 
19 AC3 11 VAL A 12  ? VAL A 12  . ? 2_565  ? 
20 AC3 11 PRO A 17  ? PRO A 17  . ? 2_565  ? 
21 AC3 11 ALA A 18  ? ALA A 18  . ? 2_565  ? 
22 AC3 11 SER A 28  ? SER A 28  . ? 1_555  ? 
23 AC3 11 HIS A 32  ? HIS A 32  . ? 1_555  ? 
24 AC3 11 ARG A 46  ? ARG A 46  . ? 1_555  ? 
25 AC3 11 ALA A 49  ? ALA A 49  . ? 1_555  ? 
26 AC3 11 SER A 50  ? SER A 50  . ? 1_555  ? 
27 AC3 11 VAL A 65  ? VAL A 65  . ? 1_555  ? 
28 AC3 11 VAL A 67  ? VAL A 67  . ? 1_555  ? 
29 AC3 11 HOH E .   ? HOH A 337 . ? 1_555  ? 
# 
_atom_sites.entry_id                    7KKI 
_atom_sites.Cartn_transf_matrix[1][1]   ? 
_atom_sites.Cartn_transf_matrix[1][2]   ? 
_atom_sites.Cartn_transf_matrix[1][3]   ? 
_atom_sites.Cartn_transf_matrix[2][1]   ? 
_atom_sites.Cartn_transf_matrix[2][2]   ? 
_atom_sites.Cartn_transf_matrix[2][3]   ? 
_atom_sites.Cartn_transf_matrix[3][1]   ? 
_atom_sites.Cartn_transf_matrix[3][2]   ? 
_atom_sites.Cartn_transf_matrix[3][3]   ? 
_atom_sites.Cartn_transf_vector[1]      ? 
_atom_sites.Cartn_transf_vector[2]      ? 
_atom_sites.Cartn_transf_vector[3]      ? 
_atom_sites.fract_transf_matrix[1][1]   -0.00260174 
_atom_sites.fract_transf_matrix[1][2]   -0.01754909 
_atom_sites.fract_transf_matrix[1][3]   -0.00480084 
_atom_sites.fract_transf_matrix[2][1]   0.00562890 
_atom_sites.fract_transf_matrix[2][2]   -0.00249223 
_atom_sites.fract_transf_matrix[2][3]   0.00605965 
_atom_sites.fract_transf_matrix[3][1]   -0.00642734 
_atom_sites.fract_transf_matrix[3][2]   -0.00061162 
_atom_sites.fract_transf_matrix[3][3]   0.00571891 
_atom_sites.fract_transf_vector[1]      0.066423 
_atom_sites.fract_transf_vector[2]      0.409369 
_atom_sites.fract_transf_vector[3]      0.374836 
_atom_sites.solution_primary            ? 
_atom_sites.solution_secondary          ? 
_atom_sites.solution_hydrogens          ? 
_atom_sites.special_details             ? 
# 
loop_
_atom_type.symbol 
_atom_type.scat_dispersion_real 
_atom_type.scat_dispersion_imag 
_atom_type.scat_Cromer_Mann_a1 
_atom_type.scat_Cromer_Mann_a2 
_atom_type.scat_Cromer_Mann_a3 
_atom_type.scat_Cromer_Mann_a4 
_atom_type.scat_Cromer_Mann_b1 
_atom_type.scat_Cromer_Mann_b2 
_atom_type.scat_Cromer_Mann_b3 
_atom_type.scat_Cromer_Mann_b4 
_atom_type.scat_Cromer_Mann_c 
_atom_type.scat_source 
_atom_type.scat_dispersion_source 
C   ? ? 3.54356 2.42580 ? ? 25.62398 1.50364  ? ? 0.0 
;2-Gaussian fit: Grosse-Kunstleve RW, Sauter NK, Adams PD: Newsletter of the IUCr Commission on Crystallographic Computing 2004, 3, 22-31.
;
? 
CL  ? ? ?       ?       ? ? ?        ?        ? ? ?   ? ? 
H   ? ? 0.51345 0.48472 ? ? 24.73122 6.32584  ? ? 0.0 
;2-Gaussian fit: Grosse-Kunstleve RW, Sauter NK, Adams PD: Newsletter of the IUCr Commission on Crystallographic Computing 2004, 3, 22-31.
;
? 
N   ? ? 4.01032 2.96436 ? ? 19.97189 1.75589  ? ? 0.0 
;2-Gaussian fit: Grosse-Kunstleve RW, Sauter NK, Adams PD: Newsletter of the IUCr Commission on Crystallographic Computing 2004, 3, 22-31.
;
? 
O   ? ? 4.49882 3.47563 ? ? 15.80542 1.70748  ? ? 0.0 
;2-Gaussian fit: Grosse-Kunstleve RW, Sauter NK, Adams PD: Newsletter of the IUCr Commission on Crystallographic Computing 2004, 3, 22-31.
;
? 
O1- ? ? 5.12366 3.84317 ? ? 3.49406  27.47979 ? ? 0.0 
;2-Gaussian fit: Grosse-Kunstleve RW, Sauter NK, Adams PD: Newsletter of the IUCr Commission on Crystallographic Computing 2004, 3, 22-31.
;
? 
S   ? ? 9.55732 6.39887 ? ? 1.23737  29.19336 ? ? 0.0 
;2-Gaussian fit: Grosse-Kunstleve RW, Sauter NK, Adams PD: Newsletter of the IUCr Commission on Crystallographic Computing 2004, 3, 22-31.
;
? 
# 
loop_
_atom_site.group_PDB 
_atom_site.id 
_atom_site.type_symbol 
_atom_site.label_atom_id 
_atom_site.label_alt_id 
_atom_site.label_comp_id 
_atom_site.label_asym_id 
_atom_site.label_entity_id 
_atom_site.label_seq_id 
_atom_site.pdbx_PDB_ins_code 
_atom_site.Cartn_x 
_atom_site.Cartn_y 
_atom_site.Cartn_z 
_atom_site.occupancy 
_atom_site.B_iso_or_equiv 
_atom_site.pdbx_formal_charge 
_atom_site.auth_seq_id 
_atom_site.auth_comp_id 
_atom_site.auth_asym_id 
_atom_site.auth_atom_id 
_atom_site.pdbx_PDB_model_num 
ATOM   1    N  N     . ARG A 1 10  ? 26.68103  5.61984   17.00122  1.000 61.88128  ? 10  ARG A N     1 
ATOM   2    C  CA    . ARG A 1 10  ? 25.37000  5.41534   17.60670  1.000 58.22819  ? 10  ARG A CA    1 
ATOM   3    C  C     . ARG A 1 10  ? 24.56073  4.37063   16.82572  1.000 44.69116  ? 10  ARG A C     1 
ATOM   4    O  O     . ARG A 1 10  ? 24.25057  4.54660   15.64642  1.000 43.05069  ? 10  ARG A O     1 
ATOM   5    C  CB    . ARG A 1 10  ? 24.61907  6.74380   17.68731  1.000 71.60354  ? 10  ARG A CB    1 
ATOM   6    C  CG    . ARG A 1 10  ? 23.45089  6.77522   18.65931  1.000 66.00592  ? 10  ARG A CG    1 
ATOM   7    C  CD    . ARG A 1 10  ? 22.71688  8.11177   18.56042  1.000 67.91624  ? 10  ARG A CD    1 
ATOM   8    N  NE    . ARG A 1 10  ? 21.50826  8.15206   19.38051  1.000 68.04531  ? 10  ARG A NE    1 
ATOM   9    C  CZ    . ARG A 1 10  ? 20.39967  8.80825   19.04733  1.000 84.37177  ? 10  ARG A CZ    1 
ATOM   10   N  NH1   . ARG A 1 10  ? 19.34807  8.78798   19.85599  1.000 69.14447  ? 10  ARG A NH1   1 
ATOM   11   N  NH2   . ARG A 1 10  ? 20.33819  9.48194   17.90454  1.000 75.62535  ? 10  ARG A NH2   1 
ATOM   12   N  N     . PHE A 1 11  ? 24.22599  3.28327   17.52127  1.000 41.87319  ? 11  PHE A N     1 
ATOM   13   C  CA    . PHE A 1 11  ? 23.59824  2.11777   16.90309  1.000 41.98967  ? 11  PHE A CA    1 
ATOM   14   C  C     . PHE A 1 11  ? 22.40379  2.50558   16.03199  1.000 37.22731  ? 11  PHE A C     1 
ATOM   15   O  O     . PHE A 1 11  ? 22.38365  2.25661   14.81668  1.000 40.27245  ? 11  PHE A O     1 
ATOM   16   C  CB    . PHE A 1 11  ? 23.19232  1.15478   18.01787  1.000 39.00766  ? 11  PHE A CB    1 
ATOM   17   C  CG    . PHE A 1 11  ? 22.32515  0.01010   17.57719  1.000 36.47425  ? 11  PHE A CG    1 
ATOM   18   C  CD1   . PHE A 1 11  ? 22.89614  -1.16972  17.13326  1.000 33.23756  ? 11  PHE A CD1   1 
ATOM   19   C  CD2   . PHE A 1 11  ? 20.94050  0.09252   17.66537  1.000 31.34645  ? 11  PHE A CD2   1 
ATOM   20   C  CE1   . PHE A 1 11  ? 22.10642  -2.24474  16.76240  1.000 33.79116  ? 11  PHE A CE1   1 
ATOM   21   C  CE2   . PHE A 1 11  ? 20.14291  -0.97901  17.29737  1.000 24.31845  ? 11  PHE A CE2   1 
ATOM   22   C  CZ    . PHE A 1 11  ? 20.72461  -2.15153  16.84849  1.000 23.08514  ? 11  PHE A CZ    1 
ATOM   23   N  N     . VAL A 1 12  ? 21.39585  3.13659   16.63911  1.000 35.15073  ? 12  VAL A N     1 
ATOM   24   C  CA    . VAL A 1 12  ? 20.15793  3.39178   15.91161  1.000 35.79311  ? 12  VAL A CA    1 
ATOM   25   C  C     . VAL A 1 12  ? 20.41134  4.17088   14.62447  1.000 44.21373  ? 12  VAL A C     1 
ATOM   26   O  O     . VAL A 1 12  ? 19.67426  4.00394   13.65037  1.000 34.70933  ? 12  VAL A O     1 
ATOM   27   C  CB    . VAL A 1 12  ? 19.12210  4.08502   16.83641  1.000 33.05767  ? 12  VAL A CB    1 
ATOM   28   C  CG1   . VAL A 1 12  ? 19.52470  5.51689   17.15402  1.000 38.89532  ? 12  VAL A CG1   1 
ATOM   29   C  CG2   . VAL A 1 12  ? 17.71265  4.04469   16.20329  1.000 31.11136  ? 12  VAL A CG2   1 
ATOM   30   N  N     . ASP A 1 13  ? 21.48777  4.95740   14.55857  1.000 41.42746  ? 13  ASP A N     1 
ATOM   31   C  CA    . ASP A 1 13  ? 21.71821  5.78210   13.37453  1.000 37.63310  ? 13  ASP A CA    1 
ATOM   32   C  C     . ASP A 1 13  ? 22.03267  4.97528   12.12051  1.000 36.08291  ? 13  ASP A C     1 
ATOM   33   O  O     . ASP A 1 13  ? 21.82315  5.47982   11.01232  1.000 36.26263  ? 13  ASP A O     1 
ATOM   34   C  CB    . ASP A 1 13  ? 22.87070  6.76709   13.60558  1.000 47.88391  ? 13  ASP A CB    1 
ATOM   35   C  CG    . ASP A 1 13  ? 22.63453  7.68729   14.78770  1.000 74.48734  ? 13  ASP A CG    1 
ATOM   36   O  OD1   . ASP A 1 13  ? 23.60875  7.97349   15.51616  1.000 68.25777  ? 13  ASP A OD1   1 
ATOM   37   O  OD2   . ASP A 1 13  ? 21.48027  8.12117   14.99083  1.000 62.30626  ? 13  ASP A OD2   1 
ATOM   38   N  N     A ASP A 1 14  ? 22.52613  3.74216   12.24411  0.488 31.47545  ? 14  ASP A N     1 
ATOM   39   N  N     B ASP A 1 14  ? 22.54457  3.75042   12.27753  0.512 31.51550  ? 14  ASP A N     1 
ATOM   40   C  CA    A ASP A 1 14  ? 22.93496  2.99635   11.05712  0.488 27.91278  ? 14  ASP A CA    1 
ATOM   41   C  CA    B ASP A 1 14  ? 23.02017  2.94909   11.15637  0.512 28.48683  ? 14  ASP A CA    1 
ATOM   42   C  C     A ASP A 1 14  ? 22.33480  1.59734   10.99899  0.488 26.38129  ? 14  ASP A C     1 
ATOM   43   C  C     B ASP A 1 14  ? 22.53557  1.51162   11.26621  0.512 28.60255  ? 14  ASP A C     1 
ATOM   44   O  O     A ASP A 1 14  ? 22.76186  0.78526   10.17347  0.488 30.34289  ? 14  ASP A O     1 
ATOM   45   O  O     B ASP A 1 14  ? 23.24035  0.58207   10.85855  0.512 27.24076  ? 14  ASP A O     1 
ATOM   46   C  CB    A ASP A 1 14  ? 24.46336  2.90209   10.98003  0.488 39.37647  ? 14  ASP A CB    1 
ATOM   47   C  CB    B ASP A 1 14  ? 24.55335  2.97075   11.07311  0.512 39.29665  ? 14  ASP A CB    1 
ATOM   48   C  CG    A ASP A 1 14  ? 25.01381  1.76949   11.80980  0.488 38.22595  ? 14  ASP A CG    1 
ATOM   49   C  CG    B ASP A 1 14  ? 25.07917  2.45851   9.73973   0.512 43.79275  ? 14  ASP A CG    1 
ATOM   50   O  OD1   A ASP A 1 14  ? 25.36131  0.71911   11.22819  0.488 47.92856  ? 14  ASP A OD1   1 
ATOM   51   O  OD1   B ASP A 1 14  ? 24.55505  2.88049   8.68791   0.512 45.43835  ? 14  ASP A OD1   1 
ATOM   52   O  OD2   A ASP A 1 14  ? 25.10501  1.92900   13.04492  0.488 48.14726  ? 14  ASP A OD2   1 
ATOM   53   O  OD2   B ASP A 1 14  ? 26.02073  1.63718   9.74395   0.512 39.47914  ? 14  ASP A OD2   1 
ATOM   54   N  N     . TYR A 1 15  ? 21.35637  1.30675   11.84423  1.000 23.54010  ? 15  TYR A N     1 
ATOM   55   C  CA    . TYR A 1 15  ? 20.77196  -0.01645  11.97326  1.000 22.99118  ? 15  TYR A CA    1 
ATOM   56   C  C     . TYR A 1 15  ? 19.63500  -0.13670  10.95953  1.000 20.67084  ? 15  TYR A C     1 
ATOM   57   O  O     . TYR A 1 15  ? 18.63889  0.58631   11.06635  1.000 21.12926  ? 15  TYR A O     1 
ATOM   58   C  CB    . TYR A 1 15  ? 20.28098  -0.19573  13.41378  1.000 21.91129  ? 15  TYR A CB    1 
ATOM   59   C  CG    . TYR A 1 15  ? 19.56428  -1.49469  13.70508  1.000 18.96251  ? 15  TYR A CG    1 
ATOM   60   C  CD1   . TYR A 1 15  ? 20.17152  -2.73024  13.45488  1.000 21.01913  ? 15  TYR A CD1   1 
ATOM   61   C  CD2   . TYR A 1 15  ? 18.28323  -1.48228  14.24414  1.000 20.07070  ? 15  TYR A CD2   1 
ATOM   62   C  CE1   . TYR A 1 15  ? 19.50353  -3.90740  13.74048  1.000 18.80494  ? 15  TYR A CE1   1 
ATOM   63   C  CE2   . TYR A 1 15  ? 17.61004  -2.65507  14.53123  1.000 20.24115  ? 15  TYR A CE2   1 
ATOM   64   C  CZ    . TYR A 1 15  ? 18.21946  -3.85851  14.27771  1.000 19.72626  ? 15  TYR A CZ    1 
ATOM   65   O  OH    . TYR A 1 15  ? 17.50818  -4.99427  14.56726  1.000 21.13471  ? 15  TYR A OH    1 
ATOM   66   N  N     . LEU A 1 16  ? 19.78871  -1.03969  9.98138   1.000 20.06251  ? 16  LEU A N     1 
ATOM   67   C  CA    . LEU A 1 16  ? 18.85365  -1.10131  8.85451   1.000 19.72093  ? 16  LEU A CA    1 
ATOM   68   C  C     . LEU A 1 16  ? 17.38426  -1.15609  9.25979   1.000 19.74988  ? 16  LEU A C     1 
ATOM   69   O  O     . LEU A 1 16  ? 16.58701  -0.40695  8.68260   1.000 19.90225  ? 16  LEU A O     1 
ATOM   70   C  CB    . LEU A 1 16  ? 19.17587  -2.30044  7.95338   1.000 21.84039  ? 16  LEU A CB    1 
ATOM   71   C  CG    . LEU A 1 16  ? 18.18929  -2.48157  6.79071   1.000 24.45282  ? 16  LEU A CG    1 
ATOM   72   C  CD1   . LEU A 1 16  ? 18.29347  -1.31070  5.80481   1.000 23.38225  ? 16  LEU A CD1   1 
ATOM   73   C  CD2   . LEU A 1 16  ? 18.42759  -3.81548  6.08122   1.000 30.22778  ? 16  LEU A CD2   1 
ATOM   74   N  N     . PRO A 1 17  ? 16.94476  -2.02228  10.17841  1.000 19.08590  ? 17  PRO A N     1 
ATOM   75   C  CA    . PRO A 1 17  ? 15.50683  -2.03550  10.50484  1.000 18.50061  ? 17  PRO A CA    1 
ATOM   76   C  C     . PRO A 1 17  ? 15.01023  -0.70717  11.05056  1.000 20.73758  ? 17  PRO A C     1 
ATOM   77   O  O     . PRO A 1 17  ? 13.86790  -0.32072  10.76882  1.000 19.81691  ? 17  PRO A O     1 
ATOM   78   C  CB    . PRO A 1 17  ? 15.39274  -3.17141  11.53625  1.000 20.50251  ? 17  PRO A CB    1 
ATOM   79   C  CG    . PRO A 1 17  ? 16.60972  -4.03574  11.26253  1.000 20.76566  ? 17  PRO A CG    1 
ATOM   80   C  CD    . PRO A 1 17  ? 17.68835  -3.09666  10.87023  1.000 19.10638  ? 17  PRO A CD    1 
ATOM   81   N  N     . ALA A 1 18  ? 15.82736  0.00849   11.83143  1.000 19.29912  ? 18  ALA A N     1 
ATOM   82   C  CA    . ALA A 1 18  ? 15.37359  1.31946   12.28354  1.000 17.78359  ? 18  ALA A CA    1 
ATOM   83   C  C     . ALA A 1 18  ? 15.27571  2.29440   11.11961  1.000 18.73572  ? 18  ALA A C     1 
ATOM   84   O  O     . ALA A 1 18  ? 14.33149  3.09158   11.05292  1.000 19.69150  ? 18  ALA A O     1 
ATOM   85   C  CB    . ALA A 1 18  ? 16.28847  1.87426   13.37319  1.000 19.03541  ? 18  ALA A CB    1 
ATOM   86   N  N     . LEU A 1 19  ? 16.25901  2.27417   10.21022  1.000 17.88410  ? 19  LEU A N     1 
ATOM   87   C  CA    . LEU A 1 19  ? 16.19768  3.17976   9.06271   1.000 17.81951  ? 19  LEU A CA    1 
ATOM   88   C  C     . LEU A 1 19  ? 14.97826  2.88753   8.20564   1.000 20.38964  ? 19  LEU A C     1 
ATOM   89   O  O     . LEU A 1 19  ? 14.29104  3.80575   7.74477   1.000 19.52161  ? 19  LEU A O     1 
ATOM   90   C  CB    . LEU A 1 19  ? 17.46312  3.05941   8.21400   1.000 18.53049  ? 19  LEU A CB    1 
ATOM   91   C  CG    . LEU A 1 19  ? 18.74639  3.48381   8.92987   1.000 21.24013  ? 19  LEU A CG    1 
ATOM   92   C  CD1   . LEU A 1 19  ? 19.91038  3.10461   8.02673   1.000 24.32164  ? 19  LEU A CD1   1 
ATOM   93   C  CD2   . LEU A 1 19  ? 18.74380  4.97576   9.16975   1.000 26.78878  ? 19  LEU A CD2   1 
ATOM   94   N  N     . LEU A 1 20  ? 14.69865  1.60790   7.96346   1.000 17.71330  ? 20  LEU A N     1 
ATOM   95   C  CA    . LEU A 1 20  ? 13.52844  1.26106   7.16259   1.000 20.16761  ? 20  LEU A CA    1 
ATOM   96   C  C     . LEU A 1 20  ? 12.24847  1.71456   7.85243   1.000 19.37381  ? 20  LEU A C     1 
ATOM   97   O  O     . LEU A 1 20  ? 11.35278  2.27494   7.20431   1.000 19.49980  ? 20  LEU A O     1 
ATOM   98   C  CB    . LEU A 1 20  ? 13.48794  -0.24716  6.91862   1.000 20.64201  ? 20  LEU A CB    1 
ATOM   99   C  CG    . LEU A 1 20  ? 14.42625  -0.84825  5.87869   1.000 21.44373  ? 20  LEU A CG    1 
ATOM   100  C  CD1   . LEU A 1 20  ? 14.40984  -2.37140  5.98706   1.000 23.58410  ? 20  LEU A CD1   1 
ATOM   101  C  CD2   . LEU A 1 20  ? 14.04696  -0.39867  4.44332   1.000 22.92785  ? 20  LEU A CD2   1 
ATOM   102  N  N     . ALA A 1 21  ? 12.13746  1.48286   9.16482   1.000 19.73518  ? 21  ALA A N     1 
ATOM   103  C  CA    . ALA A 1 21  ? 10.90504  1.84441   9.86950   1.000 18.89350  ? 21  ALA A CA    1 
ATOM   104  C  C     . ALA A 1 21  ? 10.69908  3.35181   9.88615   1.000 20.00401  ? 21  ALA A C     1 
ATOM   105  O  O     . ALA A 1 21  ? 9.57726   3.84296   9.68542   1.000 19.07361  ? 21  ALA A O     1 
ATOM   106  C  CB    . ALA A 1 21  ? 10.93332  1.28450   11.29815  1.000 18.47764  ? 21  ALA A CB    1 
ATOM   107  N  N     A GLN A 1 22  ? 11.77746  4.10968   10.10119  0.473 19.93486  ? 22  GLN A N     1 
ATOM   108  N  N     B GLN A 1 22  ? 11.77905  4.10906   10.09048  0.527 19.93809  ? 22  GLN A N     1 
ATOM   109  C  CA    A GLN A 1 22  ? 11.66498  5.56360   10.13324  0.473 19.37419  ? 22  GLN A CA    1 
ATOM   110  C  CA    B GLN A 1 22  ? 11.66409  5.56184   10.13523  0.527 19.35730  ? 22  GLN A CA    1 
ATOM   111  C  C     A GLN A 1 22  ? 11.32008  6.12443   8.75816   0.473 17.20082  ? 22  GLN A C     1 
ATOM   112  C  C     B GLN A 1 22  ? 11.33023  6.13529   8.76192   0.527 17.19404  ? 22  GLN A C     1 
ATOM   113  O  O     A GLN A 1 22  ? 10.41952  6.96723   8.62508   0.473 19.82930  ? 22  GLN A O     1 
ATOM   114  O  O     B GLN A 1 22  ? 10.43752  6.98740   8.63162   0.527 19.78247  ? 22  GLN A O     1 
ATOM   115  C  CB    A GLN A 1 22  ? 12.97534  6.17354   10.64929  0.473 19.15944  ? 22  GLN A CB    1 
ATOM   116  C  CB    B GLN A 1 22  ? 12.96881  6.15961   10.68149  0.527 19.15384  ? 22  GLN A CB    1 
ATOM   117  C  CG    A GLN A 1 22  ? 13.36275  5.73392   12.03824  0.473 23.08214  ? 22  GLN A CG    1 
ATOM   118  C  CG    B GLN A 1 22  ? 13.15977  5.91499   12.16244  0.527 22.75143  ? 22  GLN A CG    1 
ATOM   119  C  CD    A GLN A 1 22  ? 14.40167  6.65017   12.66847  0.473 30.04016  ? 22  GLN A CD    1 
ATOM   120  C  CD    B GLN A 1 22  ? 14.61532  5.69366   12.54944  0.527 27.18405  ? 22  GLN A CD    1 
ATOM   121  O  OE1   A GLN A 1 22  ? 14.48394  7.83344   12.33983  0.473 26.55189  ? 22  GLN A OE1   1 
ATOM   122  O  OE1   B GLN A 1 22  ? 15.53609  5.95087   11.76589  0.527 30.32274  ? 22  GLN A OE1   1 
ATOM   123  N  NE2   A GLN A 1 22  ? 15.19387  6.10557   13.58450  0.473 27.29702  ? 22  GLN A NE2   1 
ATOM   124  N  NE2   B GLN A 1 22  ? 14.82556  5.20154   13.76315  0.527 20.53365  ? 22  GLN A NE2   1 
ATOM   125  N  N     . ALA A 1 23  ? 12.04879  5.69830   7.72220   1.000 17.32005  ? 23  ALA A N     1 
ATOM   126  C  CA    . ALA A 1 23  ? 11.76900  6.21887   6.39050   1.000 16.08808  ? 23  ALA A CA    1 
ATOM   127  C  C     . ALA A 1 23  ? 10.34595  5.87339   5.97548   1.000 20.03097  ? 23  ALA A C     1 
ATOM   128  O  O     . ALA A 1 23  ? 9.62209   6.71548   5.41043   1.000 20.59322  ? 23  ALA A O     1 
ATOM   129  C  CB    . ALA A 1 23  ? 12.78115  5.67242   5.39123   1.000 20.03811  ? 23  ALA A CB    1 
ATOM   130  N  N     . SER A 1 24  ? 9.92522   4.63958   6.27083   1.000 18.68981  ? 24  SER A N     1 
ATOM   131  C  CA    . SER A 1 24  ? 8.58371   4.22165   5.90389   1.000 20.34721  ? 24  SER A CA    1 
ATOM   132  C  C     . SER A 1 24  ? 7.55545   5.10899   6.57905   1.000 18.01498  ? 24  SER A C     1 
ATOM   133  O  O     . SER A 1 24  ? 6.63753   5.61869   5.92598   1.000 19.92863  ? 24  SER A O     1 
ATOM   134  C  CB    . SER A 1 24  ? 8.36146   2.76094   6.28981   1.000 21.17181  ? 24  SER A CB    1 
ATOM   135  O  OG    . SER A 1 24  ? 7.07551   2.32087   5.87023   1.000 21.68371  ? 24  SER A OG    1 
ATOM   136  N  N     A GLN A 1 25  ? 7.70257   5.30704   7.89531   0.490 17.80001  ? 25  GLN A N     1 
ATOM   137  N  N     B GLN A 1 25  ? 7.69544   5.32910   7.88951   0.510 17.78783  ? 25  GLN A N     1 
ATOM   138  C  CA    A GLN A 1 25  ? 6.73147   6.10687   8.62856   0.490 18.59456  ? 25  GLN A CA    1 
ATOM   139  C  CA    B GLN A 1 25  ? 6.65693   6.09379   8.56625   0.510 18.65649  ? 25  GLN A CA    1 
ATOM   140  C  C     A GLN A 1 25  ? 6.63949   7.50658   8.04942   0.490 17.91307  ? 25  GLN A C     1 
ATOM   141  C  C     B GLN A 1 25  ? 6.62387   7.53382   8.07280   0.510 17.93829  ? 25  GLN A C     1 
ATOM   142  O  O     A GLN A 1 25  ? 5.54068   8.03487   7.83162   0.490 20.42439  ? 25  GLN A O     1 
ATOM   143  O  O     B GLN A 1 25  ? 5.54136   8.11806   7.92569   0.510 20.51105  ? 25  GLN A O     1 
ATOM   144  C  CB    A GLN A 1 25  ? 7.10727   6.16455   10.10983  0.490 18.45698  ? 25  GLN A CB    1 
ATOM   145  C  CB    B GLN A 1 25  ? 6.84130   6.03792   10.08082  0.510 19.21607  ? 25  GLN A CB    1 
ATOM   146  C  CG    A GLN A 1 25  ? 6.12259   6.97426   10.94582  0.490 25.85961  ? 25  GLN A CG    1 
ATOM   147  C  CG    B GLN A 1 25  ? 5.77787   6.84022   10.84286  0.510 20.72674  ? 25  GLN A CG    1 
ATOM   148  C  CD    A GLN A 1 25  ? 6.46078   8.45592   11.00663  0.490 22.09787  ? 25  GLN A CD    1 
ATOM   149  C  CD    B GLN A 1 25  ? 4.36615   6.35453   10.60161  0.510 25.66105  ? 25  GLN A CD    1 
ATOM   150  O  OE1   A GLN A 1 25  ? 5.58547   9.30705   10.84341  0.490 39.25239  ? 25  GLN A OE1   1 
ATOM   151  O  OE1   B GLN A 1 25  ? 4.11188   5.15422   10.48711  0.510 30.61477  ? 25  GLN A OE1   1 
ATOM   152  N  NE2   A GLN A 1 25  ? 7.72295   8.77005   11.26675  0.490 28.46037  ? 25  GLN A NE2   1 
ATOM   153  N  NE2   B GLN A 1 25  ? 3.42754   7.29506   10.53023  0.510 43.38903  ? 25  GLN A NE2   1 
ATOM   154  N  N     . LEU A 1 26  ? 7.78799   8.12709   7.79287   1.000 19.46999  ? 26  LEU A N     1 
ATOM   155  C  CA    . LEU A 1 26  ? 7.77630   9.52561   7.37465   1.000 19.50578  ? 26  LEU A CA    1 
ATOM   156  C  C     . LEU A 1 26  ? 7.13166   9.69819   5.99835   1.000 21.75147  ? 26  LEU A C     1 
ATOM   157  O  O     . LEU A 1 26  ? 6.27239   10.58365  5.80115   1.000 21.51544  ? 26  LEU A O     1 
ATOM   158  C  CB    . LEU A 1 26  ? 9.19727   10.09178  7.38665   1.000 19.72917  ? 26  LEU A CB    1 
ATOM   159  C  CG    . LEU A 1 26  ? 9.79293   10.33781  8.76879   1.000 19.91937  ? 26  LEU A CG    1 
ATOM   160  C  CD1   . LEU A 1 26  ? 11.29589  10.52805  8.69916   1.000 23.34487  ? 26  LEU A CD1   1 
ATOM   161  C  CD2   . LEU A 1 26  ? 9.14492   11.54020  9.45093   1.000 26.78327  ? 26  LEU A CD2   1 
ATOM   162  N  N     A ILE A 1 27  ? 7.52429   8.86359   5.02725   0.710 19.43575  ? 27  ILE A N     1 
ATOM   163  N  N     B ILE A 1 27  ? 7.52503   8.87237   5.02193   0.290 19.54741  ? 27  ILE A N     1 
ATOM   164  C  CA    A ILE A 1 27  ? 6.95151   9.00928   3.68470   0.710 19.41379  ? 27  ILE A CA    1 
ATOM   165  C  CA    B ILE A 1 27  ? 6.93755   9.00989   3.68570   0.290 19.43519  ? 27  ILE A CA    1 
ATOM   166  C  C     A ILE A 1 27  ? 5.45629   8.68359   3.69589   0.710 20.93522  ? 27  ILE A C     1 
ATOM   167  C  C     B ILE A 1 27  ? 5.44263   8.70544   3.72881   0.290 21.02170  ? 27  ILE A C     1 
ATOM   168  O  O     A ILE A 1 27  ? 4.62229   9.38403   3.07286   0.710 22.91560  ? 27  ILE A O     1 
ATOM   169  O  O     B ILE A 1 27  ? 4.60060   9.44203   3.17251   0.290 23.16796  ? 27  ILE A O     1 
ATOM   170  C  CB    A ILE A 1 27  ? 7.72212   8.11369   2.69871   0.710 20.64387  ? 27  ILE A CB    1 
ATOM   171  C  CB    B ILE A 1 27  ? 7.66602   8.09508   2.68734   0.290 20.87534  ? 27  ILE A CB    1 
ATOM   172  C  CG1   A ILE A 1 27  ? 9.19872   8.50990   2.66725   0.710 27.18023  ? 27  ILE A CG1   1 
ATOM   173  C  CG1   B ILE A 1 27  ? 9.11962   8.52680   2.53622   0.290 27.09704  ? 27  ILE A CG1   1 
ATOM   174  C  CG2   A ILE A 1 27  ? 7.11714   8.17510   1.29513   0.710 24.68419  ? 27  ILE A CG2   1 
ATOM   175  C  CG2   B ILE A 1 27  ? 6.97376   8.10239   1.32744   0.290 24.07613  ? 27  ILE A CG2   1 
ATOM   176  C  CD1   A ILE A 1 27  ? 9.40974   9.97125   2.39666   0.710 26.31694  ? 27  ILE A CD1   1 
ATOM   177  C  CD1   B ILE A 1 27  ? 9.87471   7.65165   1.60220   0.290 27.16360  ? 27  ILE A CD1   1 
ATOM   178  N  N     . SER A 1 28  ? 5.08898   7.59506   4.37212   1.000 20.97772  ? 28  SER A N     1 
ATOM   179  C  CA    . SER A 1 28  ? 3.69330   7.20468   4.41555   1.000 20.78722  ? 28  SER A CA    1 
ATOM   180  C  C     . SER A 1 28  ? 2.84951   8.26532   5.09190   1.000 22.32008  ? 28  SER A C     1 
ATOM   181  O  O     . SER A 1 28  ? 1.73754   8.54385   4.64381   1.000 23.12270  ? 28  SER A O     1 
ATOM   182  C  CB    . SER A 1 28  ? 3.54410   5.86853   5.13062   1.000 23.59621  ? 28  SER A CB    1 
ATOM   183  O  OG    . SER A 1 28  ? 3.98995   4.82077   4.29538   1.000 27.09729  ? 28  SER A OG    1 
ATOM   184  N  N     A SER A 1 29  ? 3.34709   8.84737   6.18394   0.295 21.60713  ? 29  SER A N     1 
ATOM   185  N  N     B SER A 1 29  ? 3.34693   8.84807   6.18488   0.400 21.57439  ? 29  SER A N     1 
ATOM   186  N  N     C SER A 1 29  ? 3.36749   8.83907   6.17877   0.305 21.58453  ? 29  SER A N     1 
ATOM   187  C  CA    A SER A 1 29  ? 2.55263   9.83976   6.89954   0.295 21.92014  ? 29  SER A CA    1 
ATOM   188  C  CA    B SER A 1 29  ? 2.55068   9.84096   6.89888   0.400 21.89747  ? 29  SER A CA    1 
ATOM   189  C  CA    C SER A 1 29  ? 2.59517   9.83745   6.90975   0.305 21.94767  ? 29  SER A CA    1 
ATOM   190  C  C     A SER A 1 29  ? 2.23891   11.02613  6.00370   0.295 24.19578  ? 29  SER A C     1 
ATOM   191  C  C     B SER A 1 29  ? 2.23311   11.01970  5.99579   0.400 24.24110  ? 29  SER A C     1 
ATOM   192  C  C     C SER A 1 29  ? 2.25667   11.01756  6.01352   0.305 24.18515  ? 29  SER A C     1 
ATOM   193  O  O     A SER A 1 29  ? 1.13509   11.58595  6.06128   0.295 22.74537  ? 29  SER A O     1 
ATOM   194  O  O     B SER A 1 29  ? 1.12168   11.56750  6.03903   0.400 22.68147  ? 29  SER A O     1 
ATOM   195  O  O     C SER A 1 29  ? 1.14608   11.56350  6.08117   0.305 22.76231  ? 29  SER A O     1 
ATOM   196  C  CB    A SER A 1 29  ? 3.28454   10.28820  8.16300   0.295 23.66935  ? 29  SER A CB    1 
ATOM   197  C  CB    B SER A 1 29  ? 3.28459   10.30722  8.15607   0.400 23.67877  ? 29  SER A CB    1 
ATOM   198  C  CB    C SER A 1 29  ? 3.36831   10.29631  8.14527   0.305 23.64148  ? 29  SER A CB    1 
ATOM   199  O  OG    A SER A 1 29  ? 3.19310   9.29698   9.16987   0.295 21.84408  ? 29  SER A OG    1 
ATOM   200  O  OG    B SER A 1 29  ? 2.60681   11.39496  8.76550   0.400 23.63661  ? 29  SER A OG    1 
ATOM   201  O  OG    C SER A 1 29  ? 4.45443   11.13001  7.78261   0.305 25.34087  ? 29  SER A OG    1 
ATOM   202  N  N     . GLU A 1 30  ? 3.19865   11.41668  5.16036   1.000 23.43040  ? 30  GLU A N     1 
ATOM   203  C  CA    . GLU A 1 30  ? 2.93542   12.46314  4.17159   1.000 21.23050  ? 30  GLU A CA    1 
ATOM   204  C  C     . GLU A 1 30  ? 1.78310   12.08422  3.26571   1.000 23.02627  ? 30  GLU A C     1 
ATOM   205  O  O     . GLU A 1 30  ? 0.84879   12.87769  3.06149   1.000 26.68928  ? 30  GLU A O     1 
ATOM   206  C  CB    . GLU A 1 30  ? 4.18267   12.71870  3.32044   1.000 24.15969  ? 30  GLU A CB    1 
ATOM   207  C  CG    . GLU A 1 30  ? 5.25740   13.43286  4.08514   1.000 24.76741  ? 30  GLU A CG    1 
ATOM   208  C  CD    . GLU A 1 30  ? 6.43927   13.81884  3.22399   1.000 28.89793  ? 30  GLU A CD    1 
ATOM   209  O  OE1   . GLU A 1 30  ? 6.44339   13.53875  2.00053   1.000 27.89786  ? 30  GLU A OE1   1 
ATOM   210  O  OE2   . GLU A 1 30  ? 7.36673   14.42546  3.78868   1.000 27.96191  ? 30  GLU A OE2   1 
ATOM   211  N  N     A PHE A 1 31  ? 1.81901   10.88231  2.67830   0.566 20.25425  ? 31  PHE A N     1 
ATOM   212  N  N     B PHE A 1 31  ? 1.83797   10.87586  2.70108   0.434 20.42030  ? 31  PHE A N     1 
ATOM   213  C  CA    A PHE A 1 31  ? 0.71600   10.60839  1.75352   0.566 19.08795  ? 31  PHE A CA    1 
ATOM   214  C  CA    B PHE A 1 31  ? 0.78385   10.48275  1.77285   0.434 19.44269  ? 31  PHE A CA    1 
ATOM   215  C  C     A PHE A 1 31  ? -0.60753  10.33731  2.46885   0.566 21.47328  ? 31  PHE A C     1 
ATOM   216  C  C     B PHE A 1 31  ? -0.57026  10.34477  2.47078   0.434 21.48726  ? 31  PHE A C     1 
ATOM   217  O  O     A PHE A 1 31  ? -1.67627  10.58165  1.88298   0.566 22.90966  ? 31  PHE A O     1 
ATOM   218  O  O     B PHE A 1 31  ? -1.61539  10.68254  1.88710   0.434 22.91356  ? 31  PHE A O     1 
ATOM   219  C  CB    A PHE A 1 31  ? 0.98717   9.45178   0.79114   0.566 22.45418  ? 31  PHE A CB    1 
ATOM   220  C  CB    B PHE A 1 31  ? 1.12386   9.17308   1.06376   0.434 16.50795  ? 31  PHE A CB    1 
ATOM   221  C  CG    A PHE A 1 31  ? -0.00476  9.43099   -0.33997  0.566 20.20578  ? 31  PHE A CG    1 
ATOM   222  C  CG    B PHE A 1 31  ? -0.00176  8.69236   0.23446   0.434 20.03597  ? 31  PHE A CG    1 
ATOM   223  C  CD1   A PHE A 1 31  ? 0.02791   10.42559  -1.30149  0.566 20.07467  ? 31  PHE A CD1   1 
ATOM   224  C  CD1   B PHE A 1 31  ? -0.24273  9.25380   -1.00886  0.434 18.96552  ? 31  PHE A CD1   1 
ATOM   225  C  CD2   A PHE A 1 31  ? -1.02956  8.50024   -0.38622  0.566 20.55869  ? 31  PHE A CD2   1 
ATOM   226  C  CD2   B PHE A 1 31  ? -0.89186  7.76277   0.73216   0.434 18.22908  ? 31  PHE A CD2   1 
ATOM   227  C  CE1   A PHE A 1 31  ? -0.91739  10.46523  -2.32576  0.566 20.38276  ? 31  PHE A CE1   1 
ATOM   228  C  CE1   B PHE A 1 31  ? -1.31882  8.85428   -1.76078  0.434 25.18732  ? 31  PHE A CE1   1 
ATOM   229  C  CE2   A PHE A 1 31  ? -1.97027  8.53248   -1.39963  0.566 22.72882  ? 31  PHE A CE2   1 
ATOM   230  C  CE2   B PHE A 1 31  ? -1.97417  7.37669   -0.00976  0.434 21.15427  ? 31  PHE A CE2   1 
ATOM   231  C  CZ    A PHE A 1 31  ? -1.90352  9.51436   -2.37952  0.566 21.00971  ? 31  PHE A CZ    1 
ATOM   232  C  CZ    B PHE A 1 31  ? -2.18907  7.91625   -1.25994  0.434 24.07965  ? 31  PHE A CZ    1 
ATOM   233  N  N     . HIS A 1 32  ? -0.57218  9.82633   3.70394   1.000 21.44358  ? 32  HIS A N     1 
ATOM   234  C  CA    . HIS A 1 32  ? -1.82555  9.55125   4.41178   1.000 21.40242  ? 32  HIS A CA    1 
ATOM   235  C  C     . HIS A 1 32  ? -2.62711  10.83092  4.64146   1.000 24.18043  ? 32  HIS A C     1 
ATOM   236  O  O     . HIS A 1 32  ? -3.86319  10.78167  4.71121   1.000 24.49456  ? 32  HIS A O     1 
ATOM   237  C  CB    . HIS A 1 32  ? -1.56855  8.85249   5.74974   1.000 24.01075  ? 32  HIS A CB    1 
ATOM   238  C  CG    . HIS A 1 32  ? -0.94756  7.48402   5.64717   1.000 29.85450  ? 32  HIS A CG    1 
ATOM   239  N  ND1   . HIS A 1 32  ? -0.37763  6.85631   6.73731   1.000 30.18453  ? 32  HIS A ND1   1 
ATOM   240  C  CD2   . HIS A 1 32  ? -0.81638  6.62274   4.60803   1.000 23.45670  ? 32  HIS A CD2   1 
ATOM   241  C  CE1   . HIS A 1 32  ? 0.08798   5.67409   6.37264   1.000 27.60885  ? 32  HIS A CE1   1 
ATOM   242  N  NE2   . HIS A 1 32  ? -0.16640  5.50577   5.08647   1.000 28.90790  ? 32  HIS A NE2   1 
ATOM   243  N  N     A GLU A 1 33  ? -1.95845  11.98067  4.77036   0.502 24.31532  ? 33  GLU A N     1 
ATOM   244  N  N     B GLU A 1 33  ? -1.95381  11.97863  4.77302   0.498 24.29834  ? 33  GLU A N     1 
ATOM   245  C  CA    A GLU A 1 33  ? -2.70160  13.23451  4.87340   0.502 25.46020  ? 33  GLU A CA    1 
ATOM   246  C  CA    B GLU A 1 33  ? -2.67893  13.24418  4.86932   0.498 25.48464  ? 33  GLU A CA    1 
ATOM   247  C  C     A GLU A 1 33  ? -3.54533  13.46486  3.62549   0.502 27.63446  ? 33  GLU A C     1 
ATOM   248  C  C     B GLU A 1 33  ? -3.53632  13.46919  3.62906   0.498 27.60932  ? 33  GLU A C     1 
ATOM   249  O  O     A GLU A 1 33  ? -4.73962  13.79546  3.70958   0.502 29.26020  ? 33  GLU A O     1 
ATOM   250  O  O     B GLU A 1 33  ? -4.73194  13.79457  3.72258   0.498 29.24791  ? 33  GLU A O     1 
ATOM   251  C  CB    A GLU A 1 33  ? -1.74512  14.40563  5.09935   0.502 29.91344  ? 33  GLU A CB    1 
ATOM   252  C  CB    B GLU A 1 33  ? -1.69274  14.39881  5.06614   0.498 29.82573  ? 33  GLU A CB    1 
ATOM   253  C  CG    A GLU A 1 33  ? -2.44754  15.65745  5.60046   0.502 39.01382  ? 33  GLU A CG    1 
ATOM   254  C  CG    B GLU A 1 33  ? -0.76657  14.21963  6.25821   0.498 35.71286  ? 33  GLU A CG    1 
ATOM   255  C  CD    A GLU A 1 33  ? -1.48499  16.74515  6.02572   0.502 48.70718  ? 33  GLU A CD    1 
ATOM   256  C  CD    B GLU A 1 33  ? 0.08886   15.44365  6.54068   0.498 48.60802  ? 33  GLU A CD    1 
ATOM   257  O  OE1   A GLU A 1 33  ? -0.81084  17.32037  5.14623   0.502 53.30906  ? 33  GLU A OE1   1 
ATOM   258  O  OE1   B GLU A 1 33  ? -0.16245  16.50430  5.93154   0.498 47.65335  ? 33  GLU A OE1   1 
ATOM   259  O  OE2   A GLU A 1 33  ? -1.40275  17.02343  7.24026   0.502 55.65200  ? 33  GLU A OE2   1 
ATOM   260  O  OE2   B GLU A 1 33  ? 1.01619   15.34204  7.37574   0.498 48.72227  ? 33  GLU A OE2   1 
ATOM   261  N  N     . VAL A 1 34  ? -2.94193  13.27277  2.45086   1.000 22.71594  ? 34  VAL A N     1 
ATOM   262  C  CA    . VAL A 1 34  ? -3.68738  13.41573  1.20084   1.000 24.27363  ? 34  VAL A CA    1 
ATOM   263  C  C     . VAL A 1 34  ? -4.82846  12.40758  1.15351   1.000 27.00582  ? 34  VAL A C     1 
ATOM   264  O  O     . VAL A 1 34  ? -5.97776  12.73185  0.80725   1.000 25.36656  ? 34  VAL A O     1 
ATOM   265  C  CB    . VAL A 1 34  ? -2.74223  13.24051  0.00034   1.000 24.12754  ? 34  VAL A CB    1 
ATOM   266  C  CG1   . VAL A 1 34  ? -3.52183  13.38080  -1.29994  1.000 23.73364  ? 34  VAL A CG1   1 
ATOM   267  C  CG2   . VAL A 1 34  ? -1.58814  14.24421  0.06983   1.000 32.26806  ? 34  VAL A CG2   1 
ATOM   268  N  N     . ALA A 1 35  ? -4.51838  11.15791  1.49552   1.000 22.31030  ? 35  ALA A N     1 
ATOM   269  C  CA    . ALA A 1 35  ? -5.53318  10.11143  1.41623   1.000 21.62356  ? 35  ALA A CA    1 
ATOM   270  C  C     . ALA A 1 35  ? -6.74512  10.45096  2.27737   1.000 22.83922  ? 35  ALA A C     1 
ATOM   271  O  O     . ALA A 1 35  ? -7.89246  10.28229  1.83654   1.000 21.64029  ? 35  ALA A O     1 
ATOM   272  C  CB    . ALA A 1 35  ? -4.93992  8.75569   1.82538   1.000 21.58995  ? 35  ALA A CB    1 
ATOM   273  N  N     . ARG A 1 36  ? -6.51863  10.94009  3.50238   1.000 21.12353  ? 36  ARG A N     1 
ATOM   274  C  CA    . ARG A 1 36  ? -7.64712  11.28342  4.36326   1.000 20.95913  ? 36  ARG A CA    1 
ATOM   275  C  C     . ARG A 1 36  ? -8.41214  12.45682  3.80057   1.000 24.65688  ? 36  ARG A C     1 
ATOM   276  O  O     . ARG A 1 36  ? -9.64473  12.50683  3.92300   1.000 22.62499  ? 36  ARG A O     1 
ATOM   277  C  CB    . ARG A 1 36  ? -7.19060  11.61711  5.78905   1.000 26.03678  ? 36  ARG A CB    1 
ATOM   278  C  CG    . ARG A 1 36  ? -6.62657  10.47102  6.59001   1.000 27.53218  ? 36  ARG A CG    1 
ATOM   279  C  CD    . ARG A 1 36  ? -6.34342  10.89906  8.04887   1.000 28.52452  ? 36  ARG A CD    1 
ATOM   280  N  NE    . ARG A 1 36  ? -5.56543  12.13944  8.18099   1.000 33.53063  ? 36  ARG A NE    1 
ATOM   281  C  CZ    . ARG A 1 36  ? -4.23618  12.18029  8.26983   1.000 38.15528  ? 36  ARG A CZ    1 
ATOM   282  N  NH1   . ARG A 1 36  ? -3.59932  13.33685  8.39816   1.000 38.52486  ? 36  ARG A NH1   1 
ATOM   283  N  NH2   . ARG A 1 36  ? -3.53877  11.05903  8.22598   1.000 25.64390  ? 36  ARG A NH2   1 
ATOM   284  N  N     . GLN A 1 37  ? -7.70382  13.42343  3.20406   1.000 25.87532  ? 37  GLN A N     1 
ATOM   285  C  CA    . GLN A 1 37  ? -8.41854  14.53877  2.58925   1.000 27.97640  ? 37  GLN A CA    1 
ATOM   286  C  C     . GLN A 1 37  ? -9.30297  14.08253  1.43522   1.000 27.38300  ? 37  GLN A C     1 
ATOM   287  O  O     . GLN A 1 37  ? -10.21720 14.81796  1.02781   1.000 28.06412  ? 37  GLN A O     1 
ATOM   288  C  CB    . GLN A 1 37  ? -7.41996  15.60303  2.12603   1.000 28.86079  ? 37  GLN A CB    1 
ATOM   289  C  CG    . GLN A 1 37  ? -6.82137  16.38487  3.28267   1.000 38.08929  ? 37  GLN A CG    1 
ATOM   290  C  CD    . GLN A 1 37  ? -5.71838  17.32781  2.84632   1.000 59.88108  ? 37  GLN A CD    1 
ATOM   291  O  OE1   . GLN A 1 37  ? -4.89965  16.98908  1.99153   1.000 63.07864  ? 37  GLN A OE1   1 
ATOM   292  N  NE2   . GLN A 1 37  ? -5.69306  18.52142  3.43082   1.000 79.85608  ? 37  GLN A NE2   1 
ATOM   293  N  N     . HIS A 1 38  ? -9.06070  12.88478  0.90399   1.000 24.88353  ? 38  HIS A N     1 
ATOM   294  C  CA    . HIS A 1 38  ? -9.91263  12.31401  -0.12825  1.000 26.28319  ? 38  HIS A CA    1 
ATOM   295  C  C     . HIS A 1 38  ? -10.85239 11.22648  0.38804   1.000 22.46134  ? 38  HIS A C     1 
ATOM   296  O  O     . HIS A 1 38  ? -11.42281 10.48096  -0.42233  1.000 23.59839  ? 38  HIS A O     1 
ATOM   297  C  CB    . HIS A 1 38  ? -9.04952  11.78581  -1.27168  1.000 25.50306  ? 38  HIS A CB    1 
ATOM   298  C  CG    . HIS A 1 38  ? -8.41323  12.87522  -2.07123  1.000 25.56869  ? 38  HIS A CG    1 
ATOM   299  N  ND1   . HIS A 1 38  ? -7.36105  13.62931  -1.59860  1.000 30.59700  ? 38  HIS A ND1   1 
ATOM   300  C  CD2   . HIS A 1 38  ? -8.71922  13.37893  -3.29181  1.000 28.27197  ? 38  HIS A CD2   1 
ATOM   301  C  CE1   . HIS A 1 38  ? -7.02955  14.53411  -2.50500  1.000 29.87712  ? 38  HIS A CE1   1 
ATOM   302  N  NE2   . HIS A 1 38  ? -7.83843  14.40388  -3.53741  1.000 33.25550  ? 38  HIS A NE2   1 
ATOM   303  N  N     . GLY A 1 39  ? -11.01722 11.11373  1.70840   1.000 20.79412  ? 39  GLY A N     1 
ATOM   304  C  CA    . GLY A 1 39  ? -12.01364 10.23110  2.28477   1.000 23.64841  ? 39  GLY A CA    1 
ATOM   305  C  C     . GLY A 1 39  ? -11.53790 8.83738   2.62491   1.000 27.04894  ? 39  GLY A C     1 
ATOM   306  O  O     . GLY A 1 39  ? -12.36896 7.99125   2.98805   1.000 26.60627  ? 39  GLY A O     1 
ATOM   307  N  N     . PHE A 1 40  ? -10.23245 8.57059   2.55207   1.000 20.64185  ? 40  PHE A N     1 
ATOM   308  C  CA    . PHE A 1 40  ? -9.70162  7.22171   2.72096   1.000 21.72260  ? 40  PHE A CA    1 
ATOM   309  C  C     . PHE A 1 40  ? -8.98241  7.07456   4.05572   1.000 23.29070  ? 40  PHE A C     1 
ATOM   310  O  O     . PHE A 1 40  ? -8.15159  7.91230   4.41637   1.000 23.96507  ? 40  PHE A O     1 
ATOM   311  C  CB    . PHE A 1 40  ? -8.70346  6.85774   1.59887   1.000 19.33276  ? 40  PHE A CB    1 
ATOM   312  C  CG    . PHE A 1 40  ? -9.34980  6.50721   0.29265   1.000 21.68002  ? 40  PHE A CG    1 
ATOM   313  C  CD1   . PHE A 1 40  ? -9.90115  7.48743   -0.50444  1.000 25.62433  ? 40  PHE A CD1   1 
ATOM   314  C  CD2   . PHE A 1 40  ? -9.38045  5.19335   -0.13165  1.000 23.61818  ? 40  PHE A CD2   1 
ATOM   315  C  CE1   . PHE A 1 40  ? -10.50359 7.15686   -1.71588  1.000 28.31803  ? 40  PHE A CE1   1 
ATOM   316  C  CE2   . PHE A 1 40  ? -9.96933  4.85123   -1.33094  1.000 26.99882  ? 40  PHE A CE2   1 
ATOM   317  C  CZ    . PHE A 1 40  ? -10.52842 5.83252   -2.12390  1.000 29.08111  ? 40  PHE A CZ    1 
ATOM   318  N  N     . SER A 1 41  ? -9.26462  5.98568   4.77238   1.000 21.34584  ? 41  SER A N     1 
ATOM   319  C  CA    . SER A 1 41  ? -8.36497  5.58062   5.84222   1.000 22.40867  ? 41  SER A CA    1 
ATOM   320  C  C     . SER A 1 41  ? -7.14040  4.88784   5.24916   1.000 22.44798  ? 41  SER A C     1 
ATOM   321  O  O     . SER A 1 41  ? -7.11458  4.53638   4.06921   1.000 24.74199  ? 41  SER A O     1 
ATOM   322  C  CB    . SER A 1 41  ? -9.05726  4.61973   6.81334   1.000 24.62475  ? 41  SER A CB    1 
ATOM   323  O  OG    . SER A 1 41  ? -9.19317  3.33186   6.21653   1.000 27.25429  ? 41  SER A OG    1 
ATOM   324  N  N     . VAL A 1 42  ? -6.12251  4.66480   6.08821   1.000 21.90621  ? 42  VAL A N     1 
ATOM   325  C  CA    . VAL A 1 42  ? -4.90986  4.00039   5.61139   1.000 20.35348  ? 42  VAL A CA    1 
ATOM   326  C  C     . VAL A 1 42  ? -5.24459  2.62709   5.04028   1.000 23.04254  ? 42  VAL A C     1 
ATOM   327  O  O     . VAL A 1 42  ? -4.77570  2.25182   3.95780   1.000 22.32542  ? 42  VAL A O     1 
ATOM   328  C  CB    . VAL A 1 42  ? -3.86921  3.89076   6.74202   1.000 24.64267  ? 42  VAL A CB    1 
ATOM   329  C  CG1   . VAL A 1 42  ? -2.66403  3.04401   6.28354   1.000 25.40274  ? 42  VAL A CG1   1 
ATOM   330  C  CG2   . VAL A 1 42  ? -3.43949  5.27984   7.20404   1.000 28.11047  ? 42  VAL A CG2   1 
ATOM   331  N  N     . SER A 1 43  ? -6.01813  1.83551   5.79371   1.000 24.54766  ? 43  SER A N     1 
ATOM   332  C  CA    . SER A 1 43  ? -6.29557  0.46738   5.37461   1.000 23.90952  ? 43  SER A CA    1 
ATOM   333  C  C     . SER A 1 43  ? -7.15696  0.43584   4.11952   1.000 20.38126  ? 43  SER A C     1 
ATOM   334  O  O     . SER A 1 43  ? -6.94103  -0.40325  3.23199   1.000 22.07305  ? 43  SER A O     1 
ATOM   335  C  CB    . SER A 1 43  ? -6.98254  -0.28804  6.50994   1.000 25.73953  ? 43  SER A CB    1 
ATOM   336  O  OG    . SER A 1 43  ? -6.07012  -0.43775  7.59699   1.000 33.59933  ? 43  SER A OG    1 
ATOM   337  N  N     . GLU A 1 44  ? -8.15453  1.31961   4.03378   1.000 22.25857  ? 44  GLU A N     1 
ATOM   338  C  CA    . GLU A 1 44  ? -8.97931  1.38323   2.83051   1.000 20.90741  ? 44  GLU A CA    1 
ATOM   339  C  C     . GLU A 1 44  ? -8.12842  1.70313   1.60943   1.000 20.87064  ? 44  GLU A C     1 
ATOM   340  O  O     . GLU A 1 44  ? -8.28741  1.08941   0.54800   1.000 21.04011  ? 44  GLU A O     1 
ATOM   341  C  CB    . GLU A 1 44  ? -10.09927 2.42822   2.98927   1.000 23.09788  ? 44  GLU A CB    1 
ATOM   342  C  CG    . GLU A 1 44  ? -11.08798 2.07918   4.10897   1.000 24.21832  ? 44  GLU A CG    1 
ATOM   343  C  CD    . GLU A 1 44  ? -11.93501 3.26440   4.57457   1.000 40.55198  ? 44  GLU A CD    1 
ATOM   344  O  OE1   . GLU A 1 44  ? -11.69753 4.40312   4.11302   1.000 32.31235  ? 44  GLU A OE1   1 
ATOM   345  O  OE2   . GLU A 1 44  ? -12.81628 3.05797   5.44052   1.000 38.87241  ? 44  GLU A OE2   1 
ATOM   346  N  N     . TRP A 1 45  ? -7.24112  2.69624   1.74060   1.000 19.61277  ? 45  TRP A N     1 
ATOM   347  C  CA    . TRP A 1 45  ? -6.30829  3.03591   0.66822   1.000 19.94133  ? 45  TRP A CA    1 
ATOM   348  C  C     . TRP A 1 45  ? -5.44625  1.83838   0.27175   1.000 19.89473  ? 45  TRP A C     1 
ATOM   349  O  O     . TRP A 1 45  ? -5.30641  1.53379   -0.91364  1.000 21.44836  ? 45  TRP A O     1 
ATOM   350  C  CB    . TRP A 1 45  ? -5.42833  4.21830   1.10652   1.000 20.75883  ? 45  TRP A CB    1 
ATOM   351  C  CG    . TRP A 1 45  ? -4.09074  4.35152   0.38086   1.000 20.49019  ? 45  TRP A CG    1 
ATOM   352  C  CD1   . TRP A 1 45  ? -2.85721  4.24261   0.93303   1.000 21.85864  ? 45  TRP A CD1   1 
ATOM   353  C  CD2   . TRP A 1 45  ? -3.88348  4.65571   -1.00607  1.000 18.02420  ? 45  TRP A CD2   1 
ATOM   354  N  NE1   . TRP A 1 45  ? -1.88169  4.43478   -0.02637  1.000 24.42493  ? 45  TRP A NE1   1 
ATOM   355  C  CE2   . TRP A 1 45  ? -2.49447  4.67659   -1.23171  1.000 19.63422  ? 45  TRP A CE2   1 
ATOM   356  C  CE3   . TRP A 1 45  ? -4.73821  4.86350   -2.08885  1.000 18.88053  ? 45  TRP A CE3   1 
ATOM   357  C  CZ2   . TRP A 1 45  ? -1.94083  4.93455   -2.49080  1.000 20.88623  ? 45  TRP A CZ2   1 
ATOM   358  C  CZ3   . TRP A 1 45  ? -4.18805  5.13090   -3.33725  1.000 20.37131  ? 45  TRP A CZ3   1 
ATOM   359  C  CH2   . TRP A 1 45  ? -2.81263  5.17365   -3.53546  1.000 19.33067  ? 45  TRP A CH2   1 
ATOM   360  N  N     . ARG A 1 46  ? -4.83975  1.15725   1.24975   1.000 18.57123  ? 46  ARG A N     1 
ATOM   361  C  CA    . ARG A 1 46  ? -3.96241  0.04201   0.88907   1.000 19.34103  ? 46  ARG A CA    1 
ATOM   362  C  C     . ARG A 1 46  ? -4.73696  -1.05712  0.16442   1.000 20.72647  ? 46  ARG A C     1 
ATOM   363  O  O     . ARG A 1 46  ? -4.26870  -1.60927  -0.83626  1.000 21.97481  ? 46  ARG A O     1 
ATOM   364  C  CB    . ARG A 1 46  ? -3.28817  -0.52754  2.12881   1.000 18.54424  ? 46  ARG A CB    1 
ATOM   365  C  CG    . ARG A 1 46  ? -2.23333  0.38136   2.72562   1.000 20.74903  ? 46  ARG A CG    1 
ATOM   366  C  CD    . ARG A 1 46  ? -1.59126  -0.31341  3.89673   1.000 23.52125  ? 46  ARG A CD    1 
ATOM   367  N  NE    . ARG A 1 46  ? -0.58115  0.51703   4.52607   1.000 22.24905  ? 46  ARG A NE    1 
ATOM   368  C  CZ    . ARG A 1 46  ? 0.19308   0.09357   5.52121   1.000 23.32076  ? 46  ARG A CZ    1 
ATOM   369  N  NH1   . ARG A 1 46  ? 0.05022   -1.14284  6.00699   1.000 25.67230  ? 46  ARG A NH1   1 
ATOM   370  N  NH2   . ARG A 1 46  ? 1.10331   0.90921   6.04365   1.000 25.52089  ? 46  ARG A NH2   1 
ATOM   371  N  N     . VAL A 1 47  ? -5.92880  -1.39534  0.66427   1.000 20.90509  ? 47  VAL A N     1 
ATOM   372  C  CA    . VAL A 1 47  ? -6.71874  -2.44019  0.01132   1.000 21.53154  ? 47  VAL A CA    1 
ATOM   373  C  C     . VAL A 1 47  ? -7.09836  -2.03251  -1.41154  1.000 23.50113  ? 47  VAL A C     1 
ATOM   374  O  O     . VAL A 1 47  ? -6.90025  -2.79386  -2.36861  1.000 23.52162  ? 47  VAL A O     1 
ATOM   375  C  CB    . VAL A 1 47  ? -7.95816  -2.78297  0.86169   1.000 22.04288  ? 47  VAL A CB    1 
ATOM   376  C  CG1   . VAL A 1 47  ? -8.93683  -3.66171  0.06158   1.000 22.91030  ? 47  VAL A CG1   1 
ATOM   377  C  CG2   . VAL A 1 47  ? -7.52317  -3.52017  2.11264   1.000 26.40243  ? 47  VAL A CG2   1 
ATOM   378  N  N     A MET A 1 48  ? -7.66030  -0.83382  -1.58940  0.824 22.47084  ? 48  MET A N     1 
ATOM   379  N  N     B MET A 1 48  ? -7.67487  -0.83447  -1.56745  0.176 22.65587  ? 48  MET A N     1 
ATOM   380  C  CA    A MET A 1 48  ? -8.11144  -0.49131  -2.93450  0.824 22.93403  ? 48  MET A CA    1 
ATOM   381  C  CA    B MET A 1 48  ? -8.10216  -0.37996  -2.88725  0.176 23.13385  ? 48  MET A CA    1 
ATOM   382  C  C     A MET A 1 48  ? -6.94296  -0.32071  -3.90278  0.824 23.52519  ? 48  MET A C     1 
ATOM   383  C  C     B MET A 1 48  ? -6.93355  -0.34279  -3.85944  0.176 23.47524  ? 48  MET A C     1 
ATOM   384  O  O     A MET A 1 48  ? -7.01243  -0.78133  -5.05066  0.824 24.55140  ? 48  MET A O     1 
ATOM   385  O  O     B MET A 1 48  ? -6.99258  -0.91920  -4.95206  0.176 24.99157  ? 48  MET A O     1 
ATOM   386  C  CB    A MET A 1 48  ? -8.98721  0.75745   -2.89420  0.824 25.99119  ? 48  MET A CB    1 
ATOM   387  C  CB    B MET A 1 48  ? -8.74379  1.00317   -2.78021  0.176 25.28885  ? 48  MET A CB    1 
ATOM   388  C  CG    A MET A 1 48  ? -10.46369 0.39686   -2.86747  0.824 45.36498  ? 48  MET A CG    1 
ATOM   389  C  CG    B MET A 1 48  ? -10.17900 1.03658   -3.24686  0.176 43.12527  ? 48  MET A CG    1 
ATOM   390  S  SD    A MET A 1 48  ? -11.58028 1.80848   -2.96855  0.824 30.39006  ? 48  MET A SD    1 
ATOM   391  S  SD    B MET A 1 48  ? -11.17869 -0.10242  -2.28442  0.176 73.32226  ? 48  MET A SD    1 
ATOM   392  C  CE    A MET A 1 48  ? -11.75910 2.10914   -1.21145  0.824 32.11448  ? 48  MET A CE    1 
ATOM   393  C  CE    B MET A 1 48  ? -12.22577 -0.79266  -3.54702  0.176 38.26581  ? 48  MET A CE    1 
ATOM   394  N  N     . ALA A 1 49  ? -5.85708  0.33817   -3.47335  1.000 20.73305  ? 49  ALA A N     1 
ATOM   395  C  CA    . ALA A 1 49  ? -4.71147  0.51197   -4.35723  1.000 21.67399  ? 49  ALA A CA    1 
ATOM   396  C  C     . ALA A 1 49  ? -4.03431  -0.81093  -4.69715  1.000 23.40603  ? 49  ALA A C     1 
ATOM   397  O  O     . ALA A 1 49  ? -3.52191  -0.96121  -5.81468  1.000 27.21692  ? 49  ALA A O     1 
ATOM   398  C  CB    . ALA A 1 49  ? -3.71074  1.47674   -3.72081  1.000 21.82313  ? 49  ALA A CB    1 
ATOM   399  N  N     A SER A 1 50  ? -4.02121  -1.78097  -3.77429  0.683 21.99417  ? 50  SER A N     1 
ATOM   400  N  N     B SER A 1 50  ? -4.00634  -1.76769  -3.75758  0.317 21.97638  ? 50  SER A N     1 
ATOM   401  C  CA    A SER A 1 50  ? -3.40772  -3.06425  -4.08006  0.683 22.22844  ? 50  SER A CA    1 
ATOM   402  C  CA    B SER A 1 50  ? -3.42971  -3.07520  -4.04779  0.317 22.37168  ? 50  SER A CA    1 
ATOM   403  C  C     A SER A 1 50  ? -4.29274  -3.95174  -4.93976  0.683 26.60166  ? 50  SER A C     1 
ATOM   404  C  C     B SER A 1 50  ? -4.28304  -3.84482  -5.04600  0.317 26.67815  ? 50  SER A C     1 
ATOM   405  O  O     A SER A 1 50  ? -3.77061  -4.86058  -5.59742  0.683 27.18869  ? 50  SER A O     1 
ATOM   406  O  O     B SER A 1 50  ? -3.75071  -4.55067  -5.91244  0.317 27.92437  ? 50  SER A O     1 
ATOM   407  C  CB    A SER A 1 50  ? -3.06365  -3.80211  -2.79325  0.683 25.60760  ? 50  SER A CB    1 
ATOM   408  C  CB    B SER A 1 50  ? -3.27547  -3.87745  -2.75430  0.317 23.77496  ? 50  SER A CB    1 
ATOM   409  O  OG    A SER A 1 50  ? -4.20307  -4.42369  -2.24593  0.683 28.24965  ? 50  SER A OG    1 
ATOM   410  O  OG    B SER A 1 50  ? -2.38431  -3.24775  -1.84466  0.317 18.04490  ? 50  SER A OG    1 
ATOM   411  N  N     . LEU A 1 51  ? -5.60834  -3.71784  -4.94346  1.000 24.12175  ? 51  LEU A N     1 
ATOM   412  C  CA    . LEU A 1 51  ? -6.50296  -4.50140  -5.79208  1.000 25.60021  ? 51  LEU A CA    1 
ATOM   413  C  C     . LEU A 1 51  ? -6.71728  -3.87225  -7.15939  1.000 30.50226  ? 51  LEU A C     1 
ATOM   414  O  O     . LEU A 1 51  ? -7.09529  -4.58159  -8.10254  1.000 29.69768  ? 51  LEU A O     1 
ATOM   415  C  CB    . LEU A 1 51  ? -7.85434  -4.71007  -5.09348  1.000 22.14698  ? 51  LEU A CB    1 
ATOM   416  C  CG    . LEU A 1 51  ? -7.81153  -5.62983  -3.85655  1.000 26.76032  ? 51  LEU A CG    1 
ATOM   417  C  CD1   . LEU A 1 51  ? -9.15434  -5.66677  -3.15470  1.000 25.45319  ? 51  LEU A CD1   1 
ATOM   418  C  CD2   . LEU A 1 51  ? -7.36052  -7.03664  -4.24257  1.000 29.26877  ? 51  LEU A CD2   1 
ATOM   419  N  N     . ALA A 1 52  ? -6.48527  -2.57070  -7.29889  1.000 26.47050  ? 52  ALA A N     1 
ATOM   420  C  CA    . ALA A 1 52  ? -6.73753  -1.90321  -8.57464  1.000 29.20118  ? 52  ALA A CA    1 
ATOM   421  C  C     . ALA A 1 52  ? -5.93058  -2.54987  -9.69707  1.000 38.88308  ? 52  ALA A C     1 
ATOM   422  O  O     . ALA A 1 52  ? -4.71840  -2.74130  -9.58006  1.000 34.67622  ? 52  ALA A O     1 
ATOM   423  C  CB    . ALA A 1 52  ? -6.39636  -0.41662  -8.46500  1.000 27.35376  ? 52  ALA A CB    1 
ATOM   424  N  N     . GLY A 1 53  ? -6.60822  -2.89456  -10.78589 1.000 37.29876  ? 53  GLY A N     1 
ATOM   425  C  CA    . GLY A 1 53  ? -5.91559  -3.51582  -11.90446 1.000 44.45135  ? 53  GLY A CA    1 
ATOM   426  C  C     . GLY A 1 53  ? -5.32694  -4.86678  -11.56946 1.000 52.21331  ? 53  GLY A C     1 
ATOM   427  O  O     . GLY A 1 53  ? -4.22693  -5.19770  -12.03136 1.000 59.63893  ? 53  GLY A O     1 
ATOM   428  N  N     . SER A 1 54  ? -6.03691  -5.66033  -10.77278 1.000 43.33909  ? 54  SER A N     1 
ATOM   429  C  CA    . SER A 1 54  ? -5.54227  -6.95247  -10.33007 1.000 39.95309  ? 54  SER A CA    1 
ATOM   430  C  C     . SER A 1 54  ? -6.57602  -8.03004  -10.61228 1.000 32.67621  ? 54  SER A C     1 
ATOM   431  O  O     . SER A 1 54  ? -7.78371  -7.79244  -10.51097 1.000 35.06242  ? 54  SER A O     1 
ATOM   432  C  CB    . SER A 1 54  ? -5.20590  -6.93647  -8.83081  1.000 40.04056  ? 54  SER A CB    1 
ATOM   433  O  OG    . SER A 1 54  ? -4.76210  -8.21184  -8.39171  1.000 42.70290  ? 54  SER A OG    1 
ATOM   434  N  N     . GLU A 1 55  ? -6.08559  -9.21023  -10.98409 1.000 46.21219  ? 55  GLU A N     1 
ATOM   435  C  CA    . GLU A 1 55  ? -6.88434  -10.41691 -10.87851 1.000 53.43311  ? 55  GLU A CA    1 
ATOM   436  C  C     . GLU A 1 55  ? -7.34320  -10.57079 -9.43113  1.000 42.20588  ? 55  GLU A C     1 
ATOM   437  O  O     . GLU A 1 55  ? -6.68967  -10.06087 -8.51683  1.000 38.12102  ? 55  GLU A O     1 
ATOM   438  C  CB    . GLU A 1 55  ? -6.05643  -11.63927 -11.27432 1.000 49.93774  ? 55  GLU A CB    1 
ATOM   439  C  CG    . GLU A 1 55  ? -5.65687  -11.70175 -12.73127 1.000 81.07223  ? 55  GLU A CG    1 
ATOM   440  C  CD    . GLU A 1 55  ? -6.84489  -11.61264 -13.65928 1.000 79.50839  ? 55  GLU A CD    1 
ATOM   441  O  OE1   . GLU A 1 55  ? -6.89404  -10.66938 -14.47737 1.000 90.82463  ? 55  GLU A OE1   1 
ATOM   442  O  OE2   . GLU A 1 55  ? -7.72743  -12.49393 -13.57384 1.000 78.16202  ? 55  GLU A OE2   1 
ATOM   443  N  N     . PRO A 1 56  ? -8.44038  -11.28534 -9.18300  1.000 39.37880  ? 56  PRO A N     1 
ATOM   444  C  CA    . PRO A 1 56  ? -8.79645  -11.59269 -7.79208  1.000 36.97432  ? 56  PRO A CA    1 
ATOM   445  C  C     . PRO A 1 56  ? -7.66385  -12.33011 -7.09042  1.000 39.48865  ? 56  PRO A C     1 
ATOM   446  O  O     . PRO A 1 56  ? -7.03609  -13.22242 -7.66064  1.000 37.87018  ? 56  PRO A O     1 
ATOM   447  C  CB    . PRO A 1 56  ? -10.04013 -12.47209 -7.92926  1.000 36.67490  ? 56  PRO A CB    1 
ATOM   448  C  CG    . PRO A 1 56  ? -10.65034 -12.03698 -9.23946  1.000 34.30116  ? 56  PRO A CG    1 
ATOM   449  C  CD    . PRO A 1 56  ? -9.47357  -11.74526 -10.13088 1.000 38.64264  ? 56  PRO A CD    1 
ATOM   450  N  N     . ILE A 1 57  ? -7.39792  -11.94491 -5.83812  1.000 33.58645  ? 57  ILE A N     1 
ATOM   451  C  CA    . ILE A 1 57  ? -6.36174  -12.57717 -5.02910  1.000 34.64231  ? 57  ILE A CA    1 
ATOM   452  C  C     . ILE A 1 57  ? -6.96026  -13.06625 -3.71345  1.000 36.16114  ? 57  ILE A C     1 
ATOM   453  O  O     . ILE A 1 57  ? -8.05029  -12.66119 -3.30618  1.000 32.89652  ? 57  ILE A O     1 
ATOM   454  C  CB    . ILE A 1 57  ? -5.17341  -11.62948 -4.75672  1.000 34.75191  ? 57  ILE A CB    1 
ATOM   455  C  CG1   . ILE A 1 57  ? -5.63305  -10.43027 -3.92503  1.000 30.13281  ? 57  ILE A CG1   1 
ATOM   456  C  CG2   . ILE A 1 57  ? -4.53418  -11.17560 -6.06328  1.000 35.33186  ? 57  ILE A CG2   1 
ATOM   457  C  CD1   . ILE A 1 57  ? -4.49685  -9.53594  -3.48430  1.000 29.35139  ? 57  ILE A CD1   1 
ATOM   458  N  N     . SER A 1 58  ? -6.22689  -13.95130 -3.03842  1.000 32.34323  ? 58  SER A N     1 
ATOM   459  C  CA    . SER A 1 58  ? -6.73529  -14.51230 -1.79799  1.000 30.69206  ? 58  SER A CA    1 
ATOM   460  C  C     . SER A 1 58  ? -6.63877  -13.49162 -0.67192  1.000 27.21849  ? 58  SER A C     1 
ATOM   461  O  O     . SER A 1 58  ? -5.83707  -12.55118 -0.72074  1.000 31.17993  ? 58  SER A O     1 
ATOM   462  C  CB    . SER A 1 58  ? -5.95663  -15.76744 -1.40484  1.000 36.17273  ? 58  SER A CB    1 
ATOM   463  O  OG    . SER A 1 58  ? -4.64578  -15.42652 -0.98039  1.000 35.46109  ? 58  SER A OG    1 
ATOM   464  N  N     . ILE A 1 59  ? -7.46376  -13.69971 0.35578   1.000 29.48051  ? 59  ILE A N     1 
ATOM   465  C  CA    . ILE A 1 59  ? -7.40539  -12.84254 1.53563   1.000 30.35392  ? 59  ILE A CA    1 
ATOM   466  C  C     . ILE A 1 59  ? -6.00369  -12.86531 2.13678   1.000 34.74091  ? 59  ILE A C     1 
ATOM   467  O  O     . ILE A 1 59  ? -5.50898  -11.84315 2.61969   1.000 29.62481  ? 59  ILE A O     1 
ATOM   468  C  CB    . ILE A 1 59  ? -8.47326  -13.25336 2.56827   1.000 31.06490  ? 59  ILE A CB    1 
ATOM   469  C  CG1   . ILE A 1 59  ? -9.85735  -13.28236 1.92011   1.000 36.92609  ? 59  ILE A CG1   1 
ATOM   470  C  CG2   . ILE A 1 59  ? -8.46235  -12.29292 3.74142   1.000 37.89541  ? 59  ILE A CG2   1 
ATOM   471  C  CD1   . ILE A 1 59  ? -10.11279 -12.10522 1.03083   1.000 45.19020  ? 59  ILE A CD1   1 
ATOM   472  N  N     . GLY A 1 60  ? -5.33665  -14.02427 2.11271   1.000 36.00289  ? 60  GLY A N     1 
ATOM   473  C  CA    . GLY A 1 60  ? -3.98733  -14.09827 2.66187   1.000 30.15511  ? 60  GLY A CA    1 
ATOM   474  C  C     . GLY A 1 60  ? -2.97527  -13.28123 1.87605   1.000 28.78165  ? 60  GLY A C     1 
ATOM   475  O  O     . GLY A 1 60  ? -2.10622  -12.61779 2.45965   1.000 28.87050  ? 60  GLY A O     1 
ATOM   476  N  N     . GLN A 1 61  ? -3.07630  -13.30740 0.54206   1.000 27.67530  ? 61  GLN A N     1 
ATOM   477  C  CA    . GLN A 1 61  ? -2.20495  -12.47512 -0.28466  1.000 26.84483  ? 61  GLN A CA    1 
ATOM   478  C  C     . GLN A 1 61  ? -2.48434  -10.99620 -0.05160  1.000 27.19419  ? 61  GLN A C     1 
ATOM   479  O  O     . GLN A 1 61  ? -1.55351  -10.17720 -0.00232  1.000 27.64081  ? 61  GLN A O     1 
ATOM   480  C  CB    . GLN A 1 61  ? -2.39389  -12.80094 -1.76666  1.000 36.96500  ? 61  GLN A CB    1 
ATOM   481  C  CG    . GLN A 1 61  ? -2.21377  -14.25769 -2.14482  1.000 44.02538  ? 61  GLN A CG    1 
ATOM   482  C  CD    . GLN A 1 61  ? -2.47995  -14.49176 -3.62008  1.000 53.47571  ? 61  GLN A CD    1 
ATOM   483  O  OE1   . GLN A 1 61  ? -3.62833  -14.65118 -4.03872  1.000 42.53313  ? 61  GLN A OE1   1 
ATOM   484  N  NE2   . GLN A 1 61  ? -1.42086  -14.50419 -4.41678  1.000 62.52338  ? 61  GLN A NE2   1 
ATOM   485  N  N     . LEU A 1 62  ? -3.76770  -10.63627 0.07038   1.000 27.37755  ? 62  LEU A N     1 
ATOM   486  C  CA    . LEU A 1 62  ? -4.11570  -9.24287  0.33220   1.000 25.89211  ? 62  LEU A CA    1 
ATOM   487  C  C     . LEU A 1 62  ? -3.54318  -8.78753  1.66784   1.000 21.41505  ? 62  LEU A C     1 
ATOM   488  O  O     . LEU A 1 62  ? -2.96554  -7.69912  1.77226   1.000 23.99648  ? 62  LEU A O     1 
ATOM   489  C  CB    . LEU A 1 62  ? -5.63867  -9.05692  0.29923   1.000 24.03280  ? 62  LEU A CB    1 
ATOM   490  C  CG    . LEU A 1 62  ? -6.14795  -7.61774  0.52286   1.000 23.26867  ? 62  LEU A CG    1 
ATOM   491  C  CD1   . LEU A 1 62  ? -5.66150  -6.71568  -0.58932  1.000 23.40159  ? 62  LEU A CD1   1 
ATOM   492  C  CD2   . LEU A 1 62  ? -7.67895  -7.54344  0.66236   1.000 22.86916  ? 62  LEU A CD2   1 
ATOM   493  N  N     . ALA A 1 63  ? -3.68468  -9.61376  2.70468   1.000 23.24985  ? 63  ALA A N     1 
ATOM   494  C  CA    . ALA A 1 63  ? -3.08095  -9.28631  3.99229   1.000 20.92104  ? 63  ALA A CA    1 
ATOM   495  C  C     . ALA A 1 63  ? -1.57133  -9.08730  3.86721   1.000 23.53806  ? 63  ALA A C     1 
ATOM   496  O  O     . ALA A 1 63  ? -1.01314  -8.15875  4.45690   1.000 25.45875  ? 63  ALA A O     1 
ATOM   497  C  CB    . ALA A 1 63  ? -3.40401  -10.38148 5.00992   1.000 25.32221  ? 63  ALA A CB    1 
ATOM   498  N  N     . GLN A 1 64  ? -0.89520  -9.94282  3.09841   1.000 25.31522  ? 64  GLN A N     1 
ATOM   499  C  CA    . GLN A 1 64  ? 0.55129   -9.79728  2.93035   1.000 24.89811  ? 64  GLN A CA    1 
ATOM   500  C  C     . GLN A 1 64  ? 0.91697   -8.47976  2.25037   1.000 25.76910  ? 64  GLN A C     1 
ATOM   501  O  O     . GLN A 1 64  ? 1.76309   -7.72316  2.73997   1.000 26.51127  ? 64  GLN A O     1 
ATOM   502  C  CB    . GLN A 1 64  ? 1.09188   -10.97520 2.11812   1.000 33.56346  ? 64  GLN A CB    1 
ATOM   503  C  CG    . GLN A 1 64  ? 0.97055   -12.31756 2.81275   1.000 52.09385  ? 64  GLN A CG    1 
ATOM   504  C  CD    . GLN A 1 64  ? 2.13046   -13.24576 2.48998   1.000 78.30143  ? 64  GLN A CD    1 
ATOM   505  O  OE1   . GLN A 1 64  ? 2.85230   -13.69243 3.38324   1.000 68.88719  ? 64  GLN A OE1   1 
ATOM   506  N  NE2   . GLN A 1 64  ? 2.32174   -13.52877 1.20500   1.000 52.17084  ? 64  GLN A NE2   1 
ATOM   507  N  N     A VAL A 1 65  ? 0.29009   -8.18614  1.10744   0.807 23.68423  ? 65  VAL A N     1 
ATOM   508  N  N     B VAL A 1 65  ? 0.28292   -8.19377  1.11043   0.193 23.77844  ? 65  VAL A N     1 
ATOM   509  C  CA    A VAL A 1 65  ? 0.70171   -7.01387  0.33956   0.807 25.27235  ? 65  VAL A CA    1 
ATOM   510  C  CA    B VAL A 1 65  ? 0.65906   -7.01778  0.33453   0.193 25.32873  ? 65  VAL A CA    1 
ATOM   511  C  C     A VAL A 1 65  ? 0.24046   -5.70867  0.97409   0.807 23.65130  ? 65  VAL A C     1 
ATOM   512  C  C     B VAL A 1 65  ? 0.32407   -5.74220  1.09651   0.193 23.51118  ? 65  VAL A C     1 
ATOM   513  O  O     A VAL A 1 65  ? 0.83898   -4.66069  0.69776   0.807 26.10662  ? 65  VAL A O     1 
ATOM   514  O  O     B VAL A 1 65  ? 1.08042   -4.76515  1.05499   0.193 23.80930  ? 65  VAL A O     1 
ATOM   515  C  CB    A VAL A 1 65  ? 0.20647   -7.09385  -1.11778  0.807 23.93890  ? 65  VAL A CB    1 
ATOM   516  C  CB    B VAL A 1 65  ? -0.01377  -7.05451  -1.05040  0.193 23.61043  ? 65  VAL A CB    1 
ATOM   517  C  CG1   A VAL A 1 65  ? -1.30560  -6.93896  -1.20332  0.807 25.96765  ? 65  VAL A CG1   1 
ATOM   518  C  CG1   B VAL A 1 65  ? -0.11197  -5.65447  -1.63697  0.193 22.58042  ? 65  VAL A CG1   1 
ATOM   519  C  CG2   A VAL A 1 65  ? 0.89610   -6.04111  -1.97765  0.807 28.91840  ? 65  VAL A CG2   1 
ATOM   520  C  CG2   B VAL A 1 65  ? 0.76303   -7.97238  -1.98960  0.193 22.76492  ? 65  VAL A CG2   1 
ATOM   521  N  N     . THR A 1 66  ? -0.79335  -5.73057  1.81935   1.000 23.21653  ? 66  THR A N     1 
ATOM   522  C  CA    . THR A 1 66  ? -1.20887  -4.53468  2.55800   1.000 23.03981  ? 66  THR A CA    1 
ATOM   523  C  C     . THR A 1 66  ? -0.58546  -4.44737  3.94811   1.000 24.53586  ? 66  THR A C     1 
ATOM   524  O  O     . THR A 1 66  ? -0.89328  -3.50530  4.68711   1.000 24.84685  ? 66  THR A O     1 
ATOM   525  C  CB    . THR A 1 66  ? -2.74691  -4.44866  2.70599   1.000 22.28060  ? 66  THR A CB    1 
ATOM   526  O  OG1   . THR A 1 66  ? -3.24178  -5.53335  3.50546   1.000 23.11490  ? 66  THR A OG1   1 
ATOM   527  C  CG2   . THR A 1 66  ? -3.43437  -4.44999  1.34841   1.000 24.73554  ? 66  THR A CG2   1 
ATOM   528  N  N     A VAL A 1 67  ? 0.30473   -5.38521  4.28338   0.154 24.27583  ? 67  VAL A N     1 
ATOM   529  N  N     B VAL A 1 67  ? 0.26118   -5.39951  4.32646   0.846 24.12116  ? 67  VAL A N     1 
ATOM   530  C  CA    A VAL A 1 67  ? 0.91834   -5.53253  5.60140   0.154 24.04070  ? 67  VAL A CA    1 
ATOM   531  C  CA    B VAL A 1 67  ? 0.91693   -5.39452  5.63747   0.846 23.84859  ? 67  VAL A CA    1 
ATOM   532  C  C     A VAL A 1 67  ? -0.11987  -5.24010  6.67367   0.154 26.63875  ? 67  VAL A C     1 
ATOM   533  C  C     B VAL A 1 67  ? -0.13667  -5.21919  6.72166   0.846 26.51008  ? 67  VAL A C     1 
ATOM   534  O  O     A VAL A 1 67  ? 0.05107   -4.34318  7.50666   0.154 30.39351  ? 67  VAL A O     1 
ATOM   535  O  O     B VAL A 1 67  ? -0.00078  -4.36791  7.60941   0.846 30.67617  ? 67  VAL A O     1 
ATOM   536  C  CB    A VAL A 1 67  ? 2.17078   -4.64867  5.75498   0.154 26.21655  ? 67  VAL A CB    1 
ATOM   537  C  CB    B VAL A 1 67  ? 1.99241   -4.29652  5.73724   0.846 26.03136  ? 67  VAL A CB    1 
ATOM   538  C  CG1   A VAL A 1 67  ? 3.28364   -5.16579  4.86183   0.154 26.91759  ? 67  VAL A CG1   1 
ATOM   539  C  CG1   B VAL A 1 67  ? 2.93499   -4.57637  6.91499   0.846 26.41520  ? 67  VAL A CG1   1 
ATOM   540  C  CG2   A VAL A 1 67  ? 1.86589   -3.20780  5.43857   0.154 23.81827  ? 67  VAL A CG2   1 
ATOM   541  C  CG2   B VAL A 1 67  ? 2.77326   -4.20507  4.45344   0.846 25.36101  ? 67  VAL A CG2   1 
ATOM   542  N  N     . THR A 1 68  ? -1.20593  -6.00123  6.64404   1.000 24.85199  ? 68  THR A N     1 
ATOM   543  C  CA    . THR A 1 68  ? -2.28903  -5.91395  7.61217   1.000 24.14762  ? 68  THR A CA    1 
ATOM   544  C  C     . THR A 1 68  ? -2.62963  -7.31784  8.09768   1.000 28.72818  ? 68  THR A C     1 
ATOM   545  O  O     . THR A 1 68  ? -2.65097  -8.25858  7.30294   1.000 30.90872  ? 68  THR A O     1 
ATOM   546  C  CB    . THR A 1 68  ? -3.52171  -5.22604  6.98963   1.000 28.72081  ? 68  THR A CB    1 
ATOM   547  O  OG1   . THR A 1 68  ? -3.15000  -3.92500  6.50301   1.000 32.89345  ? 68  THR A OG1   1 
ATOM   548  C  CG2   . THR A 1 68  ? -4.62885  -5.06322  8.02300   1.000 32.83433  ? 68  THR A CG2   1 
ATOM   549  N  N     . LYS A 1 69  ? -2.86708  -7.46831  9.41000   1.000 27.34627  ? 69  LYS A N     1 
ATOM   550  C  CA    . LYS A 1 69  ? -3.23295  -8.77875  9.95232   1.000 28.59222  ? 69  LYS A CA    1 
ATOM   551  C  C     . LYS A 1 69  ? -4.52122  -9.28092  9.30773   1.000 29.70287  ? 69  LYS A C     1 
ATOM   552  O  O     . LYS A 1 69  ? -5.45798  -8.51274  9.08451   1.000 25.90405  ? 69  LYS A O     1 
ATOM   553  C  CB    . LYS A 1 69  ? -3.42263  -8.71297  11.47112  1.000 28.64491  ? 69  LYS A CB    1 
ATOM   554  C  CG    . LYS A 1 69  ? -2.23753  -8.17178  12.26362  1.000 41.10698  ? 69  LYS A CG    1 
ATOM   555  C  CD    . LYS A 1 69  ? -2.58769  -8.09633  13.74787  1.000 51.86516  ? 69  LYS A CD    1 
ATOM   556  C  CE    . LYS A 1 69  ? -1.41979  -7.57692  14.57344  1.000 55.29564  ? 69  LYS A CE    1 
ATOM   557  N  NZ    . LYS A 1 69  ? -0.17866  -8.34676  14.29379  1.000 58.24970  ? 69  LYS A NZ    1 
ATOM   558  N  N     A GLN A 1 70  ? -4.57529  -10.58326 9.03636   0.448 27.11243  ? 70  GLN A N     1 
ATOM   559  N  N     B GLN A 1 70  ? -4.57392  -10.58307 9.02029   0.552 27.01000  ? 70  GLN A N     1 
ATOM   560  C  CA    A GLN A 1 70  ? -5.71267  -11.13349 8.30289   0.448 33.14514  ? 70  GLN A CA    1 
ATOM   561  C  CA    B GLN A 1 70  ? -5.72477  -11.11620 8.29414   0.552 33.15077  ? 70  GLN A CA    1 
ATOM   562  C  C     A GLN A 1 70  ? -7.05850  -10.93996 9.00115   0.448 33.59293  ? 70  GLN A C     1 
ATOM   563  C  C     B GLN A 1 70  ? -7.05935  -10.90841 9.00583   0.552 33.64351  ? 70  GLN A C     1 
ATOM   564  O  O     A GLN A 1 70  ? -8.04218  -10.64020 8.30221   0.448 28.66903  ? 70  GLN A O     1 
ATOM   565  O  O     B GLN A 1 70  ? -8.04065  -10.57842 8.31896   0.552 28.63848  ? 70  GLN A O     1 
ATOM   566  C  CB    A GLN A 1 70  ? -5.44778  -12.61276 8.00253   0.448 36.82514  ? 70  GLN A CB    1 
ATOM   567  C  CB    B GLN A 1 70  ? -5.52173  -12.60223 7.97717   0.552 36.77202  ? 70  GLN A CB    1 
ATOM   568  C  CG    A GLN A 1 70  ? -4.08384  -12.84367 7.37080   0.448 40.93677  ? 70  GLN A CG    1 
ATOM   569  C  CG    B GLN A 1 70  ? -6.64974  -13.16806 7.11928   0.552 42.51111  ? 70  GLN A CG    1 
ATOM   570  C  CD    A GLN A 1 70  ? -3.99918  -14.13720 6.58536   0.448 48.20840  ? 70  GLN A CD    1 
ATOM   571  C  CD    B GLN A 1 70  ? -6.27383  -14.44448 6.39045   0.552 48.33899  ? 70  GLN A CD    1 
ATOM   572  O  OE1   A GLN A 1 70  ? -5.00030  -14.62685 6.06206   0.448 51.53366  ? 70  GLN A OE1   1 
ATOM   573  O  OE1   B GLN A 1 70  ? -5.10459  -14.82154 6.33305   0.552 51.50468  ? 70  GLN A OE1   1 
ATOM   574  N  NE2   A GLN A 1 70  ? -2.79476  -14.69063 6.48608   0.448 40.75959  ? 70  GLN A NE2   1 
ATOM   575  N  NE2   B GLN A 1 70  ? -7.27049  -15.11569 5.82670   0.552 49.90279  ? 70  GLN A NE2   1 
ATOM   576  N  N     . PRO A 1 71  ? -7.19104  -11.09611 10.32312  1.000 33.10477  ? 71  PRO A N     1 
ATOM   577  C  CA    . PRO A 1 71  ? -8.50502  -10.81112 10.94970  1.000 27.97670  ? 71  PRO A CA    1 
ATOM   578  C  C     . PRO A 1 71  ? -8.96458  -9.36983  10.74402  1.000 29.10414  ? 71  PRO A C     1 
ATOM   579  O  O     . PRO A 1 71  ? -10.16306 -9.09681  10.50870  1.000 28.20871  ? 71  PRO A O     1 
ATOM   580  C  CB    . PRO A 1 71  ? -8.27203  -11.14113 12.43561  1.000 33.52711  ? 71  PRO A CB    1 
ATOM   581  C  CG    . PRO A 1 71  ? -7.09206  -12.08247 12.43844  1.000 33.71439  ? 71  PRO A CG    1 
ATOM   582  C  CD    . PRO A 1 71  ? -6.22050  -11.65985 11.28088  1.000 33.40055  ? 71  PRO A CD    1 
ATOM   583  N  N     . THR A 1 72  ? -8.01095  -8.43727  10.79488  1.000 25.55883  ? 72  THR A N     1 
ATOM   584  C  CA    . THR A 1 72  ? -8.31110  -7.03774  10.54331  1.000 22.57870  ? 72  THR A CA    1 
ATOM   585  C  C     . THR A 1 72  ? -8.74046  -6.84209  9.09293   1.000 25.47544  ? 72  THR A C     1 
ATOM   586  O  O     . THR A 1 72  ? -9.71114  -6.12061  8.82030   1.000 25.75923  ? 72  THR A O     1 
ATOM   587  C  CB    . THR A 1 72  ? -7.08915  -6.17193  10.86985  1.000 25.01530  ? 72  THR A CB    1 
ATOM   588  O  OG1   . THR A 1 72  ? -6.74853  -6.31515  12.26185  1.000 31.55593  ? 72  THR A OG1   1 
ATOM   589  C  CG2   . THR A 1 72  ? -7.35111  -4.71357  10.55791  1.000 28.68804  ? 72  THR A CG2   1 
ATOM   590  N  N     . VAL A 1 73  ? -8.02909  -7.47724  8.14812   1.000 25.10607  ? 73  VAL A N     1 
ATOM   591  C  CA    . VAL A 1 73  ? -8.42188  -7.37443  6.74051   1.000 22.57396  ? 73  VAL A CA    1 
ATOM   592  C  C     . VAL A 1 73  ? -9.83394  -7.90173  6.54493   1.000 22.56895  ? 73  VAL A C     1 
ATOM   593  O  O     . VAL A 1 73  ? -10.61653 -7.32442  5.78770   1.000 23.34401  ? 73  VAL A O     1 
ATOM   594  C  CB    . VAL A 1 73  ? -7.42694  -8.11183  5.82084   1.000 24.41865  ? 73  VAL A CB    1 
ATOM   595  C  CG1   . VAL A 1 73  ? -7.91025  -8.04478  4.36245   1.000 27.05100  ? 73  VAL A CG1   1 
ATOM   596  C  CG2   . VAL A 1 73  ? -6.03314  -7.51178  5.93701   1.000 31.68200  ? 73  VAL A CG2   1 
ATOM   597  N  N     . THR A 1 74  ? -10.17906 -9.01300  7.19541   1.000 25.54643  ? 74  THR A N     1 
ATOM   598  C  CA    . THR A 1 74  ? -11.51863 -9.57217  6.99082   1.000 22.48018  ? 74  THR A CA    1 
ATOM   599  C  C     . THR A 1 74  ? -12.60812 -8.61403  7.46783   1.000 23.67314  ? 74  THR A C     1 
ATOM   600  O  O     . THR A 1 74  ? -13.61645 -8.41014  6.76957   1.000 22.95100  ? 74  THR A O     1 
ATOM   601  C  CB    . THR A 1 74  ? -11.63364 -10.92868 7.67910   1.000 35.05881  ? 74  THR A CB    1 
ATOM   602  O  OG1   . THR A 1 74  ? -10.78454 -11.85985 7.00096   1.000 38.51066  ? 74  THR A OG1   1 
ATOM   603  C  CG2   . THR A 1 74  ? -13.05867 -11.44366 7.62921   1.000 33.98467  ? 74  THR A CG2   1 
ATOM   604  N  N     . ARG A 1 75  ? -12.42386 -7.98690  8.63571   1.000 24.19509  ? 75  ARG A N     1 
ATOM   605  C  CA    . ARG A 1 75  ? -13.43091 -7.00852  9.08027   1.000 24.02461  ? 75  ARG A CA    1 
ATOM   606  C  C     . ARG A 1 75  ? -13.48696 -5.78877  8.14545   1.000 21.90158  ? 75  ARG A C     1 
ATOM   607  O  O     . ARG A 1 75  ? -14.57697 -5.23268  7.82807   1.000 23.98877  ? 75  ARG A O     1 
ATOM   608  C  CB    . ARG A 1 75  ? -13.13872 -6.59450  10.52659  1.000 25.83497  ? 75  ARG A CB    1 
ATOM   609  C  CG    . ARG A 1 75  ? -13.32787 -7.76111  11.48170  1.000 25.86639  ? 75  ARG A CG    1 
ATOM   610  C  CD    . ARG A 1 75  ? -13.18103 -7.33974  12.93558  1.000 35.46838  ? 75  ARG A CD    1 
ATOM   611  N  NE    . ARG A 1 75  ? -11.78084 -7.20286  13.30549  1.000 40.62657  ? 75  ARG A NE    1 
ATOM   612  C  CZ    . ARG A 1 75  ? -11.01559 -8.20754  13.72176  1.000 44.82819  ? 75  ARG A CZ    1 
ATOM   613  N  NH1   . ARG A 1 75  ? -11.51579 -9.43371  13.82002  1.000 39.86083  ? 75  ARG A NH1   1 
ATOM   614  N  NH2   . ARG A 1 75  ? -9.75031  -7.98329  14.04231  1.000 36.59190  ? 75  ARG A NH2   1 
ATOM   615  N  N     . LEU A 1 76  ? -12.30926 -5.37854  7.65695   1.000 22.39005  ? 76  LEU A N     1 
ATOM   616  C  CA    . LEU A 1 76  ? -12.27208 -4.27682  6.70815   1.000 21.88931  ? 76  LEU A CA    1 
ATOM   617  C  C     . LEU A 1 76  ? -13.05596 -4.61596  5.44795   1.000 22.03604  ? 76  LEU A C     1 
ATOM   618  O  O     . LEU A 1 76  ? -13.82429 -3.79098  4.94211   1.000 22.81545  ? 76  LEU A O     1 
ATOM   619  C  CB    . LEU A 1 76  ? -10.82204 -3.94713  6.36780   1.000 23.60597  ? 76  LEU A CB    1 
ATOM   620  C  CG    . LEU A 1 76  ? -10.61900 -2.80438  5.38169   1.000 29.08728  ? 76  LEU A CG    1 
ATOM   621  C  CD1   . LEU A 1 76  ? -11.31335 -1.53574  5.83546   1.000 30.87639  ? 76  LEU A CD1   1 
ATOM   622  C  CD2   . LEU A 1 76  ? -9.14492  -2.55948  5.16751   1.000 30.54136  ? 76  LEU A CD2   1 
ATOM   623  N  N     . LEU A 1 77  ? -12.87781 -5.82929  4.93313   1.000 22.34109  ? 77  LEU A N     1 
ATOM   624  C  CA    . LEU A 1 77  ? -13.59941 -6.22118  3.72502   1.000 22.58034  ? 77  LEU A CA    1 
ATOM   625  C  C     . LEU A 1 77  ? -15.08843 -6.33714  3.99110   1.000 24.18600  ? 77  LEU A C     1 
ATOM   626  O  O     . LEU A 1 77  ? -15.88802 -6.08826  3.08862   1.000 23.31298  ? 77  LEU A O     1 
ATOM   627  C  CB    . LEU A 1 77  ? -13.04860 -7.54462  3.18583   1.000 21.05325  ? 77  LEU A CB    1 
ATOM   628  C  CG    . LEU A 1 77  ? -11.61438 -7.55997  2.66256   1.000 20.61847  ? 77  LEU A CG    1 
ATOM   629  C  CD1   . LEU A 1 77  ? -11.23735 -8.97623  2.22787   1.000 24.64428  ? 77  LEU A CD1   1 
ATOM   630  C  CD2   . LEU A 1 77  ? -11.43784 -6.56064  1.50485   1.000 21.79410  ? 77  LEU A CD2   1 
ATOM   631  N  N     . ASP A 1 78  ? -15.48893 -6.70155  5.21116   1.000 22.39563  ? 78  ASP A N     1 
ATOM   632  C  CA    . ASP A 1 78  ? -16.91640 -6.66634  5.51914   1.000 20.63361  ? 78  ASP A CA    1 
ATOM   633  C  C     . ASP A 1 78  ? -17.47461 -5.28981  5.20253   1.000 24.00218  ? 78  ASP A C     1 
ATOM   634  O  O     . ASP A 1 78  ? -18.48250 -5.14267  4.48128   1.000 24.53424  ? 78  ASP A O     1 
ATOM   635  C  CB    . ASP A 1 78  ? -17.14064 -6.99028  7.00156   1.000 22.48994  ? 78  ASP A CB    1 
ATOM   636  C  CG    . ASP A 1 78  ? -16.93488 -8.45673  7.33283   1.000 29.49811  ? 78  ASP A CG    1 
ATOM   637  O  OD1   . ASP A 1 78  ? -16.88565 -9.29707  6.40760   1.000 31.43509  ? 78  ASP A OD1   1 
ATOM   638  O  OD2   . ASP A 1 78  ? -16.78632 -8.76088  8.54640   1.000 33.49762  ? 78  ASP A OD2   1 
ATOM   639  N  N     A ARG A 1 79  ? -16.84409 -4.24650  5.74000   0.562 22.04385  ? 79  ARG A N     1 
ATOM   640  N  N     B ARG A 1 79  ? -16.80765 -4.25574  5.72586   0.438 22.11624  ? 79  ARG A N     1 
ATOM   641  C  CA    A ARG A 1 79  ? -17.46627 -2.94790  5.48274   0.562 23.04969  ? 79  ARG A CA    1 
ATOM   642  C  CA    B ARG A 1 79  ? -17.34555 -2.90679  5.55690   0.438 23.86190  ? 79  ARG A CA    1 
ATOM   643  C  C     A ARG A 1 79  ? -17.20919 -2.43393  4.06561   0.562 22.35768  ? 79  ARG A C     1 
ATOM   644  C  C     B ARG A 1 79  ? -17.15224 -2.37476  4.13331   0.438 22.25052  ? 79  ARG A C     1 
ATOM   645  O  O     A ARG A 1 79  ? -18.08056 -1.76757  3.49398   0.562 23.33385  ? 79  ARG A O     1 
ATOM   646  O  O     B ARG A 1 79  ? -18.01712 -1.65155  3.62370   0.438 23.86344  ? 79  ARG A O     1 
ATOM   647  C  CB    A ARG A 1 79  ? -17.03703 -1.90602  6.51032   0.562 28.47219  ? 79  ARG A CB    1 
ATOM   648  C  CB    B ARG A 1 79  ? -16.73427 -1.97360  6.60644   0.438 27.53912  ? 79  ARG A CB    1 
ATOM   649  C  CG    A ARG A 1 79  ? -15.59918 -1.88479  6.87751   0.562 29.74182  ? 79  ARG A CG    1 
ATOM   650  C  CG    B ARG A 1 79  ? -15.57236 -1.10369  6.17115   0.438 26.43238  ? 79  ARG A CG    1 
ATOM   651  C  CD    A ARG A 1 79  ? -15.45169 -0.86233  7.97891   0.562 26.93756  ? 79  ARG A CD    1 
ATOM   652  C  CD    B ARG A 1 79  ? -15.28946 -0.09325  7.28076   0.438 30.49269  ? 79  ARG A CD    1 
ATOM   653  N  NE    A ARG A 1 79  ? -14.13588 -0.90345  8.58641   0.562 29.58019  ? 79  ARG A NE    1 
ATOM   654  N  NE    B ARG A 1 79  ? -14.03040 0.63041   7.11746   0.438 26.95905  ? 79  ARG A NE    1 
ATOM   655  C  CZ    A ARG A 1 79  ? -13.15266 -0.06209  8.29334   0.562 32.04916  ? 79  ARG A CZ    1 
ATOM   656  C  CZ    B ARG A 1 79  ? -12.94040 0.42631   7.85498   0.438 30.30038  ? 79  ARG A CZ    1 
ATOM   657  N  NH1   A ARG A 1 79  ? -13.33903 0.88693   7.38817   0.562 35.00385  ? 79  ARG A NH1   1 
ATOM   658  N  NH1   B ARG A 1 79  ? -11.85006 1.14907   7.63781   0.438 28.34038  ? 79  ARG A NH1   1 
ATOM   659  N  NH2   A ARG A 1 79  ? -11.98533 -0.17208  8.90960   0.562 30.74670  ? 79  ARG A NH2   1 
ATOM   660  N  NH2   B ARG A 1 79  ? -12.92928 -0.50467  8.80293   0.438 28.53123  ? 79  ARG A NH2   1 
ATOM   661  N  N     . MET A 1 80  ? -16.05480 -2.74224  3.46390   1.000 20.47372  ? 80  MET A N     1 
ATOM   662  C  CA    . MET A 1 80  ? -15.82474 -2.29324  2.08245   1.000 22.39413  ? 80  MET A CA    1 
ATOM   663  C  C     . MET A 1 80  ? -16.74952 -2.99559  1.08394   1.000 24.02495  ? 80  MET A C     1 
ATOM   664  O  O     . MET A 1 80  ? -17.18137 -2.38105  0.09252   1.000 22.50282  ? 80  MET A O     1 
ATOM   665  C  CB    . MET A 1 80  ? -14.35650 -2.50970  1.70113   1.000 22.64798  ? 80  MET A CB    1 
ATOM   666  C  CG    . MET A 1 80  ? -13.39604 -1.66690  2.55313   1.000 23.62827  ? 80  MET A CG    1 
ATOM   667  S  SD    . MET A 1 80  ? -11.66118 -1.86555  2.09314   1.000 27.59886  ? 80  MET A SD    1 
ATOM   668  C  CE    . MET A 1 80  ? -11.60445 -0.86215  0.62673   1.000 29.17185  ? 80  MET A CE    1 
ATOM   669  N  N     . GLU A 1 81  ? -17.07266 -4.26812  1.32758   1.000 21.48146  ? 81  GLU A N     1 
ATOM   670  C  CA    . GLU A 1 81  ? -18.05344 -4.96881  0.49888   1.000 20.77492  ? 81  GLU A CA    1 
ATOM   671  C  C     . GLU A 1 81  ? -19.45200 -4.40578  0.71367   1.000 21.73606  ? 81  GLU A C     1 
ATOM   672  O  O     . GLU A 1 81  ? -20.22427 -4.28694  -0.24596  1.000 24.32650  ? 81  GLU A O     1 
ATOM   673  C  CB    . GLU A 1 81  ? -18.00753 -6.47774  0.80340   1.000 25.73750  ? 81  GLU A CB    1 
ATOM   674  C  CG    . GLU A 1 81  ? -18.78151 -7.33908  -0.20406  1.000 33.33712  ? 81  GLU A CG    1 
ATOM   675  C  CD    . GLU A 1 81  ? -18.36891 -8.80896  -0.18412  1.000 40.80008  ? 81  GLU A CD    1 
ATOM   676  O  OE1   . GLU A 1 81  ? -17.92505 -9.30093  0.87624   1.000 37.44837  ? 81  GLU A OE1   1 
ATOM   677  O  OE2   . GLU A 1 81  ? -18.49358 -9.47141  -1.23635  1.000 35.99695  ? 81  GLU A OE2   1 
ATOM   678  N  N     . ALA A 1 82  ? -19.81133 -4.06263  1.96725   1.000 23.60843  ? 82  ALA A N     1 
ATOM   679  C  CA    . ALA A 1 82  ? -21.10324 -3.41118  2.19386   1.000 23.24716  ? 82  ALA A CA    1 
ATOM   680  C  C     . ALA A 1 82  ? -21.20961 -2.10312  1.42947   1.000 23.86757  ? 82  ALA A C     1 
ATOM   681  O  O     . ALA A 1 82  ? -22.30491 -1.72185  0.99749   1.000 28.61505  ? 82  ALA A O     1 
ATOM   682  C  CB    . ALA A 1 82  ? -21.33107 -3.16566  3.69085   1.000 23.17492  ? 82  ALA A CB    1 
ATOM   683  N  N     . ARG A 1 83  ? -20.08661 -1.41077  1.23860   1.000 23.34444  ? 83  ARG A N     1 
ATOM   684  C  CA    . ARG A 1 83  ? -20.08531 -0.16199  0.49313   1.000 23.43555  ? 83  ARG A CA    1 
ATOM   685  C  C     . ARG A 1 83  ? -19.96653 -0.37538  -1.01164  1.000 26.12619  ? 83  ARG A C     1 
ATOM   686  O  O     . ARG A 1 83  ? -19.87318 0.60533   -1.75252  1.000 26.38829  ? 83  ARG A O     1 
ATOM   687  C  CB    . ARG A 1 83  ? -18.94186 0.72975   0.98218   1.000 27.76294  ? 83  ARG A CB    1 
ATOM   688  C  CG    . ARG A 1 83  ? -19.17174 1.28051   2.39001   1.000 28.56447  ? 83  ARG A CG    1 
ATOM   689  C  CD    . ARG A 1 83  ? -17.92712 1.92486   2.97930   1.000 35.52974  ? 83  ARG A CD    1 
ATOM   690  N  NE    . ARG A 1 83  ? -17.49378 3.11139   2.25023   1.000 49.06222  ? 83  ARG A NE    1 
ATOM   691  C  CZ    . ARG A 1 83  ? -16.40169 3.80795   2.55260   1.000 67.34673  ? 83  ARG A CZ    1 
ATOM   692  N  NH1   . ARG A 1 83  ? -15.64350 3.44976   3.58809   1.000 54.32179  ? 83  ARG A NH1   1 
ATOM   693  N  NH2   . ARG A 1 83  ? -16.07654 4.87071   1.82944   1.000 55.00149  ? 83  ARG A NH2   1 
ATOM   694  N  N     . GLY A 1 84  ? -19.92850 -1.62237  -1.47218  1.000 23.47036  ? 84  GLY A N     1 
ATOM   695  C  CA    . GLY A 1 84  ? -19.88271 -1.86932  -2.89629  1.000 22.78655  ? 84  GLY A CA    1 
ATOM   696  C  C     . GLY A 1 84  ? -18.53388 -1.65587  -3.53451  1.000 22.63794  ? 84  GLY A C     1 
ATOM   697  O  O     . GLY A 1 84  ? -18.45510 -1.57265  -4.76485  1.000 25.67719  ? 84  GLY A O     1 
ATOM   698  N  N     . GLN A 1 85  ? -17.46122 -1.58040  -2.74005  1.000 20.59894  ? 85  GLN A N     1 
ATOM   699  C  CA    . GLN A 1 85  ? -16.15715 -1.18926  -3.26307  1.000 21.85704  ? 85  GLN A CA    1 
ATOM   700  C  C     . GLN A 1 85  ? -15.25777 -2.36929  -3.57163  1.000 20.03202  ? 85  GLN A C     1 
ATOM   701  O  O     . GLN A 1 85  ? -14.31192 -2.22733  -4.35334  1.000 21.74436  ? 85  GLN A O     1 
ATOM   702  C  CB    . GLN A 1 85  ? -15.45232 -0.26732  -2.25355  1.000 25.07398  ? 85  GLN A CB    1 
ATOM   703  C  CG    . GLN A 1 85  ? -16.14348 1.08248   -2.13753  1.000 34.60108  ? 85  GLN A CG    1 
ATOM   704  C  CD    . GLN A 1 85  ? -15.59078 1.91197   -1.00529  1.000 41.24925  ? 85  GLN A CD    1 
ATOM   705  O  OE1   . GLN A 1 85  ? -15.11156 1.37256   -0.00580  1.000 41.19536  ? 85  GLN A OE1   1 
ATOM   706  N  NE2   . GLN A 1 85  ? -15.65248 3.22910   -1.15250  1.000 53.05073  ? 85  GLN A NE2   1 
ATOM   707  N  N     . VAL A 1 86  ? -15.53533 -3.52367  -2.97640  1.000 22.30428  ? 86  VAL A N     1 
ATOM   708  C  CA    . VAL A 1 86  ? -14.81538 -4.75394  -3.24865  1.000 22.36592  ? 86  VAL A CA    1 
ATOM   709  C  C     . VAL A 1 86  ? -15.85023 -5.86421  -3.28592  1.000 22.63494  ? 86  VAL A C     1 
ATOM   710  O  O     . VAL A 1 86  ? -17.00362 -5.68502  -2.88329  1.000 24.12696  ? 86  VAL A O     1 
ATOM   711  C  CB    . VAL A 1 86  ? -13.75668 -5.06409  -2.17248  1.000 25.69112  ? 86  VAL A CB    1 
ATOM   712  C  CG1   . VAL A 1 86  ? -12.72876 -3.95466  -2.09472  1.000 26.08531  ? 86  VAL A CG1   1 
ATOM   713  C  CG2   . VAL A 1 86  ? -14.45759 -5.28684  -0.82418  1.000 28.35825  ? 86  VAL A CG2   1 
ATOM   714  N  N     . GLU A 1 87  ? -15.41232 -7.03143  -3.74936  1.000 23.95604  ? 87  GLU A N     1 
ATOM   715  C  CA    . GLU A 1 87  ? -16.27093 -8.20746  -3.75879  1.000 25.59894  ? 87  GLU A CA    1 
ATOM   716  C  C     . GLU A 1 87  ? -15.43730 -9.41948  -3.40868  1.000 23.78322  ? 87  GLU A C     1 
ATOM   717  O  O     . GLU A 1 87  ? -14.33355 -9.59271  -3.93615  1.000 25.70760  ? 87  GLU A O     1 
ATOM   718  C  CB    . GLU A 1 87  ? -16.94709 -8.43392  -5.12413  1.000 29.65057  ? 87  GLU A CB    1 
ATOM   719  C  CG    . GLU A 1 87  ? -17.87374 -9.65672  -5.10949  1.000 30.36814  ? 87  GLU A CG    1 
ATOM   720  C  CD    . GLU A 1 87  ? -18.35347 -10.07679 -6.50120  1.000 42.53015  ? 87  GLU A CD    1 
ATOM   721  O  OE1   . GLU A 1 87  ? -17.71545 -9.70995  -7.50795  1.000 33.41313  ? 87  GLU A OE1   1 
ATOM   722  O  OE2   . GLU A 1 87  ? -19.37348 -10.79068 -6.57755  1.000 48.61146  ? 87  GLU A OE2   1 
ATOM   723  N  N     . ARG A 1 88  ? -15.97186 -10.24707 -2.51593  1.000 25.58286  ? 88  ARG A N     1 
ATOM   724  C  CA    . ARG A 1 88  ? -15.37167 -11.52916 -2.18979  1.000 27.68496  ? 88  ARG A CA    1 
ATOM   725  C  C     . ARG A 1 88  ? -16.06192 -12.61994 -2.99998  1.000 29.38109  ? 88  ARG A C     1 
ATOM   726  O  O     . ARG A 1 88  ? -17.27670 -12.57145 -3.21667  1.000 36.86254  ? 88  ARG A O     1 
ATOM   727  C  CB    . ARG A 1 88  ? -15.48863 -11.82212 -0.69359  1.000 31.26081  ? 88  ARG A CB    1 
ATOM   728  C  CG    . ARG A 1 88  ? -14.34978 -11.23218 0.11734   1.000 28.87341  ? 88  ARG A CG    1 
ATOM   729  C  CD    . ARG A 1 88  ? -14.56830 -11.37945 1.61119   1.000 33.07862  ? 88  ARG A CD    1 
ATOM   730  N  NE    . ARG A 1 88  ? -15.69029 -10.57122 2.06972   1.000 33.89453  ? 88  ARG A NE    1 
ATOM   731  C  CZ    . ARG A 1 88  ? -15.88591 -10.22098 3.33683   1.000 29.88588  ? 88  ARG A CZ    1 
ATOM   732  N  NH1   . ARG A 1 88  ? -15.02398 -10.60252 4.27890   1.000 32.38978  ? 88  ARG A NH1   1 
ATOM   733  N  NH2   . ARG A 1 88  ? -16.93750 -9.48394  3.65281   1.000 33.74540  ? 88  ARG A NH2   1 
ATOM   734  N  N     . LEU A 1 89  ? -15.28066 -13.60394 -3.42530  1.000 32.36853  ? 89  LEU A N     1 
ATOM   735  C  CA    . LEU A 1 89  ? -15.70869 -14.64830 -4.34378  1.000 41.75426  ? 89  LEU A CA    1 
ATOM   736  C  C     . LEU A 1 89  ? -15.04154 -15.95452 -3.95632  1.000 37.81989  ? 89  LEU A C     1 
ATOM   737  O  O     . LEU A 1 89  ? -13.90475 -15.95175 -3.47023  1.000 41.73963  ? 89  LEU A O     1 
ATOM   738  C  CB    . LEU A 1 89  ? -15.32679 -14.30203 -5.78992  1.000 43.51480  ? 89  LEU A CB    1 
ATOM   739  C  CG    . LEU A 1 89  ? -16.19711 -13.28797 -6.52563  1.000 57.74197  ? 89  LEU A CG    1 
ATOM   740  C  CD1   . LEU A 1 89  ? -15.44959 -12.75752 -7.73475  1.000 59.72333  ? 89  LEU A CD1   1 
ATOM   741  C  CD2   . LEU A 1 89  ? -17.51948 -13.91518 -6.93960  1.000 65.99724  ? 89  LEU A CD2   1 
ATOM   742  N  N     . PRO A 1 90  ? -15.69860 -17.08750 -4.17795  1.000 46.74797  ? 90  PRO A N     1 
ATOM   743  C  CA    . PRO A 1 90  ? -15.05759 -18.37278 -3.89514  1.000 48.17689  ? 90  PRO A CA    1 
ATOM   744  C  C     . PRO A 1 90  ? -14.02536 -18.72635 -4.95294  1.000 47.82654  ? 90  PRO A C     1 
ATOM   745  O  O     . PRO A 1 90  ? -14.14563 -18.36178 -6.12466  1.000 61.53949  ? 90  PRO A O     1 
ATOM   746  C  CB    . PRO A 1 90  ? -16.23067 -19.35841 -3.91358  1.000 51.20665  ? 90  PRO A CB    1 
ATOM   747  C  CG    . PRO A 1 90  ? -17.16924 -18.76177 -4.89979  1.000 48.22054  ? 90  PRO A CG    1 
ATOM   748  C  CD    . PRO A 1 90  ? -17.05408 -17.25753 -4.73461  1.000 55.74302  ? 90  PRO A CD    1 
ATOM   749  N  N     . HIS A 1 91  ? -12.99240 -19.44240 -4.51891  1.000 53.75627  ? 91  HIS A N     1 
ATOM   750  C  CA    . HIS A 1 91  ? -11.95564 -19.89927 -5.43889  1.000 62.02705  ? 91  HIS A CA    1 
ATOM   751  C  C     . HIS A 1 91  ? -12.53429 -20.83118 -6.49891  1.000 60.07035  ? 91  HIS A C     1 
ATOM   752  O  O     . HIS A 1 91  ? -12.98567 -21.92997 -6.18327  1.000 61.99197  ? 91  HIS A O     1 
ATOM   753  C  CB    . HIS A 1 91  ? -10.83376 -20.60984 -4.68432  1.000 78.80989  ? 91  HIS A CB    1 
ATOM   754  C  CG    . HIS A 1 91  ? -9.71129  -21.06074 -5.56560  1.000 92.47879  ? 91  HIS A CG    1 
ATOM   755  N  ND1   . HIS A 1 91  ? -9.65819  -22.32313 -6.11635  1.000 99.23556  ? 91  HIS A ND1   1 
ATOM   756  C  CD2   . HIS A 1 91  ? -8.60248  -20.41488 -5.99736  1.000 96.24574  ? 91  HIS A CD2   1 
ATOM   757  C  CE1   . HIS A 1 91  ? -8.56340  -22.43631 -6.84692  1.000 104.95875 ? 91  HIS A CE1   1 
ATOM   758  N  NE2   . HIS A 1 91  ? -7.90518  -21.29246 -6.79133  1.000 104.86537 ? 91  HIS A NE2   1 
ATOM   759  N  N     . ILE A 1 97  ? -10.83615 -21.45815 0.02786   1.000 71.41688  ? 97  ILE A N     1 
ATOM   760  C  CA    . ILE A 1 97  ? -10.11764 -20.19922 -0.12362  1.000 60.84508  ? 97  ILE A CA    1 
ATOM   761  C  C     . ILE A 1 97  ? -11.05418 -19.11141 -0.64613  1.000 63.23812  ? 97  ILE A C     1 
ATOM   762  O  O     . ILE A 1 97  ? -11.86140 -19.35475 -1.53970  1.000 49.32905  ? 97  ILE A O     1 
ATOM   763  C  CB    . ILE A 1 97  ? -8.90036  -20.37222 -1.04915  1.000 67.15886  ? 97  ILE A CB    1 
ATOM   764  C  CG1   . ILE A 1 97  ? -7.89515  -21.34647 -0.43667  1.000 61.34908  ? 97  ILE A CG1   1 
ATOM   765  C  CG2   . ILE A 1 97  ? -8.24460  -19.03675 -1.34390  1.000 60.72804  ? 97  ILE A CG2   1 
ATOM   766  C  CD1   . ILE A 1 97  ? -7.53736  -22.51170 -1.32261  1.000 81.68808  ? 97  ILE A CD1   1 
ATOM   767  N  N     . THR A 1 98  ? -10.94173 -17.91245 -0.07992  1.000 49.42545  ? 98  THR A N     1 
ATOM   768  C  CA    . THR A 1 98  ? -11.73058 -16.75993 -0.49617  1.000 41.76498  ? 98  THR A CA    1 
ATOM   769  C  C     . THR A 1 98  ? -10.84521 -15.80395 -1.28618  1.000 35.57623  ? 98  THR A C     1 
ATOM   770  O  O     . THR A 1 98  ? -9.76485  -15.42407 -0.82367  1.000 39.92385  ? 98  THR A O     1 
ATOM   771  C  CB    . THR A 1 98  ? -12.35247 -16.04884 0.71314   1.000 45.06196  ? 98  THR A CB    1 
ATOM   772  O  OG1   . THR A 1 98  ? -13.14765 -16.97641 1.46140   1.000 48.49619  ? 98  THR A OG1   1 
ATOM   773  C  CG2   . THR A 1 98  ? -13.24457 -14.88900 0.26789   1.000 40.94068  ? 98  THR A CG2   1 
ATOM   774  N  N     . LEU A 1 99  ? -11.28536 -15.45705 -2.49067  1.000 36.46182  ? 99  LEU A N     1 
ATOM   775  C  CA    . LEU A 1 99  ? -10.66037 -14.43959 -3.32167  1.000 34.27280  ? 99  LEU A CA    1 
ATOM   776  C  C     . LEU A 1 99  ? -11.37536 -13.10847 -3.13709  1.000 28.19058  ? 99  LEU A C     1 
ATOM   777  O  O     . LEU A 1 99  ? -12.53349 -13.05193 -2.71507  1.000 33.03968  ? 99  LEU A O     1 
ATOM   778  C  CB    . LEU A 1 99  ? -10.69120 -14.84052 -4.79837  1.000 32.44759  ? 99  LEU A CB    1 
ATOM   779  C  CG    . LEU A 1 99  ? -10.17745 -16.25356 -5.06715  1.000 41.94318  ? 99  LEU A CG    1 
ATOM   780  C  CD1   . LEU A 1 99  ? -10.33072 -16.61391 -6.53845  1.000 44.44397  ? 99  LEU A CD1   1 
ATOM   781  C  CD2   . LEU A 1 99  ? -8.72925  -16.37022 -4.62864  1.000 39.75201  ? 99  LEU A CD2   1 
ATOM   782  N  N     . VAL A 1 100 ? -10.67781 -12.03164 -3.48307  1.000 29.34416  ? 100 VAL A N     1 
ATOM   783  C  CA    . VAL A 1 100 ? -11.24414 -10.69379 -3.36582  1.000 26.40314  ? 100 VAL A CA    1 
ATOM   784  C  C     . VAL A 1 100 ? -10.78705 -9.85788  -4.55427  1.000 26.48575  ? 100 VAL A C     1 
ATOM   785  O  O     . VAL A 1 100 ? -9.66192  -10.00725 -5.04421  1.000 26.95973  ? 100 VAL A O     1 
ATOM   786  C  CB    . VAL A 1 100 ? -10.87175 -10.03279 -2.01765  1.000 30.62401  ? 100 VAL A CB    1 
ATOM   787  C  CG1   . VAL A 1 100 ? -9.38869  -9.94435  -1.85908  1.000 30.00017  ? 100 VAL A CG1   1 
ATOM   788  C  CG2   . VAL A 1 100 ? -11.52560 -8.64320  -1.88513  1.000 24.89890  ? 100 VAL A CG2   1 
ATOM   789  N  N     A ARG A 1 101 ? -11.67935 -8.99065  -5.03315  0.469 26.30248  ? 101 ARG A N     1 
ATOM   790  N  N     B ARG A 1 101 ? -11.68073 -8.99055  -5.03096  0.531 26.28485  ? 101 ARG A N     1 
ATOM   791  C  CA    A ARG A 1 101 ? -11.37248 -8.10002  -6.14134  0.469 24.09290  ? 101 ARG A CA    1 
ATOM   792  C  CA    B ARG A 1 101 ? -11.39563 -8.10562  -6.14921  0.531 24.14136  ? 101 ARG A CA    1 
ATOM   793  C  C     A ARG A 1 101 ? -11.95680 -6.72795  -5.84828  0.469 22.51286  ? 101 ARG A C     1 
ATOM   794  C  C     B ARG A 1 101 ? -11.94380 -6.72498  -5.82735  0.531 22.35082  ? 101 ARG A C     1 
ATOM   795  O  O     A ARG A 1 101 ? -12.87878 -6.58564  -5.04274  0.469 24.92512  ? 101 ARG A O     1 
ATOM   796  O  O     B ARG A 1 101 ? -12.83687 -6.57486  -4.99023  0.531 24.90586  ? 101 ARG A O     1 
ATOM   797  C  CB    A ARG A 1 101 ? -11.92818 -8.63046  -7.47752  0.469 24.34655  ? 101 ARG A CB    1 
ATOM   798  C  CB    B ARG A 1 101 ? -12.03030 -8.61183  -7.45949  0.531 24.26602  ? 101 ARG A CB    1 
ATOM   799  C  CG    A ARG A 1 101 ? -13.41888 -8.93787  -7.43958  0.469 30.21564  ? 101 ARG A CG    1 
ATOM   800  C  CG    B ARG A 1 101 ? -13.54851 -8.49962  -7.42800  0.531 27.04214  ? 101 ARG A CG    1 
ATOM   801  C  CD    A ARG A 1 101 ? -13.95352 -9.30000  -8.82710  0.469 25.43548  ? 101 ARG A CD    1 
ATOM   802  C  CD    B ARG A 1 101 ? -14.24474 -8.95850  -8.71122  0.531 27.09080  ? 101 ARG A CD    1 
ATOM   803  N  NE    A ARG A 1 101 ? -13.95833 -8.14268  -9.72360  0.469 32.03446  ? 101 ARG A NE    1 
ATOM   804  N  NE    B ARG A 1 101 ? -15.67345 -8.69882  -8.57972  0.531 26.31472  ? 101 ARG A NE    1 
ATOM   805  C  CZ    A ARG A 1 101 ? -14.99867 -7.32895  -9.90084  0.469 20.36629  ? 101 ARG A CZ    1 
ATOM   806  C  CZ    B ARG A 1 101 ? -16.31213 -7.64076  -9.07357  0.531 23.43492  ? 101 ARG A CZ    1 
ATOM   807  N  NH1   A ARG A 1 101 ? -14.89946 -6.29329  -10.72386 0.469 21.14485  ? 101 ARG A NH1   1 
ATOM   808  N  NH1   B ARG A 1 101 ? -15.67450 -6.73067  -9.79788  0.531 21.15759  ? 101 ARG A NH1   1 
ATOM   809  N  NH2   A ARG A 1 101 ? -16.13529 -7.53100  -9.24273  0.469 22.83750  ? 101 ARG A NH2   1 
ATOM   810  N  NH2   B ARG A 1 101 ? -17.60393 -7.50297  -8.84535  0.531 22.92103  ? 101 ARG A NH2   1 
ATOM   811  N  N     . ILE A 1 102 ? -11.40868 -5.71536  -6.51500  1.000 22.20591  ? 102 ILE A N     1 
ATOM   812  C  CA    . ILE A 1 102 ? -12.00687 -4.38552  -6.48644  1.000 20.16931  ? 102 ILE A CA    1 
ATOM   813  C  C     . ILE A 1 102 ? -13.15740 -4.37021  -7.48878  1.000 24.18550  ? 102 ILE A C     1 
ATOM   814  O  O     . ILE A 1 102 ? -13.11114 -5.06120  -8.51197  1.000 26.67882  ? 102 ILE A O     1 
ATOM   815  C  CB    . ILE A 1 102 ? -10.95524 -3.30125  -6.80304  1.000 22.12115  ? 102 ILE A CB    1 
ATOM   816  C  CG1   . ILE A 1 102 ? -11.45912 -1.90689  -6.40525  1.000 21.89209  ? 102 ILE A CG1   1 
ATOM   817  C  CG2   . ILE A 1 102 ? -10.53481 -3.33439  -8.28045  1.000 27.28326  ? 102 ILE A CG2   1 
ATOM   818  C  CD1   . ILE A 1 102 ? -10.37517 -0.81055  -6.45707  1.000 23.79317  ? 102 ILE A CD1   1 
ATOM   819  N  N     . THR A 1 103 ? -14.20769 -3.61751  -7.18288  1.000 21.30041  ? 103 THR A N     1 
ATOM   820  C  CA    . THR A 1 103 ? -15.29364 -3.39847  -8.13444  1.000 20.00107  ? 103 THR A CA    1 
ATOM   821  C  C     . THR A 1 103 ? -15.03529 -2.13519  -8.92824  1.000 21.30774  ? 103 THR A C     1 
ATOM   822  O  O     . THR A 1 103 ? -14.13735 -1.35908  -8.63549  1.000 22.25447  ? 103 THR A O     1 
ATOM   823  C  CB    . THR A 1 103 ? -16.62332 -3.22297  -7.42855  1.000 20.75668  ? 103 THR A CB    1 
ATOM   824  O  OG1   . THR A 1 103 ? -16.55059 -2.02546  -6.64341  1.000 22.56572  ? 103 THR A OG1   1 
ATOM   825  C  CG2   . THR A 1 103 ? -16.96546 -4.39692  -6.55364  1.000 22.87059  ? 103 THR A CG2   1 
ATOM   826  N  N     A ARG A 1 104 ? -15.85958 -1.91578  -9.95371  0.643 21.54732  ? 104 ARG A N     1 
ATOM   827  N  N     B ARG A 1 104 ? -15.86451 -1.91009  -9.95070  0.357 21.57842  ? 104 ARG A N     1 
ATOM   828  C  CA    A ARG A 1 104 ? -15.73400 -0.67675  -10.70291 0.643 20.50267  ? 104 ARG A CA    1 
ATOM   829  C  CA    B ARG A 1 104 ? -15.73814 -0.67003  -10.70492 0.357 20.62824  ? 104 ARG A CA    1 
ATOM   830  C  C     A ARG A 1 104 ? -15.95018 0.53412   -9.80396  0.643 21.98475  ? 104 ARG A C     1 
ATOM   831  C  C     B ARG A 1 104 ? -15.95863 0.54190   -9.80856  0.357 22.06424  ? 104 ARG A C     1 
ATOM   832  O  O     A ARG A 1 104 ? -15.26949 1.55479   -9.95917  0.643 24.17987  ? 104 ARG A O     1 
ATOM   833  O  O     B ARG A 1 104 ? -15.29103 1.57024   -9.96974  0.357 24.12570  ? 104 ARG A O     1 
ATOM   834  C  CB    A ARG A 1 104 ? -16.72690 -0.66719  -11.86685 0.643 20.95032  ? 104 ARG A CB    1 
ATOM   835  C  CB    B ARG A 1 104 ? -16.72353 -0.65371  -11.87534 0.357 21.13038  ? 104 ARG A CB    1 
ATOM   836  C  CG    A ARG A 1 104 ? -16.63725 0.60825   -12.71126 0.643 26.66522  ? 104 ARG A CG    1 
ATOM   837  C  CG    B ARG A 1 104 ? -16.69236 0.66629   -12.65361 0.357 26.65693  ? 104 ARG A CG    1 
ATOM   838  C  CD    A ARG A 1 104 ? -17.48084 0.50020   -13.96491 0.643 33.25378  ? 104 ARG A CD    1 
ATOM   839  C  CD    B ARG A 1 104 ? -17.87360 0.81137   -13.60275 0.357 27.80993  ? 104 ARG A CD    1 
ATOM   840  N  NE    A ARG A 1 104 ? -17.10325 1.47852   -14.98207 0.643 30.39060  ? 104 ARG A NE    1 
ATOM   841  N  NE    B ARG A 1 104 ? -18.27827 2.20647   -13.75631 0.357 29.37811  ? 104 ARG A NE    1 
ATOM   842  C  CZ    A ARG A 1 104 ? -17.55277 2.72904   -15.02440 0.643 35.35886  ? 104 ARG A CZ    1 
ATOM   843  C  CZ    B ARG A 1 104 ? -17.97425 2.96984   -14.80082 0.357 32.97070  ? 104 ARG A CZ    1 
ATOM   844  N  NH1   A ARG A 1 104 ? -18.39904 3.16423   -14.09919 0.643 26.80546  ? 104 ARG A NH1   1 
ATOM   845  N  NH1   B ARG A 1 104 ? -18.39461 4.22738   -14.84566 0.357 29.16398  ? 104 ARG A NH1   1 
ATOM   846  N  NH2   A ARG A 1 104 ? -17.15553 3.54577   -15.99599 0.643 41.76067  ? 104 ARG A NH2   1 
ATOM   847  N  NH2   B ARG A 1 104 ? -17.25541 2.47971   -15.80327 0.357 44.56454  ? 104 ARG A NH2   1 
ATOM   848  N  N     . LYS A 1 105 ? -16.89269 0.44122   -8.85853  1.000 22.03404  ? 105 LYS A N     1 
ATOM   849  C  CA    . LYS A 1 105 ? -17.14756 1.55547   -7.94481  1.000 21.39150  ? 105 LYS A CA    1 
ATOM   850  C  C     . LYS A 1 105 ? -15.90190 1.85827   -7.12193  1.000 25.80675  ? 105 LYS A C     1 
ATOM   851  O  O     . LYS A 1 105 ? -15.51849 3.02658   -6.94538  1.000 25.05621  ? 105 LYS A O     1 
ATOM   852  C  CB    . LYS A 1 105 ? -18.31627 1.21964   -7.02549  1.000 22.66080  ? 105 LYS A CB    1 
ATOM   853  C  CG    . LYS A 1 105 ? -18.69402 2.32856   -6.03383  1.000 25.15337  ? 105 LYS A CG    1 
ATOM   854  C  CD    . LYS A 1 105 ? -19.80976 1.86736   -5.10801  1.000 28.99875  ? 105 LYS A CD    1 
ATOM   855  C  CE    . LYS A 1 105 ? -20.21956 2.96263   -4.14084  1.000 34.96420  ? 105 LYS A CE    1 
ATOM   856  N  NZ    . LYS A 1 105 ? -21.45810 2.57882   -3.39800  1.000 44.34101  ? 105 LYS A NZ    1 
ATOM   857  N  N     . GLY A 1 106 ? -15.23767 0.81267   -6.65498  1.000 23.04019  ? 106 GLY A N     1 
ATOM   858  C  CA    . GLY A 1 106 ? -13.99865 1.02067   -5.90599  1.000 19.13900  ? 106 GLY A CA    1 
ATOM   859  C  C     . GLY A 1 106 ? -12.90711 1.62769   -6.76432  1.000 23.58218  ? 106 GLY A C     1 
ATOM   860  O  O     . GLY A 1 106 ? -12.18437 2.53442   -6.33140  1.000 24.02672  ? 106 GLY A O     1 
ATOM   861  N  N     . LEU A 1 107 ? -12.76448 1.12696   -7.99583  1.000 23.24365  ? 107 LEU A N     1 
ATOM   862  C  CA    . LEU A 1 107 ? -11.74850 1.65419   -8.89218  1.000 23.29973  ? 107 LEU A CA    1 
ATOM   863  C  C     . LEU A 1 107 ? -11.98085 3.13416   -9.15857  1.000 26.48737  ? 107 LEU A C     1 
ATOM   864  O  O     . LEU A 1 107 ? -11.04278 3.93822   -9.13843  1.000 25.68823  ? 107 LEU A O     1 
ATOM   865  C  CB    . LEU A 1 107 ? -11.76311 0.85288   -10.19409 1.000 27.75735  ? 107 LEU A CB    1 
ATOM   866  C  CG    . LEU A 1 107 ? -10.66909 1.13339   -11.22193 1.000 29.70907  ? 107 LEU A CG    1 
ATOM   867  C  CD1   . LEU A 1 107 ? -9.30329  0.72425   -10.66470 1.000 30.99344  ? 107 LEU A CD1   1 
ATOM   868  C  CD2   . LEU A 1 107 ? -10.96458 0.37036   -12.48880 1.000 33.31829  ? 107 LEU A CD2   1 
ATOM   869  N  N     . LYS A 1 108 ? -13.23103 3.51577   -9.42537  1.000 27.70669  ? 108 LYS A N     1 
ATOM   870  C  CA    . LYS A 1 108 ? -13.51376 4.92361   -9.65235  1.000 25.14524  ? 108 LYS A CA    1 
ATOM   871  C  C     . LYS A 1 108 ? -13.28895 5.74641   -8.39467  1.000 26.30818  ? 108 LYS A C     1 
ATOM   872  O  O     . LYS A 1 108 ? -12.89697 6.91743   -8.48728  1.000 30.89592  ? 108 LYS A O     1 
ATOM   873  C  CB    . LYS A 1 108 ? -14.94669 5.09664   -10.15442 1.000 29.26223  ? 108 LYS A CB    1 
ATOM   874  C  CG    . LYS A 1 108 ? -15.19132 4.47827   -11.52022 1.000 34.99385  ? 108 LYS A CG    1 
ATOM   875  C  CD    . LYS A 1 108 ? -14.56481 5.32625   -12.61488 1.000 44.69240  ? 108 LYS A CD    1 
ATOM   876  C  CE    . LYS A 1 108 ? -14.73106 4.68418   -13.98322 1.000 56.59230  ? 108 LYS A CE    1 
ATOM   877  N  NZ    . LYS A 1 108 ? -14.28092 5.60600   -15.06190 1.000 51.81298  ? 108 LYS A NZ    1 
ATOM   878  N  N     . ALA A 1 109 ? -13.49645 5.14846   -7.22013  1.000 24.16222  ? 109 ALA A N     1 
ATOM   879  C  CA    . ALA A 1 109 ? -13.26635 5.87365   -5.97089  1.000 24.26718  ? 109 ALA A CA    1 
ATOM   880  C  C     . ALA A 1 109 ? -11.78863 6.15351   -5.73681  1.000 25.81277  ? 109 ALA A C     1 
ATOM   881  O  O     . ALA A 1 109 ? -11.45109 7.18719   -5.14789  1.000 26.52785  ? 109 ALA A O     1 
ATOM   882  C  CB    . ALA A 1 109 ? -13.81936 5.09673   -4.77509  1.000 24.45551  ? 109 ALA A CB    1 
ATOM   883  N  N     . VAL A 1 110 ? -10.90719 5.25605   -6.17638  1.000 22.78635  ? 110 VAL A N     1 
ATOM   884  C  CA    . VAL A 1 110 ? -9.48679  5.35652   -5.82526  1.000 22.69729  ? 110 VAL A CA    1 
ATOM   885  C  C     . VAL A 1 110 ? -8.59694  5.88148   -6.95854  1.000 26.65210  ? 110 VAL A C     1 
ATOM   886  O  O     . VAL A 1 110 ? -7.42900  6.21359   -6.69372  1.000 24.09068  ? 110 VAL A O     1 
ATOM   887  C  CB    . VAL A 1 110 ? -8.94978  3.99625   -5.32367  1.000 21.33123  ? 110 VAL A CB    1 
ATOM   888  C  CG1   . VAL A 1 110 ? -8.67048  3.06985   -6.47719  1.000 23.35039  ? 110 VAL A CG1   1 
ATOM   889  C  CG2   . VAL A 1 110 ? -7.66913  4.17444   -4.46544  1.000 21.96008  ? 110 VAL A CG2   1 
ATOM   890  N  N     . GLU A 1 111 ? -9.07065  5.94861   -8.21144  1.000 25.16930  ? 111 GLU A N     1 
ATOM   891  C  CA    . GLU A 1 111 ? -8.10321  6.15675   -9.29380  1.000 22.39370  ? 111 GLU A CA    1 
ATOM   892  C  C     . GLU A 1 111 ? -7.43671  7.53908   -9.22736  1.000 24.70153  ? 111 GLU A C     1 
ATOM   893  O  O     . GLU A 1 111 ? -6.23294  7.67114   -9.51233  1.000 26.78288  ? 111 GLU A O     1 
ATOM   894  C  CB    . GLU A 1 111 ? -8.77262  5.92396   -10.65678 1.000 30.45926  ? 111 GLU A CB    1 
ATOM   895  C  CG    . GLU A 1 111 ? -10.05109 6.68763   -10.86804 1.000 36.02624  ? 111 GLU A CG    1 
ATOM   896  C  CD    . GLU A 1 111 ? -10.70440 6.35600   -12.20794 1.000 50.80180  ? 111 GLU A CD    1 
ATOM   897  O  OE1   . GLU A 1 111 ? -11.59754 7.11274   -12.62781 1.000 42.52452  ? 111 GLU A OE1   1 
ATOM   898  O  OE2   . GLU A 1 111 ? -10.32862 5.33945   -12.83474 1.000 40.77220  ? 111 GLU A OE2   1 
ATOM   899  N  N     . HIS A 1 112 ? -8.18175  8.57989   -8.85474  1.000 24.92628  ? 112 HIS A N     1 
ATOM   900  C  CA    . HIS A 1 112 ? -7.54928  9.89421   -8.74509  1.000 25.67063  ? 112 HIS A CA    1 
ATOM   901  C  C     . HIS A 1 112 ? -6.49822  9.89006   -7.63782  1.000 27.05328  ? 112 HIS A C     1 
ATOM   902  O  O     . HIS A 1 112 ? -5.37700  10.38447  -7.81839  1.000 24.58687  ? 112 HIS A O     1 
ATOM   903  C  CB    . HIS A 1 112 ? -8.59052  10.98347  -8.48080  1.000 30.93530  ? 112 HIS A CB    1 
ATOM   904  C  CG    . HIS A 1 112 ? -8.00490  12.36245  -8.35847  1.000 31.20649  ? 112 HIS A CG    1 
ATOM   905  N  ND1   . HIS A 1 112 ? -7.15498  12.89907  -9.30230  1.000 38.90052  ? 112 HIS A ND1   1 
ATOM   906  C  CD2   . HIS A 1 112 ? -8.11799  13.29611  -7.38330  1.000 34.74441  ? 112 HIS A CD2   1 
ATOM   907  C  CE1   . HIS A 1 112 ? -6.78796  14.11151  -8.92584  1.000 35.01601  ? 112 HIS A CE1   1 
ATOM   908  N  NE2   . HIS A 1 112 ? -7.35531  14.37584  -7.76401  1.000 34.96690  ? 112 HIS A NE2   1 
ATOM   909  N  N     . LEU A 1 113 ? -6.84916  9.33040   -6.48296  1.000 22.86353  ? 113 LEU A N     1 
ATOM   910  C  CA    . LEU A 1 113 ? -5.88082  9.24372   -5.38993  1.000 20.93724  ? 113 LEU A CA    1 
ATOM   911  C  C     . LEU A 1 113 ? -4.61880  8.48945   -5.81191  1.000 22.67762  ? 113 LEU A C     1 
ATOM   912  O  O     . LEU A 1 113 ? -3.51867  8.80169   -5.33864  1.000 23.20658  ? 113 LEU A O     1 
ATOM   913  C  CB    . LEU A 1 113 ? -6.53270  8.58130   -4.17687  1.000 22.03938  ? 113 LEU A CB    1 
ATOM   914  C  CG    . LEU A 1 113 ? -5.74790  8.61149   -2.85552  1.000 24.36481  ? 113 LEU A CG    1 
ATOM   915  C  CD1   . LEU A 1 113 ? -5.34042  10.04873  -2.46539  1.000 24.60591  ? 113 LEU A CD1   1 
ATOM   916  C  CD2   . LEU A 1 113 ? -6.57670  7.97610   -1.76619  1.000 22.17594  ? 113 LEU A CD2   1 
ATOM   917  N  N     . MET A 1 114 ? -4.74963  7.46354   -6.66110  1.000 21.18154  ? 114 MET A N     1 
ATOM   918  C  CA    . MET A 1 114 ? -3.55538  6.76152   -7.12574  1.000 21.89683  ? 114 MET A CA    1 
ATOM   919  C  C     . MET A 1 114 ? -2.68381  7.66640   -7.98944  1.000 21.67864  ? 114 MET A C     1 
ATOM   920  O  O     . MET A 1 114 ? -1.44676  7.60951   -7.90851  1.000 22.44426  ? 114 MET A O     1 
ATOM   921  C  CB    . MET A 1 114 ? -3.92743  5.48065   -7.87929  1.000 25.32668  ? 114 MET A CB    1 
ATOM   922  C  CG    . MET A 1 114 ? -4.53627  4.40610   -6.97697  1.000 25.94049  ? 114 MET A CG    1 
ATOM   923  S  SD    . MET A 1 114 ? -5.01532  2.89059   -7.84869  1.000 28.10519  ? 114 MET A SD    1 
ATOM   924  C  CE    . MET A 1 114 ? -3.42883  2.09977   -8.12969  1.000 27.69757  ? 114 MET A CE    1 
ATOM   925  N  N     . GLU A 1 115 ? -3.31055  8.49842   -8.83047  1.000 26.25589  ? 115 GLU A N     1 
ATOM   926  C  CA    . GLU A 1 115 ? -2.52574  9.49187   -9.56488  1.000 24.89278  ? 115 GLU A CA    1 
ATOM   927  C  C     . GLU A 1 115 ? -1.77707  10.41872  -8.60588  1.000 24.22057  ? 115 GLU A C     1 
ATOM   928  O  O     . GLU A 1 115 ? -0.59066  10.71265  -8.81016  1.000 23.93657  ? 115 GLU A O     1 
ATOM   929  C  CB    . GLU A 1 115 ? -3.42400  10.29361  -10.51253 1.000 28.47940  ? 115 GLU A CB    1 
ATOM   930  C  CG    . GLU A 1 115 ? -4.29457  9.41667   -11.39752 1.000 46.64646  ? 115 GLU A CG    1 
ATOM   931  C  CD    . GLU A 1 115 ? -5.24758  10.21134  -12.27186 1.000 72.28224  ? 115 GLU A CD    1 
ATOM   932  O  OE1   . GLU A 1 115 ? -4.82515  11.25358  -12.81443 1.000 66.54551  ? 115 GLU A OE1   1 
ATOM   933  O  OE2   . GLU A 1 115 ? -6.42025  9.79645   -12.41025 1.000 71.06974  ? 115 GLU A OE2   1 
ATOM   934  N  N     . LEU A 1 116 ? -2.45662  10.87360  -7.55045  1.000 22.93245  ? 116 LEU A N     1 
ATOM   935  C  CA    . LEU A 1 116 ? -1.80928  11.74904  -6.57010  1.000 22.43534  ? 116 LEU A CA    1 
ATOM   936  C  C     . LEU A 1 116 ? -0.68079  11.01592  -5.85502  1.000 24.35786  ? 116 LEU A C     1 
ATOM   937  O  O     . LEU A 1 116 ? 0.35950   11.61003  -5.52942  1.000 23.21988  ? 116 LEU A O     1 
ATOM   938  C  CB    . LEU A 1 116 ? -2.81613  12.27028  -5.54792  1.000 22.11341  ? 116 LEU A CB    1 
ATOM   939  C  CG    . LEU A 1 116 ? -3.90564  13.18925  -6.11719  1.000 24.34613  ? 116 LEU A CG    1 
ATOM   940  C  CD1   . LEU A 1 116 ? -4.81822  13.66050  -5.01728  1.000 27.86527  ? 116 LEU A CD1   1 
ATOM   941  C  CD2   . LEU A 1 116 ? -3.28132  14.38066  -6.84994  1.000 29.15490  ? 116 LEU A CD2   1 
ATOM   942  N  N     . ALA A 1 117 ? -0.86659  9.71836   -5.59918  1.000 20.93840  ? 117 ALA A N     1 
ATOM   943  C  CA    . ALA A 1 117 ? 0.19226   8.94684   -4.95071  1.000 19.41427  ? 117 ALA A CA    1 
ATOM   944  C  C     . ALA A 1 117 ? 1.42189   8.83819   -5.84367  1.000 22.61350  ? 117 ALA A C     1 
ATOM   945  O  O     . ALA A 1 117 ? 2.56689   8.89746   -5.35639  1.000 21.77224  ? 117 ALA A O     1 
ATOM   946  C  CB    . ALA A 1 117 ? -0.31948  7.55253   -4.58523  1.000 18.77462  ? 117 ALA A CB    1 
ATOM   947  N  N     A ARG A 1 118 ? 1.20810   8.66142   -7.15370  0.595 21.45899  ? 118 ARG A N     1 
ATOM   948  N  N     B ARG A 1 118 ? 1.21165   8.67202   -7.15310  0.405 21.52514  ? 118 ARG A N     1 
ATOM   949  C  CA    A ARG A 1 118 ? 2.33165   8.63492   -8.08295  0.595 22.21241  ? 118 ARG A CA    1 
ATOM   950  C  CA    B ARG A 1 118 ? 2.35005   8.63139   -8.06319  0.405 22.23265  ? 118 ARG A CA    1 
ATOM   951  C  C     A ARG A 1 118 ? 3.05812   9.97609   -8.10193  0.595 23.22114  ? 118 ARG A C     1 
ATOM   952  C  C     B ARG A 1 118 ? 3.06384   9.97885   -8.10737  0.405 23.18103  ? 118 ARG A C     1 
ATOM   953  O  O     A ARG A 1 118 ? 4.29721   10.01999  -8.14070  0.595 24.63387  ? 118 ARG A O     1 
ATOM   954  O  O     B ARG A 1 118 ? 4.30067   10.03097  -8.15865  0.405 24.70498  ? 118 ARG A O     1 
ATOM   955  C  CB    A ARG A 1 118 ? 1.84707   8.26013   -9.48615  0.595 23.30000  ? 118 ARG A CB    1 
ATOM   956  C  CB    B ARG A 1 118 ? 1.90108   8.20277   -9.46074  0.405 23.25589  ? 118 ARG A CB    1 
ATOM   957  C  CG    A ARG A 1 118 ? 1.32467   6.82744   -9.59681  0.595 26.31252  ? 118 ARG A CG    1 
ATOM   958  C  CG    B ARG A 1 118 ? 1.47399   6.73873   -9.53906  0.405 26.53563  ? 118 ARG A CG    1 
ATOM   959  C  CD    A ARG A 1 118 ? 0.89790   6.48339   -11.02408 0.595 32.56059  ? 118 ARG A CD    1 
ATOM   960  C  CD    B ARG A 1 118 ? 2.67488   5.80784   -9.68087  0.405 27.10232  ? 118 ARG A CD    1 
ATOM   961  N  NE    A ARG A 1 118 ? 0.26071   5.16766   -11.09925 0.595 40.72397  ? 118 ARG A NE    1 
ATOM   962  N  NE    B ARG A 1 118 ? 2.29904   4.41873   -9.95175  0.405 29.81580  ? 118 ARG A NE    1 
ATOM   963  C  CZ    A ARG A 1 118 ? -1.04687  4.96533   -11.23249 0.595 43.81119  ? 118 ARG A CZ    1 
ATOM   964  C  CZ    B ARG A 1 118 ? 1.47495   4.02913   -10.92542 0.405 44.66191  ? 118 ARG A CZ    1 
ATOM   965  N  NH1   A ARG A 1 118 ? -1.88454  5.99288   -11.31487 0.595 30.73283  ? 118 ARG A NH1   1 
ATOM   966  N  NH1   B ARG A 1 118 ? 0.91772   4.91789   -11.73600 0.405 40.33547  ? 118 ARG A NH1   1 
ATOM   967  N  NH2   A ARG A 1 118 ? -1.51882  3.72632   -11.28734 0.595 47.74936  ? 118 ARG A NH2   1 
ATOM   968  N  NH2   B ARG A 1 118 ? 1.20588   2.74063   -11.09098 0.405 43.94394  ? 118 ARG A NH2   1 
ATOM   969  N  N     . GLU A 1 119 ? 2.30535   11.08134  -8.08310  1.000 23.93144  ? 119 GLU A N     1 
ATOM   970  C  CA    . GLU A 1 119 ? 2.94102   12.40433  -8.06466  1.000 25.31458  ? 119 GLU A CA    1 
ATOM   971  C  C     . GLU A 1 119 ? 3.77564   12.60070  -6.80011  1.000 27.89751  ? 119 GLU A C     1 
ATOM   972  O  O     . GLU A 1 119 ? 4.91518   13.09749  -6.85262  1.000 25.93486  ? 119 GLU A O     1 
ATOM   973  C  CB    . GLU A 1 119 ? 1.89105   13.51041  -8.17711  1.000 27.91439  ? 119 GLU A CB    1 
ATOM   974  C  CG    . GLU A 1 119 ? 2.45445   14.92429  -8.04484  1.000 35.84290  ? 119 GLU A CG    1 
ATOM   975  C  CD    . GLU A 1 119 ? 3.71080   15.15600  -8.87767  1.000 63.40957  ? 119 GLU A CD    1 
ATOM   976  O  OE1   . GLU A 1 119 ? 3.88534   14.48187  -9.91924  1.000 56.00184  ? 119 GLU A OE1   1 
ATOM   977  O  OE2   . GLU A 1 119 ? 4.52995   16.01467  -8.48344  1.000 65.52148  ? 119 GLU A OE2   1 
ATOM   978  N  N     . HIS A 1 120 ? 3.22560   12.20825  -5.65209  1.000 22.64449  ? 120 HIS A N     1 
ATOM   979  C  CA    . HIS A 1 120 ? 3.96822   12.35374  -4.40300  1.000 22.07406  ? 120 HIS A CA    1 
ATOM   980  C  C     . HIS A 1 120 ? 5.23471   11.51055  -4.42462  1.000 23.83929  ? 120 HIS A C     1 
ATOM   981  O  O     . HIS A 1 120 ? 6.30272   11.96853  -3.99195  1.000 21.96708  ? 120 HIS A O     1 
ATOM   982  C  CB    . HIS A 1 120 ? 3.06706   11.96956  -3.22976  1.000 20.27767  ? 120 HIS A CB    1 
ATOM   983  C  CG    . HIS A 1 120 ? 3.78210   11.86792  -1.92005  1.000 20.33394  ? 120 HIS A CG    1 
ATOM   984  N  ND1   . HIS A 1 120 ? 3.91858   10.67432  -1.25040  1.000 21.21051  ? 120 HIS A ND1   1 
ATOM   985  C  CD2   . HIS A 1 120 ? 4.39751   12.80335  -1.15705  1.000 25.40644  ? 120 HIS A CD2   1 
ATOM   986  C  CE1   . HIS A 1 120 ? 4.58344   10.87507  -0.12575  1.000 22.75444  ? 120 HIS A CE1   1 
ATOM   987  N  NE2   . HIS A 1 120 ? 4.88438   12.16200  -0.04499  1.000 23.74514  ? 120 HIS A NE2   1 
ATOM   988  N  N     . GLU A 1 121 ? 5.13424   10.26697  -4.90766  1.000 20.07937  ? 121 GLU A N     1 
ATOM   989  C  CA    . GLU A 1 121 ? 6.30420   9.39886   -4.99987  1.000 20.53330  ? 121 GLU A CA    1 
ATOM   990  C  C     . GLU A 1 121 ? 7.36508   9.99924   -5.90720  1.000 21.85108  ? 121 GLU A C     1 
ATOM   991  O  O     . GLU A 1 121 ? 8.56330   9.95500   -5.59010  1.000 22.83632  ? 121 GLU A O     1 
ATOM   992  C  CB    . GLU A 1 121 ? 5.89248   8.02166   -5.51413  1.000 23.66508  ? 121 GLU A CB    1 
ATOM   993  C  CG    . GLU A 1 121 ? 7.05231   7.08773   -5.80365  1.000 25.03478  ? 121 GLU A CG    1 
ATOM   994  C  CD    . GLU A 1 121 ? 6.60823   5.83924   -6.54348  1.000 31.91665  ? 121 GLU A CD    1 
ATOM   995  O  OE1   . GLU A 1 121 ? 5.67678   5.92713   -7.38277  1.000 34.64086  ? 121 GLU A OE1   1 
ATOM   996  O  OE2   . GLU A 1 121 ? 7.19059   4.77333   -6.29103  1.000 29.60171  ? 121 GLU A OE2   1 
ATOM   997  N  N     A ARG A 1 122 ? 6.95088   10.56337  -7.04296  0.487 22.46329  ? 122 ARG A N     1 
ATOM   998  N  N     B ARG A 1 122 ? 6.94168   10.54784  -7.04960  0.513 22.44931  ? 122 ARG A N     1 
ATOM   999  C  CA    A ARG A 1 122 ? 7.92182   11.21895  -7.91321  0.487 22.96346  ? 122 ARG A CA    1 
ATOM   1000 C  CA    B ARG A 1 122 ? 7.86690   11.24812  -7.93447  0.513 23.05164  ? 122 ARG A CA    1 
ATOM   1001 C  C     A ARG A 1 122 ? 8.62195   12.36065  -7.18926  0.487 26.30887  ? 122 ARG A C     1 
ATOM   1002 C  C     B ARG A 1 122 ? 8.60561   12.35051  -7.19164  0.513 26.29183  ? 122 ARG A C     1 
ATOM   1003 O  O     A ARG A 1 122 ? 9.83028   12.55824  -7.35717  0.487 29.19567  ? 122 ARG A O     1 
ATOM   1004 O  O     B ARG A 1 122 ? 9.81936   12.51689  -7.35666  0.513 29.16287  ? 122 ARG A O     1 
ATOM   1005 C  CB    A ARG A 1 122 ? 7.24493   11.72925  -9.18726  0.487 26.68827  ? 122 ARG A CB    1 
ATOM   1006 C  CB    B ARG A 1 122 ? 7.10175   11.83704  -9.12458  0.513 26.58880  ? 122 ARG A CB    1 
ATOM   1007 C  CG    A ARG A 1 122 ? 8.22788   12.30073  -10.20267 0.487 26.74048  ? 122 ARG A CG    1 
ATOM   1008 C  CG    B ARG A 1 122 ? 7.37007   11.16847  -10.45842 0.513 40.85673  ? 122 ARG A CG    1 
ATOM   1009 C  CD    A ARG A 1 122 ? 7.52946   13.15922  -11.26661 0.487 30.45611  ? 122 ARG A CD    1 
ATOM   1010 C  CD    B ARG A 1 122 ? 6.49249   11.76616  -11.56743 0.513 34.38199  ? 122 ARG A CD    1 
ATOM   1011 N  NE    A ARG A 1 122 ? 6.98407   14.39451  -10.70848 0.487 38.96672  ? 122 ARG A NE    1 
ATOM   1012 N  NE    B ARG A 1 122 ? 5.36994   10.88935  -11.89774 0.513 43.07700  ? 122 ARG A NE    1 
ATOM   1013 C  CZ    A ARG A 1 122 ? 7.72430   15.42165  -10.30334 0.487 43.14366  ? 122 ARG A CZ    1 
ATOM   1014 C  CZ    B ARG A 1 122 ? 4.08846   11.24132  -11.85902 0.513 31.65721  ? 122 ARG A CZ    1 
ATOM   1015 N  NH1   A ARG A 1 122 ? 9.04660   15.36551  -10.39192 0.487 48.39130  ? 122 ARG A NH1   1 
ATOM   1016 N  NH1   B ARG A 1 122 ? 3.73081   12.46879  -11.50648 0.513 34.95140  ? 122 ARG A NH1   1 
ATOM   1017 N  NH2   A ARG A 1 122 ? 7.14312   16.50207  -9.80058  0.487 41.01204  ? 122 ARG A NH2   1 
ATOM   1018 N  NH2   B ARG A 1 122 ? 3.15824   10.35704  -12.17857 0.513 37.83689  ? 122 ARG A NH2   1 
ATOM   1019 N  N     . ARG A 1 123 ? 7.87923   13.13113  -6.38890  1.000 25.67091  ? 123 ARG A N     1 
ATOM   1020 C  CA    . ARG A 1 123 ? 8.50784   14.21840  -5.63634  1.000 24.81660  ? 123 ARG A CA    1 
ATOM   1021 C  C     . ARG A 1 123 ? 9.50732   13.68406  -4.61187  1.000 28.72531  ? 123 ARG A C     1 
ATOM   1022 O  O     . ARG A 1 123 ? 10.58180  14.26518  -4.41639  1.000 25.92062  ? 123 ARG A O     1 
ATOM   1023 C  CB    . ARG A 1 123 ? 7.44336   15.06752  -4.95002  1.000 27.96987  ? 123 ARG A CB    1 
ATOM   1024 C  CG    . ARG A 1 123 ? 6.68118   15.99195  -5.89394  1.000 36.59871  ? 123 ARG A CG    1 
ATOM   1025 C  CD    . ARG A 1 123 ? 5.79854   16.95036  -5.11216  1.000 47.70513  ? 123 ARG A CD    1 
ATOM   1026 N  NE    . ARG A 1 123 ? 4.73022   16.25012  -4.40670  1.000 71.91697  ? 123 ARG A NE    1 
ATOM   1027 C  CZ    . ARG A 1 123 ? 3.45009   16.30400  -4.75896  1.000 78.24542  ? 123 ARG A CZ    1 
ATOM   1028 N  NH1   . ARG A 1 123 ? 3.08680   17.02906  -5.80908  1.000 76.30291  ? 123 ARG A NH1   1 
ATOM   1029 N  NH2   . ARG A 1 123 ? 2.53603   15.63479  -4.06528  1.000 58.75939  ? 123 ARG A NH2   1 
ATOM   1030 N  N     . VAL A 1 124 ? 9.17138   12.57588  -3.94701  1.000 22.43451  ? 124 VAL A N     1 
ATOM   1031 C  CA    . VAL A 1 124 ? 10.07055  11.99281  -2.94795  1.000 20.17859  ? 124 VAL A CA    1 
ATOM   1032 C  C     . VAL A 1 124 ? 11.35948  11.51189  -3.60152  1.000 23.10610  ? 124 VAL A C     1 
ATOM   1033 O  O     . VAL A 1 124 ? 12.45598  11.65626  -3.03794  1.000 23.54005  ? 124 VAL A O     1 
ATOM   1034 C  CB    . VAL A 1 124 ? 9.36057   10.83980  -2.21091  1.000 21.80564  ? 124 VAL A CB    1 
ATOM   1035 C  CG1   . VAL A 1 124 ? 10.35025  10.02462  -1.36685  1.000 23.82927  ? 124 VAL A CG1   1 
ATOM   1036 C  CG2   . VAL A 1 124 ? 8.21973   11.38420  -1.34847  1.000 22.40338  ? 124 VAL A CG2   1 
ATOM   1037 N  N     . LEU A 1 125 ? 11.24897  10.91764  -4.79043  1.000 22.01847  ? 125 LEU A N     1 
ATOM   1038 C  CA    . LEU A 1 125 ? 12.38947  10.29032  -5.44892  1.000 22.73633  ? 125 LEU A CA    1 
ATOM   1039 C  C     . LEU A 1 125 ? 13.19189  11.24229  -6.33048  1.000 26.46225  ? 125 LEU A C     1 
ATOM   1040 O  O     . LEU A 1 125 ? 14.33415  10.92246  -6.66500  1.000 25.67988  ? 125 LEU A O     1 
ATOM   1041 C  CB    . LEU A 1 125 ? 11.91862  9.09529   -6.28753  1.000 25.24872  ? 125 LEU A CB    1 
ATOM   1042 C  CG    . LEU A 1 125 ? 11.47194  7.90516   -5.42874  1.000 26.79504  ? 125 LEU A CG    1 
ATOM   1043 C  CD1   . LEU A 1 125 ? 10.81080  6.83577   -6.28422  1.000 31.70318  ? 125 LEU A CD1   1 
ATOM   1044 C  CD2   . LEU A 1 125 ? 12.64777  7.34137   -4.66041  1.000 28.99284  ? 125 LEU A CD2   1 
ATOM   1045 N  N     . GLU A 1 126 ? 12.63548  12.38992  -6.71483  1.000 24.70589  ? 126 GLU A N     1 
ATOM   1046 C  CA    . GLU A 1 126 ? 13.33519  13.24374  -7.67585  1.000 28.02688  ? 126 GLU A CA    1 
ATOM   1047 C  C     . GLU A 1 126 ? 14.70279  13.71811  -7.19698  1.000 27.24127  ? 126 GLU A C     1 
ATOM   1048 O  O     . GLU A 1 126 ? 15.63979  13.73618  -8.01624  1.000 29.83650  ? 126 GLU A O     1 
ATOM   1049 C  CB    . GLU A 1 126 ? 12.45200  14.44066  -8.03909  1.000 30.85705  ? 126 GLU A CB    1 
ATOM   1050 C  CG    . GLU A 1 126 ? 12.87470  15.11824  -9.33614  1.000 45.19645  ? 126 GLU A CG    1 
ATOM   1051 C  CD    . GLU A 1 126 ? 12.24256  16.48440  -9.52118  1.000 82.55630  ? 126 GLU A CD    1 
ATOM   1052 O  OE1   . GLU A 1 126 ? 11.20453  16.75850  -8.87750  1.000 74.65059  ? 126 GLU A OE1   1 
ATOM   1053 O  OE2   . GLU A 1 126 ? 12.78344  17.28330  -10.31644 1.000 80.54551  ? 126 GLU A OE2   1 
ATOM   1054 N  N     . PRO A 1 127 ? 14.90124  14.09772  -5.93192  1.000 26.26158  ? 127 PRO A N     1 
ATOM   1055 C  CA    . PRO A 1 127 ? 16.24436  14.52765  -5.51622  1.000 28.19794  ? 127 PRO A CA    1 
ATOM   1056 C  C     . PRO A 1 127 ? 17.29097  13.45777  -5.69217  1.000 30.94459  ? 127 PRO A C     1 
ATOM   1057 O  O     . PRO A 1 127 ? 18.48576  13.78089  -5.80174  1.000 28.53371  ? 127 PRO A O     1 
ATOM   1058 C  CB    . PRO A 1 127 ? 16.06802  14.87966  -4.03591  1.000 34.70394  ? 127 PRO A CB    1 
ATOM   1059 C  CG    . PRO A 1 127 ? 14.61037  15.10266  -3.86340  1.000 32.84242  ? 127 PRO A CG    1 
ATOM   1060 C  CD    . PRO A 1 127 ? 13.92429  14.19345  -4.83358  1.000 28.47646  ? 127 PRO A CD    1 
ATOM   1061 N  N     . PHE A 1 128 ? 16.89276  12.19045  -5.73595  1.000 26.04850  ? 128 PHE A N     1 
ATOM   1062 C  CA    . PHE A 1 128 ? 17.86362  11.11036  -5.75096  1.000 26.39299  ? 128 PHE A CA    1 
ATOM   1063 C  C     . PHE A 1 128 ? 18.32885  10.74736  -7.15048  1.000 30.55279  ? 128 PHE A C     1 
ATOM   1064 O  O     . PHE A 1 128 ? 19.40838  10.16529  -7.29100  1.000 31.12811  ? 128 PHE A O     1 
ATOM   1065 C  CB    . PHE A 1 128 ? 17.28079  9.88880   -5.03763  1.000 28.10991  ? 128 PHE A CB    1 
ATOM   1066 C  CG    . PHE A 1 128 ? 17.13729  10.11144  -3.57492  1.000 27.39973  ? 128 PHE A CG    1 
ATOM   1067 C  CD1   . PHE A 1 128 ? 18.23060  9.93009   -2.74502  1.000 26.68576  ? 128 PHE A CD1   1 
ATOM   1068 C  CD2   . PHE A 1 128 ? 15.94153  10.56904  -3.02420  1.000 25.76690  ? 128 PHE A CD2   1 
ATOM   1069 C  CE1   . PHE A 1 128 ? 18.14012  10.17283  -1.39880  1.000 27.49226  ? 128 PHE A CE1   1 
ATOM   1070 C  CE2   . PHE A 1 128 ? 15.85024  10.81163  -1.65394  1.000 25.02972  ? 128 PHE A CE2   1 
ATOM   1071 C  CZ    . PHE A 1 128 ? 16.95443  10.61056  -0.84815  1.000 27.85314  ? 128 PHE A CZ    1 
ATOM   1072 N  N     . GLY A 1 129 ? 17.56604  11.09882  -8.17305  1.000 32.17248  ? 129 GLY A N     1 
ATOM   1073 C  CA    . GLY A 1 129 ? 17.89459  10.72228  -9.52665  1.000 32.76658  ? 129 GLY A CA    1 
ATOM   1074 C  C     . GLY A 1 129 ? 17.38139  9.33719   -9.86994  1.000 38.87756  ? 129 GLY A C     1 
ATOM   1075 O  O     . GLY A 1 129 ? 17.14025  8.49320   -9.00833  1.000 32.66239  ? 129 GLY A O     1 
ATOM   1076 N  N     A LEU A 1 130 ? 17.21946  9.10217   -11.17241 0.449 33.97192  ? 130 LEU A N     1 
ATOM   1077 N  N     B LEU A 1 130 ? 17.22304  9.11193   -11.17522 0.551 34.00184  ? 130 LEU A N     1 
ATOM   1078 C  CA    A LEU A 1 130 ? 16.60993  7.85656   -11.62412 0.449 35.85894  ? 130 LEU A CA    1 
ATOM   1079 C  CA    B LEU A 1 130 ? 16.63208  7.87114   -11.66039 0.551 35.91738  ? 130 LEU A CA    1 
ATOM   1080 C  C     A LEU A 1 130 ? 17.44882  6.64459   -11.22987 0.449 36.59470  ? 130 LEU A C     1 
ATOM   1081 C  C     B LEU A 1 130 ? 17.44886  6.65653   -11.23443 0.551 36.62108  ? 130 LEU A C     1 
ATOM   1082 O  O     A LEU A 1 130 ? 16.89857  5.60941   -10.83591 0.449 36.36062  ? 130 LEU A O     1 
ATOM   1083 O  O     B LEU A 1 130 ? 16.88492  5.63119   -10.83298 0.551 36.40954  ? 130 LEU A O     1 
ATOM   1084 C  CB    A LEU A 1 130 ? 16.38993  7.90284   -13.13743 0.449 35.66949  ? 130 LEU A CB    1 
ATOM   1085 C  CB    B LEU A 1 130 ? 16.50296  7.93127   -13.18337 0.551 35.48885  ? 130 LEU A CB    1 
ATOM   1086 C  CG    A LEU A 1 130 ? 15.35754  8.92713   -13.61953 0.449 34.61041  ? 130 LEU A CG    1 
ATOM   1087 C  CG    B LEU A 1 130 ? 15.74791  6.80006   -13.87333 0.551 27.05683  ? 130 LEU A CG    1 
ATOM   1088 C  CD1   A LEU A 1 130 ? 14.06508  8.82832   -12.82243 0.449 40.91513  ? 130 LEU A CD1   1 
ATOM   1089 C  CD1   B LEU A 1 130 ? 14.30962  6.74383   -13.38651 0.551 43.56112  ? 130 LEU A CD1   1 
ATOM   1090 C  CD2   A LEU A 1 130 ? 15.92615  10.34144  -13.55158 0.449 43.67003  ? 130 LEU A CD2   1 
ATOM   1091 C  CD2   B LEU A 1 130 ? 15.80113  6.98778   -15.38068 0.551 42.66106  ? 130 LEU A CD2   1 
ATOM   1092 N  N     . ARG A 1 131 ? 18.77894  6.74986   -11.31260 1.000 29.35946  ? 131 ARG A N     1 
ATOM   1093 C  CA    . ARG A 1 131 ? 19.62323  5.60294   -10.98069 1.000 31.57237  ? 131 ARG A CA    1 
ATOM   1094 C  C     . ARG A 1 131 ? 19.45088  5.18659   -9.52123  1.000 30.13746  ? 131 ARG A C     1 
ATOM   1095 O  O     . ARG A 1 131 ? 19.18749  4.01378   -9.22206  1.000 33.13327  ? 131 ARG A O     1 
ATOM   1096 C  CB    . ARG A 1 131 ? 21.08961  5.92152   -11.27997 1.000 36.81519  ? 131 ARG A CB    1 
ATOM   1097 C  CG    . ARG A 1 131 ? 21.98936  4.69278   -11.32342 1.000 49.95042  ? 131 ARG A CG    1 
ATOM   1098 C  CD    . ARG A 1 131 ? 23.47261  5.05738   -11.32880 1.000 53.89399  ? 131 ARG A CD    1 
ATOM   1099 N  NE    . ARG A 1 131 ? 23.89632  5.72010   -10.09680 1.000 69.32286  ? 131 ARG A NE    1 
ATOM   1100 C  CZ    . ARG A 1 131 ? 23.97446  5.12201   -8.91117  1.000 79.47105  ? 131 ARG A CZ    1 
ATOM   1101 N  NH1   . ARG A 1 131 ? 23.65035  3.84172   -8.78757  1.000 78.23383  ? 131 ARG A NH1   1 
ATOM   1102 N  NH2   . ARG A 1 131 ? 24.37417  5.80550   -7.84674  1.000 64.11427  ? 131 ARG A NH2   1 
ATOM   1103 N  N     . ARG A 1 132 ? 19.61735  6.13300   -8.59804  1.000 27.86926  ? 132 ARG A N     1 
ATOM   1104 C  CA    . ARG A 1 132 ? 19.48800  5.79913   -7.18164  1.000 24.31930  ? 132 ARG A CA    1 
ATOM   1105 C  C     . ARG A 1 132 ? 18.06118  5.38555   -6.82633  1.000 32.28219  ? 132 ARG A C     1 
ATOM   1106 O  O     . ARG A 1 132 ? 17.86803  4.50873   -5.96858  1.000 29.01302  ? 132 ARG A O     1 
ATOM   1107 C  CB    . ARG A 1 132 ? 19.93869  6.97738   -6.32642  1.000 30.96240  ? 132 ARG A CB    1 
ATOM   1108 C  CG    . ARG A 1 132 ? 21.42815  7.27633   -6.42751  1.000 39.70807  ? 132 ARG A CG    1 
ATOM   1109 C  CD    . ARG A 1 132 ? 21.81216  8.38034   -5.46416  1.000 37.80034  ? 132 ARG A CD    1 
ATOM   1110 N  NE    . ARG A 1 132 ? 21.70389  7.91647   -4.08541  1.000 35.36879  ? 132 ARG A NE    1 
ATOM   1111 C  CZ    . ARG A 1 132 ? 21.78717  8.70118   -3.01798  1.000 35.64222  ? 132 ARG A CZ    1 
ATOM   1112 N  NH1   . ARG A 1 132 ? 21.96544  10.01267  -3.14800  1.000 34.80435  ? 132 ARG A NH1   1 
ATOM   1113 N  NH2   . ARG A 1 132 ? 21.68998  8.16637   -1.81324  1.000 35.48874  ? 132 ARG A NH2   1 
ATOM   1114 N  N     . ALA A 1 133 ? 17.05390  5.97052   -7.48406  1.000 26.91656  ? 133 ALA A N     1 
ATOM   1115 C  CA    . ALA A 1 133 ? 15.67128  5.59228   -7.18635  1.000 24.35841  ? 133 ALA A CA    1 
ATOM   1116 C  C     . ALA A 1 133 ? 15.37850  4.16461   -7.63317  1.000 31.57642  ? 133 ALA A C     1 
ATOM   1117 O  O     . ALA A 1 133 ? 14.73989  3.38392   -6.90397  1.000 28.04179  ? 133 ALA A O     1 
ATOM   1118 C  CB    . ALA A 1 133 ? 14.71288  6.58377   -7.85113  1.000 25.37630  ? 133 ALA A CB    1 
ATOM   1119 N  N     . GLU A 1 134 ? 15.85568  3.79023   -8.82283  1.000 29.88129  ? 134 GLU A N     1 
ATOM   1120 C  CA    . GLU A 1 134 ? 15.61533  2.43363   -9.28673  1.000 27.57266  ? 134 GLU A CA    1 
ATOM   1121 C  C     . GLU A 1 134 ? 16.41295  1.43722   -8.46240  1.000 28.54336  ? 134 GLU A C     1 
ATOM   1122 O  O     . GLU A 1 134 ? 15.93176  0.33090   -8.19126  1.000 29.74605  ? 134 GLU A O     1 
ATOM   1123 C  CB    . GLU A 1 134 ? 15.94721  2.32079   -10.77979 1.000 35.54556  ? 134 GLU A CB    1 
ATOM   1124 C  CG    . GLU A 1 134 ? 14.83457  2.84374   -11.66883 1.000 50.95516  ? 134 GLU A CG    1 
ATOM   1125 C  CD    . GLU A 1 134 ? 13.47879  2.24134   -11.31577 1.000 70.27296  ? 134 GLU A CD    1 
ATOM   1126 O  OE1   . GLU A 1 134 ? 13.44019  1.11571   -10.76894 1.000 69.28636  ? 134 GLU A OE1   1 
ATOM   1127 O  OE2   . GLU A 1 134 ? 12.44998  2.90047   -11.57705 1.000 64.44203  ? 134 GLU A OE2   1 
ATOM   1128 N  N     . GLU A 1 135 ? 17.62609  1.81891   -8.03941  1.000 26.08836  ? 135 GLU A N     1 
ATOM   1129 C  CA    . GLU A 1 135 ? 18.41955  0.94547   -7.18211  1.000 26.83679  ? 135 GLU A CA    1 
ATOM   1130 C  C     . GLU A 1 135 ? 17.68654  0.67460   -5.87456  1.000 32.28232  ? 135 GLU A C     1 
ATOM   1131 O  O     . GLU A 1 135 ? 17.58780  -0.47484  -5.42907  1.000 26.63146  ? 135 GLU A O     1 
ATOM   1132 C  CB    . GLU A 1 135 ? 19.77922  1.57844   -6.90836  1.000 28.58097  ? 135 GLU A CB    1 
ATOM   1133 C  CG    . GLU A 1 135 ? 20.54043  0.99724   -5.73172  1.000 38.72128  ? 135 GLU A CG    1 
ATOM   1134 C  CD    . GLU A 1 135 ? 21.19102  -0.33905  -6.05074  1.000 60.38555  ? 135 GLU A CD    1 
ATOM   1135 O  OE1   . GLU A 1 135 ? 21.16301  -0.74992  -7.23014  1.000 59.76879  ? 135 GLU A OE1   1 
ATOM   1136 O  OE2   . GLU A 1 135 ? 21.73739  -0.97656  -5.12496  1.000 45.51110  ? 135 GLU A OE2   1 
ATOM   1137 N  N     . LEU A 1 136 ? 17.17260  1.73313   -5.24320  1.000 25.92190  ? 136 LEU A N     1 
ATOM   1138 C  CA    . LEU A 1 136 ? 16.41973  1.55872   -4.00013  1.000 23.86069  ? 136 LEU A CA    1 
ATOM   1139 C  C     . LEU A 1 136 ? 15.24066  0.60181   -4.19567  1.000 23.78772  ? 136 LEU A C     1 
ATOM   1140 O  O     . LEU A 1 136 ? 15.03617  -0.32730  -3.39280  1.000 24.49525  ? 136 LEU A O     1 
ATOM   1141 C  CB    . LEU A 1 136 ? 15.93433  2.92975   -3.50868  1.000 23.83782  ? 136 LEU A CB    1 
ATOM   1142 C  CG    . LEU A 1 136 ? 15.01340  2.93084   -2.28074  1.000 22.00250  ? 136 LEU A CG    1 
ATOM   1143 C  CD1   . LEU A 1 136 ? 15.78298  2.38661   -1.06670  1.000 22.98203  ? 136 LEU A CD1   1 
ATOM   1144 C  CD2   . LEU A 1 136 ? 14.48817  4.33015   -2.02097  1.000 25.73447  ? 136 LEU A CD2   1 
ATOM   1145 N  N     . LYS A 1 137 ? 14.43429  0.82766   -5.24806  1.000 23.36292  ? 137 LYS A N     1 
ATOM   1146 C  CA    . LYS A 1 137 ? 13.25099  -0.01328  -5.44717  1.000 22.05538  ? 137 LYS A CA    1 
ATOM   1147 C  C     . LYS A 1 137 ? 13.63025  -1.46306  -5.73175  1.000 23.48491  ? 137 LYS A C     1 
ATOM   1148 O  O     . LYS A 1 137 ? 12.97115  -2.38987  -5.24372  1.000 24.67301  ? 137 LYS A O     1 
ATOM   1149 C  CB    . LYS A 1 137 ? 12.38619  0.53549   -6.57272  1.000 26.27889  ? 137 LYS A CB    1 
ATOM   1150 C  CG    . LYS A 1 137 ? 11.60233  1.76247   -6.20431  1.000 28.88654  ? 137 LYS A CG    1 
ATOM   1151 C  CD    . LYS A 1 137 ? 10.67521  2.10758   -7.38177  1.000 31.48968  ? 137 LYS A CD    1 
ATOM   1152 C  CE    . LYS A 1 137 ? 9.82811   3.31929   -7.08097  1.000 37.31661  ? 137 LYS A CE    1 
ATOM   1153 N  NZ    . LYS A 1 137 ? 8.86564   3.60969   -8.18528  1.000 28.71029  ? 137 LYS A NZ    1 
ATOM   1154 N  N     . GLN A 1 138 ? 14.69727  -1.68350  -6.51789  1.000 24.94912  ? 138 GLN A N     1 
ATOM   1155 C  CA    . GLN A 1 138 ? 15.12868  -3.05124  -6.78605  1.000 27.10610  ? 138 GLN A CA    1 
ATOM   1156 C  C     . GLN A 1 138 ? 15.62799  -3.73572  -5.51947  1.000 23.23934  ? 138 GLN A C     1 
ATOM   1157 O  O     . GLN A 1 138 ? 15.32273  -4.91036  -5.28221  1.000 27.30934  ? 138 GLN A O     1 
ATOM   1158 C  CB    . GLN A 1 138 ? 16.22293  -3.06220  -7.85420  1.000 29.02150  ? 138 GLN A CB    1 
ATOM   1159 C  CG    . GLN A 1 138 ? 16.72731  -4.45671  -8.20472  1.000 40.04562  ? 138 GLN A CG    1 
ATOM   1160 C  CD    . GLN A 1 138 ? 15.67378  -5.30752  -8.89647  1.000 52.46045  ? 138 GLN A CD    1 
ATOM   1161 O  OE1   . GLN A 1 138 ? 14.58100  -4.83307  -9.20525  1.000 53.79629  ? 138 GLN A OE1   1 
ATOM   1162 N  NE2   . GLN A 1 138 ? 16.00289  -6.57387  -9.14655  1.000 54.31118  ? 138 GLN A NE2   1 
ATOM   1163 N  N     . THR A 1 139 ? 16.39173  -3.02317  -4.68997  1.000 21.94114  ? 139 THR A N     1 
ATOM   1164 C  CA    . THR A 1 139 ? 16.87176  -3.62869  -3.45512  1.000 20.55772  ? 139 THR A CA    1 
ATOM   1165 C  C     . THR A 1 139 ? 15.69702  -3.99011  -2.54721  1.000 20.34954  ? 139 THR A C     1 
ATOM   1166 O  O     . THR A 1 139 ? 15.66077  -5.08278  -1.96455  1.000 21.40787  ? 139 THR A O     1 
ATOM   1167 C  CB    . THR A 1 139 ? 17.85154  -2.68507  -2.75064  1.000 21.40924  ? 139 THR A CB    1 
ATOM   1168 O  OG1   . THR A 1 139 ? 19.00926  -2.48490  -3.59518  1.000 26.84231  ? 139 THR A OG1   1 
ATOM   1169 C  CG2   . THR A 1 139 ? 18.33318  -3.28309  -1.43401  1.000 25.08786  ? 139 THR A CG2   1 
ATOM   1170 N  N     . LEU A 1 140 ? 14.72197  -3.08889  -2.42624  1.000 21.34558  ? 140 LEU A N     1 
ATOM   1171 C  CA    . LEU A 1 140 ? 13.56520  -3.37905  -1.58084  1.000 20.10365  ? 140 LEU A CA    1 
ATOM   1172 C  C     . LEU A 1 140 ? 12.77957  -4.58046  -2.10903  1.000 19.70343  ? 140 LEU A C     1 
ATOM   1173 O  O     . LEU A 1 140 ? 12.38527  -5.46814  -1.34303  1.000 21.92816  ? 140 LEU A O     1 
ATOM   1174 C  CB    . LEU A 1 140 ? 12.66435  -2.13809  -1.48407  1.000 18.83294  ? 140 LEU A CB    1 
ATOM   1175 C  CG    . LEU A 1 140 ? 13.25840  -0.95148  -0.70110  1.000 20.44061  ? 140 LEU A CG    1 
ATOM   1176 C  CD1   . LEU A 1 140 ? 12.38928  0.27705   -0.83872  1.000 19.81778  ? 140 LEU A CD1   1 
ATOM   1177 C  CD2   . LEU A 1 140 ? 13.46438  -1.29639  0.78880   1.000 20.86909  ? 140 LEU A CD2   1 
ATOM   1178 N  N     . ARG A 1 141 ? 12.52429  -4.61985  -3.42167  1.000 21.14374  ? 141 ARG A N     1 
ATOM   1179 C  CA    . ARG A 1 141 ? 11.83286  -5.76726  -4.00671  1.000 21.63663  ? 141 ARG A CA    1 
ATOM   1180 C  C     . ARG A 1 141 ? 12.58473  -7.06858  -3.74148  1.000 22.32055  ? 141 ARG A C     1 
ATOM   1181 O  O     . ARG A 1 141 ? 11.97852  -8.08843  -3.37462  1.000 23.94858  ? 141 ARG A O     1 
ATOM   1182 C  CB    . ARG A 1 141 ? 11.64737  -5.56033  -5.51674  1.000 24.51511  ? 141 ARG A CB    1 
ATOM   1183 C  CG    . ARG A 1 141 ? 10.37789  -4.83286  -5.87408  1.000 34.93152  ? 141 ARG A CG    1 
ATOM   1184 C  CD    . ARG A 1 141 ? 10.09079  -4.90584  -7.38067  1.000 46.34845  ? 141 ARG A CD    1 
ATOM   1185 N  NE    . ARG A 1 141 ? 11.20932  -4.40061  -8.17540  1.000 43.12405  ? 141 ARG A NE    1 
ATOM   1186 C  CZ    . ARG A 1 141 ? 11.29870  -3.15215  -8.62018  1.000 43.57841  ? 141 ARG A CZ    1 
ATOM   1187 N  NH1   . ARG A 1 141 ? 10.33189  -2.28344  -8.34952  1.000 46.24315  ? 141 ARG A NH1   1 
ATOM   1188 N  NH2   . ARG A 1 141 ? 12.34968  -2.77355  -9.33564  1.000 49.32714  ? 141 ARG A NH2   1 
ATOM   1189 N  N     . GLN A 1 142 ? 13.90810  -7.06158  -3.92512  1.000 22.73976  ? 142 GLN A N     1 
ATOM   1190 C  CA    . GLN A 1 142 ? 14.66400  -8.29130  -3.70030  1.000 22.25224  ? 142 GLN A CA    1 
ATOM   1191 C  C     . GLN A 1 142 ? 14.58524  -8.71708  -2.23782  1.000 24.28742  ? 142 GLN A C     1 
ATOM   1192 O  O     . GLN A 1 142 ? 14.40920  -9.90560  -1.93798  1.000 25.31129  ? 142 GLN A O     1 
ATOM   1193 C  CB    . GLN A 1 142 ? 16.12165  -8.11178  -4.16103  1.000 23.59397  ? 142 GLN A CB    1 
ATOM   1194 C  CG    . GLN A 1 142 ? 16.22632  -8.13394  -5.71321  1.000 28.97853  ? 142 GLN A CG    1 
ATOM   1195 C  CD    . GLN A 1 142 ? 17.51044  -7.54096  -6.31770  1.000 42.75871  ? 142 GLN A CD    1 
ATOM   1196 O  OE1   . GLN A 1 142 ? 17.62795  -7.43444  -7.53942  1.000 60.46562  ? 142 GLN A OE1   1 
ATOM   1197 N  NE2   . GLN A 1 142 ? 18.44614  -7.14484  -5.48602  1.000 31.66081  ? 142 GLN A NE2   1 
ATOM   1198 N  N     A MET A 1 143 ? 14.68226  -7.75560  -1.31434  0.591 22.69452  ? 143 MET A N     1 
ATOM   1199 N  N     B MET A 1 143 ? 14.69695  -7.75846  -1.31084  0.409 22.79641  ? 143 MET A N     1 
ATOM   1200 C  CA    A MET A 1 143 ? 14.60489  -8.08038  0.10894   0.591 22.57564  ? 143 MET A CA    1 
ATOM   1201 C  CA    B MET A 1 143 ? 14.59666  -8.08858  0.11061   0.409 22.59346  ? 143 MET A CA    1 
ATOM   1202 C  C     A MET A 1 143 ? 13.23595  -8.65082  0.47263   0.591 20.85018  ? 143 MET A C     1 
ATOM   1203 C  C     B MET A 1 143 ? 13.23171  -8.67284  0.44804   0.409 20.90826  ? 143 MET A C     1 
ATOM   1204 O  O     A MET A 1 143 ? 13.13578  -9.63839  1.21709   0.591 22.59247  ? 143 MET A O     1 
ATOM   1205 O  O     B MET A 1 143 ? 13.13043  -9.67601  1.17054   0.409 22.60176  ? 143 MET A O     1 
ATOM   1206 C  CB    A MET A 1 143 ? 14.91437  -6.83103  0.94085   0.591 27.16033  ? 143 MET A CB    1 
ATOM   1207 C  CB    B MET A 1 143 ? 14.85478  -6.84947  0.96889   0.409 27.25793  ? 143 MET A CB    1 
ATOM   1208 C  CG    A MET A 1 143 ? 15.39758  -7.09491  2.35355   0.591 26.70683  ? 143 MET A CG    1 
ATOM   1209 C  CG    B MET A 1 143 ? 16.25667  -6.30547  0.89937   0.409 26.38490  ? 143 MET A CG    1 
ATOM   1210 S  SD    A MET A 1 143 ? 15.90996  -5.56300  3.15326   0.591 29.57627  ? 143 MET A SD    1 
ATOM   1211 S  SD    B MET A 1 143 ? 16.46232  -4.92970  2.04732   0.409 25.65924  ? 143 MET A SD    1 
ATOM   1212 C  CE    A MET A 1 143 ? 17.54691  -5.34080  2.43539   0.591 19.15240  ? 143 MET A CE    1 
ATOM   1213 C  CE    B MET A 1 143 ? 15.03651  -5.16271  3.08971   0.409 30.79253  ? 143 MET A CE    1 
ATOM   1214 N  N     . ILE A 1 144 ? 12.16479  -8.05255  -0.06490  1.000 20.74603  ? 144 ILE A N     1 
ATOM   1215 C  CA    . ILE A 1 144 ? 10.82609  -8.58486  0.16209   1.000 19.50132  ? 144 ILE A CA    1 
ATOM   1216 C  C     . ILE A 1 144 ? 10.74643  -10.02454 -0.32881  1.000 22.97723  ? 144 ILE A C     1 
ATOM   1217 O  O     . ILE A 1 144 ? 10.28914  -10.91663 0.39191   1.000 22.33376  ? 144 ILE A O     1 
ATOM   1218 C  CB    . ILE A 1 144 ? 9.76580   -7.69323  -0.50760  1.000 20.84381  ? 144 ILE A CB    1 
ATOM   1219 C  CG1   . ILE A 1 144 ? 9.67822   -6.33228  0.20055   1.000 23.10191  ? 144 ILE A CG1   1 
ATOM   1220 C  CG2   . ILE A 1 144 ? 8.43049   -8.39250  -0.51611  1.000 22.67374  ? 144 ILE A CG2   1 
ATOM   1221 C  CD1   . ILE A 1 144 ? 8.97171   -5.25098  -0.62460  1.000 22.41705  ? 144 ILE A CD1   1 
ATOM   1222 N  N     . ASP A 1 145 ? 11.24461  -10.28565 -1.54353  1.000 25.91798  ? 145 ASP A N     1 
ATOM   1223 C  CA    . ASP A 1 145 ? 11.06315  -11.62610 -2.10161  1.000 25.14499  ? 145 ASP A CA    1 
ATOM   1224 C  C     . ASP A 1 145 ? 11.90193  -12.65396 -1.35399  1.000 25.81198  ? 145 ASP A C     1 
ATOM   1225 O  O     . ASP A 1 145 ? 11.54409  -13.83851 -1.30736  1.000 27.69447  ? 145 ASP A O     1 
ATOM   1226 C  CB    . ASP A 1 145 ? 11.40642  -11.62500 -3.59566  1.000 29.17300  ? 145 ASP A CB    1 
ATOM   1227 C  CG    . ASP A 1 145 ? 10.35858  -10.91310 -4.44053  1.000 39.15479  ? 145 ASP A CG    1 
ATOM   1228 O  OD1   . ASP A 1 145 ? 9.27400   -10.57348 -3.91331  1.000 49.94786  ? 145 ASP A OD1   1 
ATOM   1229 O  OD2   . ASP A 1 145 ? 10.62140  -10.69098 -5.63840  1.000 49.76005  ? 145 ASP A OD2   1 
ATOM   1230 N  N     . LEU A 1 146 ? 12.99493  -12.21609 -0.73772  1.000 22.10843  ? 146 LEU A N     1 
ATOM   1231 C  CA    . LEU A 1 146 ? 13.81077  -13.12559 0.05653   1.000 23.73989  ? 146 LEU A CA    1 
ATOM   1232 C  C     . LEU A 1 146 ? 13.21918  -13.39980 1.43131   1.000 30.89076  ? 146 LEU A C     1 
ATOM   1233 O  O     . LEU A 1 146 ? 13.51899  -14.44833 2.01519   1.000 34.27799  ? 146 LEU A O     1 
ATOM   1234 C  CB    . LEU A 1 146 ? 15.22776  -12.56965 0.23496   1.000 26.66516  ? 146 LEU A CB    1 
ATOM   1235 C  CG    . LEU A 1 146 ? 16.14263  -12.65650 -0.98865  1.000 23.92878  ? 146 LEU A CG    1 
ATOM   1236 C  CD1   . LEU A 1 146 ? 17.48041  -11.99457 -0.70774  1.000 29.33639  ? 146 LEU A CD1   1 
ATOM   1237 C  CD2   . LEU A 1 146 ? 16.31525  -14.12434 -1.42118  1.000 27.28593  ? 146 LEU A CD2   1 
ATOM   1238 N  N     . HIS A 1 147 ? 12.40208  -12.48829 1.97930   1.000 22.91642  ? 147 HIS A N     1 
ATOM   1239 C  CA    . HIS A 1 147 ? 11.91142  -12.68957 3.34112   1.000 22.37830  ? 147 HIS A CA    1 
ATOM   1240 C  C     . HIS A 1 147 ? 10.41932  -12.99174 3.45959   1.000 25.43632  ? 147 HIS A C     1 
ATOM   1241 O  O     . HIS A 1 147 ? 9.94741   -13.24639 4.57328   1.000 31.88240  ? 147 HIS A O     1 
ATOM   1242 C  CB    . HIS A 1 147 ? 12.27130  -11.46411 4.17743   1.000 23.69215  ? 147 HIS A CB    1 
ATOM   1243 C  CG    . HIS A 1 147 ? 13.74506  -11.35124 4.43321   1.000 23.59875  ? 147 HIS A CG    1 
ATOM   1244 N  ND1   . HIS A 1 147 ? 14.59678  -10.66885 3.59175   1.000 28.68719  ? 147 HIS A ND1   1 
ATOM   1245 C  CD2   . HIS A 1 147 ? 14.51968  -11.86265 5.41887   1.000 19.86116  ? 147 HIS A CD2   1 
ATOM   1246 C  CE1   . HIS A 1 147 ? 15.83177  -10.75724 4.05667   1.000 24.73817  ? 147 HIS A CE1   1 
ATOM   1247 N  NE2   . HIS A 1 147 ? 15.80958  -11.46809 5.16698   1.000 28.98356  ? 147 HIS A NE2   1 
ATOM   1248 N  N     . VAL A 1 148 ? 9.66549   -12.97347 2.37413   1.000 23.65798  ? 148 VAL A N     1 
ATOM   1249 C  CA    . VAL A 1 148 ? 8.22799   -13.20559 2.48893   1.000 28.50364  ? 148 VAL A CA    1 
ATOM   1250 C  C     . VAL A 1 148 ? 7.96236   -14.69961 2.60973   1.000 41.25933  ? 148 VAL A C     1 
ATOM   1251 O  O     . VAL A 1 148 ? 8.69699   -15.52918 2.06725   1.000 38.00216  ? 148 VAL A O     1 
ATOM   1252 C  CB    . VAL A 1 148 ? 7.47572   -12.59190 1.29333   1.000 29.08364  ? 148 VAL A CB    1 
ATOM   1253 C  CG1   . VAL A 1 148 ? 7.83913   -13.31058 -0.00115  1.000 36.14083  ? 148 VAL A CG1   1 
ATOM   1254 C  CG2   . VAL A 1 148 ? 5.96961   -12.62581 1.53403   1.000 35.98536  ? 148 VAL A CG2   1 
ATOM   1255 N  N     . HIS A 1 149 ? 6.90647   -15.04976 3.33858   1.000 41.35303  ? 149 HIS A N     1 
ATOM   1256 C  CA    . HIS A 1 149 ? 6.55122   -16.45460 3.53577   1.000 58.69657  ? 149 HIS A CA    1 
ATOM   1257 C  C     . HIS A 1 149 ? 5.51938   -16.92047 2.51205   1.000 58.70988  ? 149 HIS A C     1 
ATOM   1258 O  O     . HIS A 1 149 ? 4.31382   -16.78838 2.72482   1.000 66.25064  ? 149 HIS A O     1 
ATOM   1259 C  CB    . HIS A 1 149 ? 6.01878   -16.68159 4.95241   1.000 61.21336  ? 149 HIS A CB    1 
ATOM   1260 C  CG    . HIS A 1 149 ? 6.94273   -16.20474 6.02885   1.000 69.25208  ? 149 HIS A CG    1 
ATOM   1261 N  ND1   . HIS A 1 149 ? 6.53568   -15.35688 7.03691   1.000 68.98458  ? 149 HIS A ND1   1 
ATOM   1262 C  CD2   . HIS A 1 149 ? 8.25356   -16.45791 6.25592   1.000 60.66891  ? 149 HIS A CD2   1 
ATOM   1263 C  CE1   . HIS A 1 149 ? 7.55699   -15.10523 7.83634   1.000 72.14332  ? 149 HIS A CE1   1 
ATOM   1264 N  NE2   . HIS A 1 149 ? 8.61115   -15.76157 7.38535   1.000 71.92667  ? 149 HIS A NE2   1 
HETATM 1265 S  S     . SO4 B 2 .   ? -18.49557 -4.41666  -11.17170 0.484 24.01885  ? 201 SO4 A S     1 
HETATM 1266 O  O1    . SO4 B 2 .   ? -18.52958 -4.67171  -12.61009 0.484 25.71541  ? 201 SO4 A O1    1 
HETATM 1267 O  O2    . SO4 B 2 .   ? -17.09450 -4.20838  -10.81964 0.484 28.22769  ? 201 SO4 A O2    1 
HETATM 1268 O  O3    . SO4 B 2 .   ? -19.28161 -3.22893  -10.86140 0.484 27.48891  ? 201 SO4 A O3    1 
HETATM 1269 O  O4    . SO4 B 2 .   ? -18.98406 -5.57024  -10.43390 0.484 21.60060  ? 201 SO4 A O4    1 
HETATM 1270 S  S     . SO4 C 2 .   ? -6.62276  6.66700   9.63745   1.000 98.04281  ? 202 SO4 A S     1 
HETATM 1271 O  O1    . SO4 C 2 .   ? -6.43418  5.34560   9.03887   1.000 35.30580  ? 202 SO4 A O1    1 
HETATM 1272 O  O2    . SO4 C 2 .   ? -5.36384  7.12629   10.21970  1.000 80.25931  ? 202 SO4 A O2    1 
HETATM 1273 O  O3    . SO4 C 2 .   ? -7.04536  7.60750   8.60876   1.000 61.48325  ? 202 SO4 A O3    1 
HETATM 1274 O  O4    . SO4 C 2 .   ? -7.65290  6.60666   10.67129  1.000 92.67559  ? 202 SO4 A O4    1 
HETATM 1275 C  C1    . CFA D 3 .   ? 1.40837   3.33432   3.07918   0.898 29.13819  ? 203 CFA A C1    1 
HETATM 1276 C  C2    . CFA D 3 .   ? 2.36717   2.31420   2.47939   0.898 24.15383  ? 203 CFA A C2    1 
HETATM 1277 C  "C1'" . CFA D 3 .   ? 1.13940   0.67311   1.40361   0.898 21.09400  ? 203 CFA A "C1'" 1 
HETATM 1278 C  "C2'" . CFA D 3 .   ? 0.92092   -0.66491  1.19805   0.898 18.91459  ? 203 CFA A "C2'" 1 
HETATM 1279 C  "C3'" . CFA D 3 .   ? 0.22194   -1.08146  0.08895   0.898 21.75228  ? 203 CFA A "C3'" 1 
HETATM 1280 C  "C4'" . CFA D 3 .   ? -0.23322  -0.10518  -0.76977  0.898 21.67616  ? 203 CFA A "C4'" 1 
HETATM 1281 C  "C5'" . CFA D 3 .   ? -0.02680  1.23962   -0.56896  0.898 21.25934  ? 203 CFA A "C5'" 1 
HETATM 1282 CL CL3   . CFA D 3 .   ? 1.63551   -1.75174  2.41604   0.898 35.91185  ? 203 CFA A CL3   1 
HETATM 1283 C  "C6'" . CFA D 3 .   ? 0.65258   1.63006   0.53684   0.898 20.46773  ? 203 CFA A "C6'" 1 
HETATM 1284 O  O1    . CFA D 3 .   ? 0.33572   2.99466   3.63931   0.898 24.94999  ? 203 CFA A O1    1 
HETATM 1285 O  O2    . CFA D 3 .   ? 1.70697   4.54488   2.98141   0.898 25.68187  ? 203 CFA A O2    1 
HETATM 1286 O  "O1'" . CFA D 3 .   ? 1.84357   1.02161   2.54904   0.898 24.13585  ? 203 CFA A "O1'" 1 
HETATM 1287 CL CL4   . CFA D 3 .   ? -1.15274  -0.52250  -2.22536  0.898 30.17419  ? 203 CFA A CL4   1 
HETATM 1288 H  H2C1  . CFA D 3 .   ? 3.20360   2.34193   2.96983   0.898 28.98682  ? 203 CFA A H2C1  1 
HETATM 1289 H  H2C2  . CFA D 3 .   ? 2.52576   2.53997   1.54946   0.898 28.98682  ? 203 CFA A H2C2  1 
HETATM 1290 H  "H3'" . CFA D 3 .   ? 0.06365   -1.98226  -0.07394  0.898 26.10495  ? 203 CFA A "H3'" 1 
HETATM 1291 H  "H5'" . CFA D 3 .   ? -0.34552  1.86558   -1.17692  0.898 25.51342  ? 203 CFA A "H5'" 1 
HETATM 1292 H  "H6'" . CFA D 3 .   ? 0.78913   2.53261   0.70947   0.898 24.56349  ? 203 CFA A "H6'" 1 
HETATM 1293 O  O     . HOH E 4 .   ? -14.43659 -2.92157  9.36545   1.000 44.43503  ? 301 HOH A O     1 
HETATM 1294 O  O     . HOH E 4 .   ? 13.21380  9.67335   12.25046  1.000 38.97326  ? 302 HOH A O     1 
HETATM 1295 O  O     . HOH E 4 .   ? -4.22362  8.91368   8.24758   1.000 43.63794  ? 303 HOH A O     1 
HETATM 1296 O  O     . HOH E 4 .   ? -10.45159 2.34328   9.01953   1.000 58.77058  ? 304 HOH A O     1 
HETATM 1297 O  O     . HOH E 4 .   ? 26.25776  3.04027   7.13576   1.000 53.19564  ? 305 HOH A O     1 
HETATM 1298 O  O     . HOH E 4 .   ? 3.33023   2.33911   -9.57775  1.000 43.75527  ? 306 HOH A O     1 
HETATM 1299 O  O     . HOH E 4 .   ? 6.01097   12.95591  7.62759   1.000 35.12940  ? 307 HOH A O     1 
HETATM 1300 O  O     . HOH E 4 .   ? 5.06998   3.00621   9.85825   1.000 41.87096  ? 308 HOH A O     1 
HETATM 1301 O  O     . HOH E 4 .   ? -8.15814  7.92006   12.73488  1.000 39.30970  ? 309 HOH A O     1 
HETATM 1302 O  O     . HOH E 4 .   ? -18.80521 2.53183   -11.33563 1.000 50.51842  ? 310 HOH A O     1 
HETATM 1303 O  O     . HOH E 4 .   ? 20.99717  -0.66684  -2.73436  1.000 29.63546  ? 311 HOH A O     1 
HETATM 1304 O  O     . HOH E 4 .   ? 19.70373  15.94973  -6.39853  1.000 35.15258  ? 312 HOH A O     1 
HETATM 1305 O  O     . HOH E 4 .   ? 18.44284  -6.88917  13.12109  1.000 22.12947  ? 313 HOH A O     1 
HETATM 1306 O  O     . HOH E 4 .   ? -19.23313 -1.38708  -9.07711  1.000 25.13150  ? 314 HOH A O     1 
HETATM 1307 O  O     . HOH E 4 .   ? 4.68462   3.91533   -8.63568  1.000 38.88738  ? 315 HOH A O     1 
HETATM 1308 O  O     . HOH E 4 .   ? -17.17240 -11.78493 6.98783   1.000 56.31013  ? 316 HOH A O     1 
HETATM 1309 O  O     . HOH E 4 .   ? 3.31875   14.20741  7.65853   1.000 46.49878  ? 317 HOH A O     1 
HETATM 1310 O  O     . HOH E 4 .   ? 5.75879   7.76589   -9.20034  1.000 33.07028  ? 318 HOH A O     1 
HETATM 1311 O  O     . HOH E 4 .   ? -12.11924 -6.50597  -10.63552 1.000 44.55468  ? 319 HOH A O     1 
HETATM 1312 O  O     . HOH E 4 .   ? 18.00578  5.92404   12.99718  1.000 44.88603  ? 320 HOH A O     1 
HETATM 1313 O  O     . HOH E 4 .   ? 6.15052   3.46863   3.64005   1.000 23.66476  ? 321 HOH A O     1 
HETATM 1314 O  O     . HOH E 4 .   ? 20.60600  8.84395   -9.22959  1.000 34.10025  ? 322 HOH A O     1 
HETATM 1315 O  O     . HOH E 4 .   ? -16.57569 2.90240   5.99436   1.000 39.75945  ? 323 HOH A O     1 
HETATM 1316 O  O     . HOH E 4 .   ? 5.42716   1.50280   7.76640   1.000 36.06499  ? 324 HOH A O     1 
HETATM 1317 O  O     . HOH E 4 .   ? 0.09352   14.59280  -3.95611  1.000 49.07079  ? 325 HOH A O     1 
HETATM 1318 O  O     . HOH E 4 .   ? 12.86083  12.92526  -0.73043  1.000 29.03982  ? 326 HOH A O     1 
HETATM 1319 O  O     . HOH E 4 .   ? 10.65193  -13.53518 7.12830   1.000 39.53006  ? 327 HOH A O     1 
HETATM 1320 O  O     . HOH E 4 .   ? -1.97527  -2.48724  -7.36410  1.000 37.90718  ? 328 HOH A O     1 
HETATM 1321 O  O     . HOH E 4 .   ? -0.93673  -13.50967 4.94831   1.000 42.64979  ? 329 HOH A O     1 
HETATM 1322 O  O     . HOH E 4 .   ? -19.29341 -12.02443 -0.94357  1.000 55.33258  ? 330 HOH A O     1 
HETATM 1323 O  O     . HOH E 4 .   ? 7.45193   15.29393  0.21024   1.000 44.71165  ? 331 HOH A O     1 
HETATM 1324 O  O     . HOH E 4 .   ? 11.38517  16.64050  -3.40367  1.000 43.76634  ? 332 HOH A O     1 
HETATM 1325 O  O     . HOH E 4 .   ? -4.63568  -4.76986  12.95242  1.000 50.15907  ? 333 HOH A O     1 
HETATM 1326 O  O     . HOH E 4 .   ? 1.12301   15.55505  3.44162   1.000 49.87825  ? 334 HOH A O     1 
HETATM 1327 O  O     . HOH E 4 .   ? -18.65687 -10.51215 -9.92927  1.000 37.36005  ? 335 HOH A O     1 
HETATM 1328 O  O     . HOH E 4 .   ? -3.49922  -1.10682  6.97564   1.000 42.18047  ? 336 HOH A O     1 
HETATM 1329 O  O     . HOH E 4 .   ? 0.79752   5.30404   0.51952   1.000 25.17771  ? 337 HOH A O     1 
HETATM 1330 O  O     . HOH E 4 .   ? -9.66372  9.18710   -5.69284  1.000 29.58823  ? 338 HOH A O     1 
HETATM 1331 O  O     . HOH E 4 .   ? -11.09574 8.97698   -8.31316  1.000 34.66134  ? 339 HOH A O     1 
HETATM 1332 O  O     . HOH E 4 .   ? -9.24157  -3.22008  -11.52112 1.000 44.87126  ? 340 HOH A O     1 
HETATM 1333 O  O     . HOH E 4 .   ? -19.65065 -5.58228  -3.63969  1.000 38.48552  ? 341 HOH A O     1 
HETATM 1334 O  O     . HOH E 4 .   ? -20.44736 -2.00992  -6.61873  1.000 28.19224  ? 342 HOH A O     1 
HETATM 1335 O  O     . HOH E 4 .   ? 5.50184   -13.35846 5.40178   1.000 45.73792  ? 343 HOH A O     1 
HETATM 1336 O  O     . HOH E 4 .   ? -17.12599 5.28771   -7.17367  1.000 35.48939  ? 344 HOH A O     1 
HETATM 1337 O  O     . HOH E 4 .   ? -4.99954  6.15035   -11.49845 1.000 36.11271  ? 345 HOH A O     1 
HETATM 1338 O  O     . HOH E 4 .   ? -0.59799  11.41387  8.26364   1.000 30.48348  ? 346 HOH A O     1 
HETATM 1339 O  O     . HOH E 4 .   ? -21.11208 -4.94433  -8.72456  0.50  61.08195  ? 347 HOH A O     1 
HETATM 1340 O  O     . HOH E 4 .   ? 10.64181  13.49387  -11.75170 1.000 53.23136  ? 348 HOH A O     1 
HETATM 1341 O  O     . HOH E 4 .   ? -0.37849  14.20415  9.54615   1.000 56.64015  ? 349 HOH A O     1 
HETATM 1342 O  O     . HOH E 4 .   ? -9.05995  -6.60644  -8.09376  1.000 27.95075  ? 350 HOH A O     1 
HETATM 1343 O  O     . HOH E 4 .   ? -5.57636  15.36745  5.91363   1.000 40.16012  ? 351 HOH A O     1 
HETATM 1344 O  O     . HOH E 4 .   ? 9.79283   -14.82194 -3.29992  1.000 43.41090  ? 352 HOH A O     1 
HETATM 1345 O  O     . HOH E 4 .   ? 7.32959   2.26023   10.40135  1.000 25.98242  ? 353 HOH A O     1 
HETATM 1346 O  O     . HOH E 4 .   ? -20.50564 -8.20242  -2.81511  1.000 44.69642  ? 354 HOH A O     1 
HETATM 1347 O  O     . HOH E 4 .   ? -24.89224 -2.68367  1.74786   1.000 48.29212  ? 355 HOH A O     1 
HETATM 1348 O  O     . HOH E 4 .   ? -13.38131 8.78366   -3.75919  1.000 39.63602  ? 356 HOH A O     1 
HETATM 1349 O  O     . HOH E 4 .   ? -9.09358  1.19761   8.42496   1.000 51.14010  ? 357 HOH A O     1 
HETATM 1350 O  O     . HOH E 4 .   ? -12.14177 11.05766  -3.15270  1.000 41.06317  ? 358 HOH A O     1 
HETATM 1351 O  O     . HOH E 4 .   ? -10.59761 -8.47854  -10.86510 1.000 44.60916  ? 359 HOH A O     1 
HETATM 1352 O  O     . HOH E 4 .   ? 16.73002  9.61644   12.90540  1.000 52.91536  ? 360 HOH A O     1 
HETATM 1353 O  O     . HOH E 4 .   ? -12.55002 -12.19499 4.24954   1.000 43.13433  ? 361 HOH A O     1 
HETATM 1354 O  O     . HOH E 4 .   ? 21.49307  11.81577  -5.46122  1.000 38.49661  ? 362 HOH A O     1 
HETATM 1355 O  O     . HOH E 4 .   ? -6.74389  2.32371   8.64144   1.000 32.36369  ? 363 HOH A O     1 
HETATM 1356 O  O     . HOH E 4 .   ? -2.95051  -5.02004  11.10519  1.000 35.62485  ? 364 HOH A O     1 
HETATM 1357 O  O     . HOH E 4 .   ? 14.79759  -11.87298 -4.17303  1.000 39.54400  ? 365 HOH A O     1 
HETATM 1358 O  O     . HOH E 4 .   ? -5.91834  -16.96323 1.86095   1.000 41.21083  ? 366 HOH A O     1 
HETATM 1359 O  O     . HOH E 4 .   ? -6.66424  -8.39389  14.43251  1.000 47.43128  ? 367 HOH A O     1 
HETATM 1360 O  O     . HOH E 4 .   ? 3.73862   3.03920   6.73412   1.000 52.23960  ? 368 HOH A O     1 
HETATM 1361 O  O     . HOH E 4 .   ? -5.28406  7.79950   5.39874   1.000 29.99439  ? 369 HOH A O     1 
HETATM 1362 O  O     . HOH E 4 .   ? -7.48360  16.59421  -5.61020  1.000 44.34283  ? 370 HOH A O     1 
HETATM 1363 O  O     . HOH E 4 .   ? 2.66948   -0.97870  7.87363   1.000 32.00891  ? 371 HOH A O     1 
HETATM 1364 O  O     . HOH E 4 .   ? 6.55404   -12.41071 8.06079   1.000 43.06379  ? 372 HOH A O     1 
HETATM 1365 O  O     . HOH E 4 .   ? 20.53185  9.20916   -12.14051 1.000 42.86262  ? 373 HOH A O     1 
HETATM 1366 O  O     . HOH E 4 .   ? -19.99747 -7.23565  -6.77791  1.000 52.21367  ? 374 HOH A O     1 
HETATM 1367 O  O     . HOH E 4 .   ? -8.77219  -1.07618  9.41657   1.000 45.42850  ? 375 HOH A O     1 
HETATM 1368 O  O     . HOH E 4 .   ? -16.02072 7.99081   -8.00235  1.000 52.68039  ? 376 HOH A O     1 
HETATM 1369 O  O     . HOH E 4 .   ? 19.35222  1.56709   -2.38025  0.50  27.78696  ? 377 HOH A O     1 
HETATM 1370 O  O     . HOH E 4 .   ? 4.76750   6.83863   -11.50823 1.000 61.25449  ? 378 HOH A O     1 
HETATM 1371 O  O     . HOH E 4 .   ? -17.43150 5.17652   -4.01154  1.000 53.25387  ? 379 HOH A O     1 
HETATM 1372 O  O     . HOH E 4 .   ? 18.51772  -13.09085 2.82310   1.000 38.48963  ? 380 HOH A O     1 
HETATM 1373 O  O     . HOH E 4 .   ? -10.44944 11.62017  -4.94564  1.000 43.15994  ? 381 HOH A O     1 
HETATM 1374 O  O     . HOH E 4 .   ? -18.93368 5.21310   -9.24428  1.000 48.10634  ? 382 HOH A O     1 
HETATM 1375 O  O     . HOH E 4 .   ? -3.30465  -11.89088 13.35493  1.000 40.85864  ? 383 HOH A O     1 
HETATM 1376 O  O     . HOH E 4 .   ? -4.20013  -14.42562 13.08642  1.000 49.75301  ? 384 HOH A O     1 
HETATM 1377 O  O     . HOH E 4 .   ? -4.96572  -10.70221 15.16292  0.50  44.35125  ? 385 HOH A O     1 
# 
loop_
_pdbx_poly_seq_scheme.asym_id 
_pdbx_poly_seq_scheme.entity_id 
_pdbx_poly_seq_scheme.seq_id 
_pdbx_poly_seq_scheme.mon_id 
_pdbx_poly_seq_scheme.ndb_seq_num 
_pdbx_poly_seq_scheme.pdb_seq_num 
_pdbx_poly_seq_scheme.auth_seq_num 
_pdbx_poly_seq_scheme.pdb_mon_id 
_pdbx_poly_seq_scheme.auth_mon_id 
_pdbx_poly_seq_scheme.pdb_strand_id 
_pdbx_poly_seq_scheme.pdb_ins_code 
_pdbx_poly_seq_scheme.hetero 
A 1 1   MET 1   1   ?   ?   ?   A . n 
A 1 2   ALA 2   2   ?   ?   ?   A . n 
A 1 3   GLU 3   3   ?   ?   ?   A . n 
A 1 4   GLN 4   4   ?   ?   ?   A . n 
A 1 5   PRO 5   5   ?   ?   ?   A . n 
A 1 6   PRO 6   6   ?   ?   ?   A . n 
A 1 7   GLU 7   7   ?   ?   ?   A . n 
A 1 8   THR 8   8   ?   ?   ?   A . n 
A 1 9   HIS 9   9   ?   ?   ?   A . n 
A 1 10  ARG 10  10  10  ARG ARG A . n 
A 1 11  PHE 11  11  11  PHE PHE A . n 
A 1 12  VAL 12  12  12  VAL VAL A . n 
A 1 13  ASP 13  13  13  ASP ASP A . n 
A 1 14  ASP 14  14  14  ASP ASP A . n 
A 1 15  TYR 15  15  15  TYR TYR A . n 
A 1 16  LEU 16  16  16  LEU LEU A . n 
A 1 17  PRO 17  17  17  PRO PRO A . n 
A 1 18  ALA 18  18  18  ALA ALA A . n 
A 1 19  LEU 19  19  19  LEU LEU A . n 
A 1 20  LEU 20  20  20  LEU LEU A . n 
A 1 21  ALA 21  21  21  ALA ALA A . n 
A 1 22  GLN 22  22  22  GLN GLN A . n 
A 1 23  ALA 23  23  23  ALA ALA A . n 
A 1 24  SER 24  24  24  SER SER A . n 
A 1 25  GLN 25  25  25  GLN GLN A . n 
A 1 26  LEU 26  26  26  LEU LEU A . n 
A 1 27  ILE 27  27  27  ILE ILE A . n 
A 1 28  SER 28  28  28  SER SER A . n 
A 1 29  SER 29  29  29  SER SER A . n 
A 1 30  GLU 30  30  30  GLU GLU A . n 
A 1 31  PHE 31  31  31  PHE PHE A . n 
A 1 32  HIS 32  32  32  HIS HIS A . n 
A 1 33  GLU 33  33  33  GLU GLU A . n 
A 1 34  VAL 34  34  34  VAL VAL A . n 
A 1 35  ALA 35  35  35  ALA ALA A . n 
A 1 36  ARG 36  36  36  ARG ARG A . n 
A 1 37  GLN 37  37  37  GLN GLN A . n 
A 1 38  HIS 38  38  38  HIS HIS A . n 
A 1 39  GLY 39  39  39  GLY GLY A . n 
A 1 40  PHE 40  40  40  PHE PHE A . n 
A 1 41  SER 41  41  41  SER SER A . n 
A 1 42  VAL 42  42  42  VAL VAL A . n 
A 1 43  SER 43  43  43  SER SER A . n 
A 1 44  GLU 44  44  44  GLU GLU A . n 
A 1 45  TRP 45  45  45  TRP TRP A . n 
A 1 46  ARG 46  46  46  ARG ARG A . n 
A 1 47  VAL 47  47  47  VAL VAL A . n 
A 1 48  MET 48  48  48  MET MET A . n 
A 1 49  ALA 49  49  49  ALA ALA A . n 
A 1 50  SER 50  50  50  SER SER A . n 
A 1 51  LEU 51  51  51  LEU LEU A . n 
A 1 52  ALA 52  52  52  ALA ALA A . n 
A 1 53  GLY 53  53  53  GLY GLY A . n 
A 1 54  SER 54  54  54  SER SER A . n 
A 1 55  GLU 55  55  55  GLU GLU A . n 
A 1 56  PRO 56  56  56  PRO PRO A . n 
A 1 57  ILE 57  57  57  ILE ILE A . n 
A 1 58  SER 58  58  58  SER SER A . n 
A 1 59  ILE 59  59  59  ILE ILE A . n 
A 1 60  GLY 60  60  60  GLY GLY A . n 
A 1 61  GLN 61  61  61  GLN GLN A . n 
A 1 62  LEU 62  62  62  LEU LEU A . n 
A 1 63  ALA 63  63  63  ALA ALA A . n 
A 1 64  GLN 64  64  64  GLN GLN A . n 
A 1 65  VAL 65  65  65  VAL VAL A . n 
A 1 66  THR 66  66  66  THR THR A . n 
A 1 67  VAL 67  67  67  VAL VAL A . n 
A 1 68  THR 68  68  68  THR THR A . n 
A 1 69  LYS 69  69  69  LYS LYS A . n 
A 1 70  GLN 70  70  70  GLN GLN A . n 
A 1 71  PRO 71  71  71  PRO PRO A . n 
A 1 72  THR 72  72  72  THR THR A . n 
A 1 73  VAL 73  73  73  VAL VAL A . n 
A 1 74  THR 74  74  74  THR THR A . n 
A 1 75  ARG 75  75  75  ARG ARG A . n 
A 1 76  LEU 76  76  76  LEU LEU A . n 
A 1 77  LEU 77  77  77  LEU LEU A . n 
A 1 78  ASP 78  78  78  ASP ASP A . n 
A 1 79  ARG 79  79  79  ARG ARG A . n 
A 1 80  MET 80  80  80  MET MET A . n 
A 1 81  GLU 81  81  81  GLU GLU A . n 
A 1 82  ALA 82  82  82  ALA ALA A . n 
A 1 83  ARG 83  83  83  ARG ARG A . n 
A 1 84  GLY 84  84  84  GLY GLY A . n 
A 1 85  GLN 85  85  85  GLN GLN A . n 
A 1 86  VAL 86  86  86  VAL VAL A . n 
A 1 87  GLU 87  87  87  GLU GLU A . n 
A 1 88  ARG 88  88  88  ARG ARG A . n 
A 1 89  LEU 89  89  89  LEU LEU A . n 
A 1 90  PRO 90  90  90  PRO PRO A . n 
A 1 91  HIS 91  91  91  HIS HIS A . n 
A 1 92  GLU 92  92  ?   ?   ?   A . n 
A 1 93  SER 93  93  ?   ?   ?   A . n 
A 1 94  ASP 94  94  ?   ?   ?   A . n 
A 1 95  ARG 95  95  ?   ?   ?   A . n 
A 1 96  ARG 96  96  ?   ?   ?   A . n 
A 1 97  ILE 97  97  97  ILE ILE A . n 
A 1 98  THR 98  98  98  THR THR A . n 
A 1 99  LEU 99  99  99  LEU LEU A . n 
A 1 100 VAL 100 100 100 VAL VAL A . n 
A 1 101 ARG 101 101 101 ARG ARG A . n 
A 1 102 ILE 102 102 102 ILE ILE A . n 
A 1 103 THR 103 103 103 THR THR A . n 
A 1 104 ARG 104 104 104 ARG ARG A . n 
A 1 105 LYS 105 105 105 LYS LYS A . n 
A 1 106 GLY 106 106 106 GLY GLY A . n 
A 1 107 LEU 107 107 107 LEU LEU A . n 
A 1 108 LYS 108 108 108 LYS LYS A . n 
A 1 109 ALA 109 109 109 ALA ALA A . n 
A 1 110 VAL 110 110 110 VAL VAL A . n 
A 1 111 GLU 111 111 111 GLU GLU A . n 
A 1 112 HIS 112 112 112 HIS HIS A . n 
A 1 113 LEU 113 113 113 LEU LEU A . n 
A 1 114 MET 114 114 114 MET MET A . n 
A 1 115 GLU 115 115 115 GLU GLU A . n 
A 1 116 LEU 116 116 116 LEU LEU A . n 
A 1 117 ALA 117 117 117 ALA ALA A . n 
A 1 118 ARG 118 118 118 ARG ARG A . n 
A 1 119 GLU 119 119 119 GLU GLU A . n 
A 1 120 HIS 120 120 120 HIS HIS A . n 
A 1 121 GLU 121 121 121 GLU GLU A . n 
A 1 122 ARG 122 122 122 ARG ARG A . n 
A 1 123 ARG 123 123 123 ARG ARG A . n 
A 1 124 VAL 124 124 124 VAL VAL A . n 
A 1 125 LEU 125 125 125 LEU LEU A . n 
A 1 126 GLU 126 126 126 GLU GLU A . n 
A 1 127 PRO 127 127 127 PRO PRO A . n 
A 1 128 PHE 128 128 128 PHE PHE A . n 
A 1 129 GLY 129 129 129 GLY GLY A . n 
A 1 130 LEU 130 130 130 LEU LEU A . n 
A 1 131 ARG 131 131 131 ARG ARG A . n 
A 1 132 ARG 132 132 132 ARG ARG A . n 
A 1 133 ALA 133 133 133 ALA ALA A . n 
A 1 134 GLU 134 134 134 GLU GLU A . n 
A 1 135 GLU 135 135 135 GLU GLU A . n 
A 1 136 LEU 136 136 136 LEU LEU A . n 
A 1 137 LYS 137 137 137 LYS LYS A . n 
A 1 138 GLN 138 138 138 GLN GLN A . n 
A 1 139 THR 139 139 139 THR THR A . n 
A 1 140 LEU 140 140 140 LEU LEU A . n 
A 1 141 ARG 141 141 141 ARG ARG A . n 
A 1 142 GLN 142 142 142 GLN GLN A . n 
A 1 143 MET 143 143 143 MET MET A . n 
A 1 144 ILE 144 144 144 ILE ILE A . n 
A 1 145 ASP 145 145 145 ASP ASP A . n 
A 1 146 LEU 146 146 146 LEU LEU A . n 
A 1 147 HIS 147 147 147 HIS HIS A . n 
A 1 148 VAL 148 148 148 VAL VAL A . n 
A 1 149 HIS 149 149 149 HIS HIS A . n 
A 1 150 VAL 150 150 ?   ?   ?   A . n 
A 1 151 PRO 151 151 ?   ?   ?   A . n 
A 1 152 VAL 152 152 ?   ?   ?   A . n 
A 1 153 GLU 153 153 ?   ?   ?   A . n 
A 1 154 GLU 154 154 ?   ?   ?   A . n 
A 1 155 PRO 155 155 ?   ?   ?   A . n 
A 1 156 GLU 156 156 ?   ?   ?   A . n 
A 1 157 GLU 157 157 ?   ?   ?   A . n 
A 1 158 ASP 158 158 ?   ?   ?   A . n 
# 
loop_
_pdbx_nonpoly_scheme.asym_id 
_pdbx_nonpoly_scheme.entity_id 
_pdbx_nonpoly_scheme.mon_id 
_pdbx_nonpoly_scheme.ndb_seq_num 
_pdbx_nonpoly_scheme.pdb_seq_num 
_pdbx_nonpoly_scheme.auth_seq_num 
_pdbx_nonpoly_scheme.pdb_mon_id 
_pdbx_nonpoly_scheme.auth_mon_id 
_pdbx_nonpoly_scheme.pdb_strand_id 
_pdbx_nonpoly_scheme.pdb_ins_code 
B 2 SO4 1  201 1  SO4 SO4 A . 
C 2 SO4 1  202 2  SO4 SO4 A . 
D 3 CFA 1  203 1  CFA DPA A . 
E 4 HOH 1  301 23 HOH HOH A . 
E 4 HOH 2  302 33 HOH HOH A . 
E 4 HOH 3  303 86 HOH HOH A . 
E 4 HOH 4  304 71 HOH HOH A . 
E 4 HOH 5  305 40 HOH HOH A . 
E 4 HOH 6  306 29 HOH HOH A . 
E 4 HOH 7  307 22 HOH HOH A . 
E 4 HOH 8  308 70 HOH HOH A . 
E 4 HOH 9  309 56 HOH HOH A . 
E 4 HOH 10 310 66 HOH HOH A . 
E 4 HOH 11 311 13 HOH HOH A . 
E 4 HOH 12 312 27 HOH HOH A . 
E 4 HOH 13 313 1  HOH HOH A . 
E 4 HOH 14 314 7  HOH HOH A . 
E 4 HOH 15 315 21 HOH HOH A . 
E 4 HOH 16 316 67 HOH HOH A . 
E 4 HOH 17 317 47 HOH HOH A . 
E 4 HOH 18 318 18 HOH HOH A . 
E 4 HOH 19 319 54 HOH HOH A . 
E 4 HOH 20 320 61 HOH HOH A . 
E 4 HOH 21 321 2  HOH HOH A . 
E 4 HOH 22 322 17 HOH HOH A . 
E 4 HOH 23 323 30 HOH HOH A . 
E 4 HOH 24 324 42 HOH HOH A . 
E 4 HOH 25 325 38 HOH HOH A . 
E 4 HOH 26 326 5  HOH HOH A . 
E 4 HOH 27 327 14 HOH HOH A . 
E 4 HOH 28 328 39 HOH HOH A . 
E 4 HOH 29 329 41 HOH HOH A . 
E 4 HOH 30 330 62 HOH HOH A . 
E 4 HOH 31 331 35 HOH HOH A . 
E 4 HOH 32 332 72 HOH HOH A . 
E 4 HOH 33 333 76 HOH HOH A . 
E 4 HOH 34 334 75 HOH HOH A . 
E 4 HOH 35 335 16 HOH HOH A . 
E 4 HOH 36 336 52 HOH HOH A . 
E 4 HOH 37 337 3  HOH HOH A . 
E 4 HOH 38 338 11 HOH HOH A . 
E 4 HOH 39 339 15 HOH HOH A . 
E 4 HOH 40 340 37 HOH HOH A . 
E 4 HOH 41 341 36 HOH HOH A . 
E 4 HOH 42 342 10 HOH HOH A . 
E 4 HOH 43 343 50 HOH HOH A . 
E 4 HOH 44 344 24 HOH HOH A . 
E 4 HOH 45 345 26 HOH HOH A . 
E 4 HOH 46 346 12 HOH HOH A . 
E 4 HOH 47 347 60 HOH HOH A . 
E 4 HOH 48 348 84 HOH HOH A . 
E 4 HOH 49 349 59 HOH HOH A . 
E 4 HOH 50 350 4  HOH HOH A . 
E 4 HOH 51 351 63 HOH HOH A . 
E 4 HOH 52 352 28 HOH HOH A . 
E 4 HOH 53 353 6  HOH HOH A . 
E 4 HOH 54 354 51 HOH HOH A . 
E 4 HOH 55 355 65 HOH HOH A . 
E 4 HOH 56 356 43 HOH HOH A . 
E 4 HOH 57 357 20 HOH HOH A . 
E 4 HOH 58 358 58 HOH HOH A . 
E 4 HOH 59 359 83 HOH HOH A . 
E 4 HOH 60 360 78 HOH HOH A . 
E 4 HOH 61 361 57 HOH HOH A . 
E 4 HOH 62 362 25 HOH HOH A . 
E 4 HOH 63 363 9  HOH HOH A . 
E 4 HOH 64 364 55 HOH HOH A . 
E 4 HOH 65 365 64 HOH HOH A . 
E 4 HOH 66 366 31 HOH HOH A . 
E 4 HOH 67 367 46 HOH HOH A . 
E 4 HOH 68 368 80 HOH HOH A . 
E 4 HOH 69 369 69 HOH HOH A . 
E 4 HOH 70 370 82 HOH HOH A . 
E 4 HOH 71 371 68 HOH HOH A . 
E 4 HOH 72 372 74 HOH HOH A . 
E 4 HOH 73 373 48 HOH HOH A . 
E 4 HOH 74 374 32 HOH HOH A . 
E 4 HOH 75 375 77 HOH HOH A . 
E 4 HOH 76 376 73 HOH HOH A . 
E 4 HOH 77 377 8  HOH HOH A . 
E 4 HOH 78 378 85 HOH HOH A . 
E 4 HOH 79 379 79 HOH HOH A . 
E 4 HOH 80 380 34 HOH HOH A . 
E 4 HOH 81 381 44 HOH HOH A . 
E 4 HOH 82 382 49 HOH HOH A . 
E 4 HOH 83 383 53 HOH HOH A . 
E 4 HOH 84 384 81 HOH HOH A . 
E 4 HOH 85 385 45 HOH HOH A . 
# 
_pdbx_struct_assembly.id                   1 
_pdbx_struct_assembly.details              author_defined_assembly 
_pdbx_struct_assembly.method_details       ? 
_pdbx_struct_assembly.oligomeric_details   dimeric 
_pdbx_struct_assembly.oligomeric_count     2 
# 
loop_
_pdbx_struct_assembly_gen.assembly_id 
_pdbx_struct_assembly_gen.oper_expression 
_pdbx_struct_assembly_gen.asym_id_list 
1 1 A,B,C,D,E 
1 2 A,B,C,D,E 
# 
loop_
_pdbx_struct_oper_list.id 
_pdbx_struct_oper_list.type 
_pdbx_struct_oper_list.name 
_pdbx_struct_oper_list.symmetry_operation 
_pdbx_struct_oper_list.matrix[1][1] 
_pdbx_struct_oper_list.matrix[1][2] 
_pdbx_struct_oper_list.matrix[1][3] 
_pdbx_struct_oper_list.vector[1] 
_pdbx_struct_oper_list.matrix[2][1] 
_pdbx_struct_oper_list.matrix[2][2] 
_pdbx_struct_oper_list.matrix[2][3] 
_pdbx_struct_oper_list.vector[2] 
_pdbx_struct_oper_list.matrix[3][1] 
_pdbx_struct_oper_list.matrix[3][2] 
_pdbx_struct_oper_list.matrix[3][3] 
_pdbx_struct_oper_list.vector[3] 
1 'identity operation'         1_555 x,y,z     1.0000000000 0.0000000000 0.0000000000  0.0000000000  0.0000000000 1.0000000000  0.0000000000  0.0000000000 0.0000000000  0.0000000000  1.0000000000  0.0000000000  
2 'crystal symmetry operation' 2_565 -x,-y+1,z 0.1106413676 0.1056871837 -0.9882250285 14.6932233600 0.1056871837 -0.9899429455 -0.0940382045 0.8492961604 -0.9882250285 -0.0940382045 -0.1206984221 16.6041750942 
# 
loop_
_pdbx_struct_special_symmetry.id 
_pdbx_struct_special_symmetry.PDB_model_num 
_pdbx_struct_special_symmetry.auth_asym_id 
_pdbx_struct_special_symmetry.auth_comp_id 
_pdbx_struct_special_symmetry.auth_seq_id 
_pdbx_struct_special_symmetry.PDB_ins_code 
_pdbx_struct_special_symmetry.label_asym_id 
_pdbx_struct_special_symmetry.label_comp_id 
_pdbx_struct_special_symmetry.label_seq_id 
1 1 A HOH 347 ? E HOH . 
2 1 A HOH 377 ? E HOH . 
3 1 A HOH 385 ? E HOH . 
# 
loop_
_pdbx_audit_revision_history.ordinal 
_pdbx_audit_revision_history.data_content_type 
_pdbx_audit_revision_history.major_revision 
_pdbx_audit_revision_history.minor_revision 
_pdbx_audit_revision_history.revision_date 
1 'Structure model' 1 0 2021-12-01 
2 'Structure model' 1 1 2022-11-23 
3 'Structure model' 1 2 2023-10-25 
# 
_pdbx_audit_revision_details.ordinal             1 
_pdbx_audit_revision_details.revision_ordinal    1 
_pdbx_audit_revision_details.data_content_type   'Structure model' 
_pdbx_audit_revision_details.provider            repository 
_pdbx_audit_revision_details.type                'Initial release' 
_pdbx_audit_revision_details.description         ? 
_pdbx_audit_revision_details.details             ? 
# 
loop_
_pdbx_audit_revision_group.ordinal 
_pdbx_audit_revision_group.revision_ordinal 
_pdbx_audit_revision_group.data_content_type 
_pdbx_audit_revision_group.group 
1 2 'Structure model' 'Database references'    
2 3 'Structure model' 'Data collection'        
3 3 'Structure model' 'Refinement description' 
# 
loop_
_pdbx_audit_revision_category.ordinal 
_pdbx_audit_revision_category.revision_ordinal 
_pdbx_audit_revision_category.data_content_type 
_pdbx_audit_revision_category.category 
1 2 'Structure model' citation                      
2 2 'Structure model' citation_author               
3 3 'Structure model' chem_comp_atom                
4 3 'Structure model' chem_comp_bond                
5 3 'Structure model' pdbx_initial_refinement_model 
# 
loop_
_pdbx_audit_revision_item.ordinal 
_pdbx_audit_revision_item.revision_ordinal 
_pdbx_audit_revision_item.data_content_type 
_pdbx_audit_revision_item.item 
1  2 'Structure model' '_citation.country'                 
2  2 'Structure model' '_citation.journal_abbrev'          
3  2 'Structure model' '_citation.journal_id_CSD'          
4  2 'Structure model' '_citation.journal_id_ISSN'         
5  2 'Structure model' '_citation.journal_volume'          
6  2 'Structure model' '_citation.page_first'              
7  2 'Structure model' '_citation.page_last'               
8  2 'Structure model' '_citation.pdbx_database_id_DOI'    
9  2 'Structure model' '_citation.pdbx_database_id_PubMed' 
10 2 'Structure model' '_citation.title'                   
11 2 'Structure model' '_citation.year'                    
# 
loop_
_space_group_symop.id 
_space_group_symop.operation_xyz 
1  x,y,z           
2  x,-y,-z         
3  -x,y,-z         
4  -x,-y,z         
5  x,y+1/2,z+1/2   
6  x,-y+1/2,-z+1/2 
7  -x,y+1/2,-z+1/2 
8  -x,-y+1/2,z+1/2 
9  x+1/2,y,z+1/2   
10 x+1/2,-y,-z+1/2 
11 -x+1/2,y,-z+1/2 
12 -x+1/2,-y,z+1/2 
13 x+1/2,y+1/2,z   
14 x+1/2,-y+1/2,-z 
15 -x+1/2,y+1/2,-z 
16 -x+1/2,-y+1/2,z 
# 
loop_
_software.citation_id 
_software.classification 
_software.compiler_name 
_software.compiler_version 
_software.contact_author 
_software.contact_author_email 
_software.date 
_software.description 
_software.dependencies 
_software.hardware 
_software.language 
_software.location 
_software.mods 
_software.name 
_software.os 
_software.os_version 
_software.type 
_software.version 
_software.pdbx_ordinal 
? refinement       ? ? ? ? ? ? ? ? ? ? ? PHENIX  ? ? ? 1.17.1_3660 1 
? 'data reduction' ? ? ? ? ? ? ? ? ? ? ? XDS     ? ? ? .           2 
? 'data scaling'   ? ? ? ? ? ? ? ? ? ? ? Aimless ? ? ? .           3 
? phasing          ? ? ? ? ? ? ? ? ? ? ? PHENIX  ? ? ? .           4 
# 
_pdbx_entry_details.entry_id                 7KKI 
_pdbx_entry_details.has_ligand_of_interest   N 
_pdbx_entry_details.compound_details         ? 
_pdbx_entry_details.source_details           ? 
_pdbx_entry_details.nonpolymer_details       ? 
_pdbx_entry_details.sequence_details         ? 
# 
loop_
_pdbx_validate_close_contact.id 
_pdbx_validate_close_contact.PDB_model_num 
_pdbx_validate_close_contact.auth_atom_id_1 
_pdbx_validate_close_contact.auth_asym_id_1 
_pdbx_validate_close_contact.auth_comp_id_1 
_pdbx_validate_close_contact.auth_seq_id_1 
_pdbx_validate_close_contact.PDB_ins_code_1 
_pdbx_validate_close_contact.label_alt_id_1 
_pdbx_validate_close_contact.auth_atom_id_2 
_pdbx_validate_close_contact.auth_asym_id_2 
_pdbx_validate_close_contact.auth_comp_id_2 
_pdbx_validate_close_contact.auth_seq_id_2 
_pdbx_validate_close_contact.PDB_ins_code_2 
_pdbx_validate_close_contact.label_alt_id_2 
_pdbx_validate_close_contact.dist 
1 1 O  A HOH 304 ? ? O A HOH 357 ? ? 1.87 
2 1 NE A ARG 79  ? A O A HOH 301 ? ? 2.18 
# 
_pdbx_validate_symm_contact.id                1 
_pdbx_validate_symm_contact.PDB_model_num     1 
_pdbx_validate_symm_contact.auth_atom_id_1    O 
_pdbx_validate_symm_contact.auth_asym_id_1    A 
_pdbx_validate_symm_contact.auth_comp_id_1    HOH 
_pdbx_validate_symm_contact.auth_seq_id_1     304 
_pdbx_validate_symm_contact.PDB_ins_code_1    ? 
_pdbx_validate_symm_contact.label_alt_id_1    ? 
_pdbx_validate_symm_contact.site_symmetry_1   1_555 
_pdbx_validate_symm_contact.auth_atom_id_2    O 
_pdbx_validate_symm_contact.auth_asym_id_2    A 
_pdbx_validate_symm_contact.auth_comp_id_2    HOH 
_pdbx_validate_symm_contact.auth_seq_id_2     304 
_pdbx_validate_symm_contact.PDB_ins_code_2    ? 
_pdbx_validate_symm_contact.label_alt_id_2    ? 
_pdbx_validate_symm_contact.site_symmetry_2   3_556 
_pdbx_validate_symm_contact.dist              2.08 
# 
_pdbx_validate_torsion.id              1 
_pdbx_validate_torsion.PDB_model_num   1 
_pdbx_validate_torsion.auth_comp_id    VAL 
_pdbx_validate_torsion.auth_asym_id    A 
_pdbx_validate_torsion.auth_seq_id     67 
_pdbx_validate_torsion.PDB_ins_code    ? 
_pdbx_validate_torsion.label_alt_id    A 
_pdbx_validate_torsion.phi             38.52 
_pdbx_validate_torsion.psi             58.17 
# 
loop_
_pdbx_unobs_or_zero_occ_residues.id 
_pdbx_unobs_or_zero_occ_residues.PDB_model_num 
_pdbx_unobs_or_zero_occ_residues.polymer_flag 
_pdbx_unobs_or_zero_occ_residues.occupancy_flag 
_pdbx_unobs_or_zero_occ_residues.auth_asym_id 
_pdbx_unobs_or_zero_occ_residues.auth_comp_id 
_pdbx_unobs_or_zero_occ_residues.auth_seq_id 
_pdbx_unobs_or_zero_occ_residues.PDB_ins_code 
_pdbx_unobs_or_zero_occ_residues.label_asym_id 
_pdbx_unobs_or_zero_occ_residues.label_comp_id 
_pdbx_unobs_or_zero_occ_residues.label_seq_id 
1  1 Y 1 A MET 1   ? A MET 1   
2  1 Y 1 A ALA 2   ? A ALA 2   
3  1 Y 1 A GLU 3   ? A GLU 3   
4  1 Y 1 A GLN 4   ? A GLN 4   
5  1 Y 1 A PRO 5   ? A PRO 5   
6  1 Y 1 A PRO 6   ? A PRO 6   
7  1 Y 1 A GLU 7   ? A GLU 7   
8  1 Y 1 A THR 8   ? A THR 8   
9  1 Y 1 A HIS 9   ? A HIS 9   
10 1 Y 1 A GLU 92  ? A GLU 92  
11 1 Y 1 A SER 93  ? A SER 93  
12 1 Y 1 A ASP 94  ? A ASP 94  
13 1 Y 1 A ARG 95  ? A ARG 95  
14 1 Y 1 A ARG 96  ? A ARG 96  
15 1 Y 1 A VAL 150 ? A VAL 150 
16 1 Y 1 A PRO 151 ? A PRO 151 
17 1 Y 1 A VAL 152 ? A VAL 152 
18 1 Y 1 A GLU 153 ? A GLU 153 
19 1 Y 1 A GLU 154 ? A GLU 154 
20 1 Y 1 A PRO 155 ? A PRO 155 
21 1 Y 1 A GLU 156 ? A GLU 156 
22 1 Y 1 A GLU 157 ? A GLU 157 
23 1 Y 1 A ASP 158 ? A ASP 158 
# 
loop_
_chem_comp_atom.comp_id 
_chem_comp_atom.atom_id 
_chem_comp_atom.type_symbol 
_chem_comp_atom.pdbx_aromatic_flag 
_chem_comp_atom.pdbx_stereo_config 
_chem_comp_atom.pdbx_ordinal 
ALA N     N  N N 1   
ALA CA    C  N S 2   
ALA C     C  N N 3   
ALA O     O  N N 4   
ALA CB    C  N N 5   
ALA OXT   O  N N 6   
ALA H     H  N N 7   
ALA H2    H  N N 8   
ALA HA    H  N N 9   
ALA HB1   H  N N 10  
ALA HB2   H  N N 11  
ALA HB3   H  N N 12  
ALA HXT   H  N N 13  
ARG N     N  N N 14  
ARG CA    C  N S 15  
ARG C     C  N N 16  
ARG O     O  N N 17  
ARG CB    C  N N 18  
ARG CG    C  N N 19  
ARG CD    C  N N 20  
ARG NE    N  N N 21  
ARG CZ    C  N N 22  
ARG NH1   N  N N 23  
ARG NH2   N  N N 24  
ARG OXT   O  N N 25  
ARG H     H  N N 26  
ARG H2    H  N N 27  
ARG HA    H  N N 28  
ARG HB2   H  N N 29  
ARG HB3   H  N N 30  
ARG HG2   H  N N 31  
ARG HG3   H  N N 32  
ARG HD2   H  N N 33  
ARG HD3   H  N N 34  
ARG HE    H  N N 35  
ARG HH11  H  N N 36  
ARG HH12  H  N N 37  
ARG HH21  H  N N 38  
ARG HH22  H  N N 39  
ARG HXT   H  N N 40  
ASP N     N  N N 41  
ASP CA    C  N S 42  
ASP C     C  N N 43  
ASP O     O  N N 44  
ASP CB    C  N N 45  
ASP CG    C  N N 46  
ASP OD1   O  N N 47  
ASP OD2   O  N N 48  
ASP OXT   O  N N 49  
ASP H     H  N N 50  
ASP H2    H  N N 51  
ASP HA    H  N N 52  
ASP HB2   H  N N 53  
ASP HB3   H  N N 54  
ASP HD2   H  N N 55  
ASP HXT   H  N N 56  
CFA C1    C  N N 57  
CFA C2    C  N N 58  
CFA "C1'" C  Y N 59  
CFA "C2'" C  Y N 60  
CFA "C3'" C  Y N 61  
CFA "C4'" C  Y N 62  
CFA "C5'" C  Y N 63  
CFA CL3   CL N N 64  
CFA "C6'" C  Y N 65  
CFA O1    O  N N 66  
CFA O2    O  N N 67  
CFA "O1'" O  N N 68  
CFA CL4   CL N N 69  
CFA H2C1  H  N N 70  
CFA H2C2  H  N N 71  
CFA "H3'" H  N N 72  
CFA "H5'" H  N N 73  
CFA "H6'" H  N N 74  
CFA H1    H  N N 75  
GLN N     N  N N 76  
GLN CA    C  N S 77  
GLN C     C  N N 78  
GLN O     O  N N 79  
GLN CB    C  N N 80  
GLN CG    C  N N 81  
GLN CD    C  N N 82  
GLN OE1   O  N N 83  
GLN NE2   N  N N 84  
GLN OXT   O  N N 85  
GLN H     H  N N 86  
GLN H2    H  N N 87  
GLN HA    H  N N 88  
GLN HB2   H  N N 89  
GLN HB3   H  N N 90  
GLN HG2   H  N N 91  
GLN HG3   H  N N 92  
GLN HE21  H  N N 93  
GLN HE22  H  N N 94  
GLN HXT   H  N N 95  
GLU N     N  N N 96  
GLU CA    C  N S 97  
GLU C     C  N N 98  
GLU O     O  N N 99  
GLU CB    C  N N 100 
GLU CG    C  N N 101 
GLU CD    C  N N 102 
GLU OE1   O  N N 103 
GLU OE2   O  N N 104 
GLU OXT   O  N N 105 
GLU H     H  N N 106 
GLU H2    H  N N 107 
GLU HA    H  N N 108 
GLU HB2   H  N N 109 
GLU HB3   H  N N 110 
GLU HG2   H  N N 111 
GLU HG3   H  N N 112 
GLU HE2   H  N N 113 
GLU HXT   H  N N 114 
GLY N     N  N N 115 
GLY CA    C  N N 116 
GLY C     C  N N 117 
GLY O     O  N N 118 
GLY OXT   O  N N 119 
GLY H     H  N N 120 
GLY H2    H  N N 121 
GLY HA2   H  N N 122 
GLY HA3   H  N N 123 
GLY HXT   H  N N 124 
HIS N     N  N N 125 
HIS CA    C  N S 126 
HIS C     C  N N 127 
HIS O     O  N N 128 
HIS CB    C  N N 129 
HIS CG    C  Y N 130 
HIS ND1   N  Y N 131 
HIS CD2   C  Y N 132 
HIS CE1   C  Y N 133 
HIS NE2   N  Y N 134 
HIS OXT   O  N N 135 
HIS H     H  N N 136 
HIS H2    H  N N 137 
HIS HA    H  N N 138 
HIS HB2   H  N N 139 
HIS HB3   H  N N 140 
HIS HD1   H  N N 141 
HIS HD2   H  N N 142 
HIS HE1   H  N N 143 
HIS HE2   H  N N 144 
HIS HXT   H  N N 145 
HOH O     O  N N 146 
HOH H1    H  N N 147 
HOH H2    H  N N 148 
ILE N     N  N N 149 
ILE CA    C  N S 150 
ILE C     C  N N 151 
ILE O     O  N N 152 
ILE CB    C  N S 153 
ILE CG1   C  N N 154 
ILE CG2   C  N N 155 
ILE CD1   C  N N 156 
ILE OXT   O  N N 157 
ILE H     H  N N 158 
ILE H2    H  N N 159 
ILE HA    H  N N 160 
ILE HB    H  N N 161 
ILE HG12  H  N N 162 
ILE HG13  H  N N 163 
ILE HG21  H  N N 164 
ILE HG22  H  N N 165 
ILE HG23  H  N N 166 
ILE HD11  H  N N 167 
ILE HD12  H  N N 168 
ILE HD13  H  N N 169 
ILE HXT   H  N N 170 
LEU N     N  N N 171 
LEU CA    C  N S 172 
LEU C     C  N N 173 
LEU O     O  N N 174 
LEU CB    C  N N 175 
LEU CG    C  N N 176 
LEU CD1   C  N N 177 
LEU CD2   C  N N 178 
LEU OXT   O  N N 179 
LEU H     H  N N 180 
LEU H2    H  N N 181 
LEU HA    H  N N 182 
LEU HB2   H  N N 183 
LEU HB3   H  N N 184 
LEU HG    H  N N 185 
LEU HD11  H  N N 186 
LEU HD12  H  N N 187 
LEU HD13  H  N N 188 
LEU HD21  H  N N 189 
LEU HD22  H  N N 190 
LEU HD23  H  N N 191 
LEU HXT   H  N N 192 
LYS N     N  N N 193 
LYS CA    C  N S 194 
LYS C     C  N N 195 
LYS O     O  N N 196 
LYS CB    C  N N 197 
LYS CG    C  N N 198 
LYS CD    C  N N 199 
LYS CE    C  N N 200 
LYS NZ    N  N N 201 
LYS OXT   O  N N 202 
LYS H     H  N N 203 
LYS H2    H  N N 204 
LYS HA    H  N N 205 
LYS HB2   H  N N 206 
LYS HB3   H  N N 207 
LYS HG2   H  N N 208 
LYS HG3   H  N N 209 
LYS HD2   H  N N 210 
LYS HD3   H  N N 211 
LYS HE2   H  N N 212 
LYS HE3   H  N N 213 
LYS HZ1   H  N N 214 
LYS HZ2   H  N N 215 
LYS HZ3   H  N N 216 
LYS HXT   H  N N 217 
MET N     N  N N 218 
MET CA    C  N S 219 
MET C     C  N N 220 
MET O     O  N N 221 
MET CB    C  N N 222 
MET CG    C  N N 223 
MET SD    S  N N 224 
MET CE    C  N N 225 
MET OXT   O  N N 226 
MET H     H  N N 227 
MET H2    H  N N 228 
MET HA    H  N N 229 
MET HB2   H  N N 230 
MET HB3   H  N N 231 
MET HG2   H  N N 232 
MET HG3   H  N N 233 
MET HE1   H  N N 234 
MET HE2   H  N N 235 
MET HE3   H  N N 236 
MET HXT   H  N N 237 
PHE N     N  N N 238 
PHE CA    C  N S 239 
PHE C     C  N N 240 
PHE O     O  N N 241 
PHE CB    C  N N 242 
PHE CG    C  Y N 243 
PHE CD1   C  Y N 244 
PHE CD2   C  Y N 245 
PHE CE1   C  Y N 246 
PHE CE2   C  Y N 247 
PHE CZ    C  Y N 248 
PHE OXT   O  N N 249 
PHE H     H  N N 250 
PHE H2    H  N N 251 
PHE HA    H  N N 252 
PHE HB2   H  N N 253 
PHE HB3   H  N N 254 
PHE HD1   H  N N 255 
PHE HD2   H  N N 256 
PHE HE1   H  N N 257 
PHE HE2   H  N N 258 
PHE HZ    H  N N 259 
PHE HXT   H  N N 260 
PRO N     N  N N 261 
PRO CA    C  N S 262 
PRO C     C  N N 263 
PRO O     O  N N 264 
PRO CB    C  N N 265 
PRO CG    C  N N 266 
PRO CD    C  N N 267 
PRO OXT   O  N N 268 
PRO H     H  N N 269 
PRO HA    H  N N 270 
PRO HB2   H  N N 271 
PRO HB3   H  N N 272 
PRO HG2   H  N N 273 
PRO HG3   H  N N 274 
PRO HD2   H  N N 275 
PRO HD3   H  N N 276 
PRO HXT   H  N N 277 
SER N     N  N N 278 
SER CA    C  N S 279 
SER C     C  N N 280 
SER O     O  N N 281 
SER CB    C  N N 282 
SER OG    O  N N 283 
SER OXT   O  N N 284 
SER H     H  N N 285 
SER H2    H  N N 286 
SER HA    H  N N 287 
SER HB2   H  N N 288 
SER HB3   H  N N 289 
SER HG    H  N N 290 
SER HXT   H  N N 291 
SO4 S     S  N N 292 
SO4 O1    O  N N 293 
SO4 O2    O  N N 294 
SO4 O3    O  N N 295 
SO4 O4    O  N N 296 
THR N     N  N N 297 
THR CA    C  N S 298 
THR C     C  N N 299 
THR O     O  N N 300 
THR CB    C  N R 301 
THR OG1   O  N N 302 
THR CG2   C  N N 303 
THR OXT   O  N N 304 
THR H     H  N N 305 
THR H2    H  N N 306 
THR HA    H  N N 307 
THR HB    H  N N 308 
THR HG1   H  N N 309 
THR HG21  H  N N 310 
THR HG22  H  N N 311 
THR HG23  H  N N 312 
THR HXT   H  N N 313 
TRP N     N  N N 314 
TRP CA    C  N S 315 
TRP C     C  N N 316 
TRP O     O  N N 317 
TRP CB    C  N N 318 
TRP CG    C  Y N 319 
TRP CD1   C  Y N 320 
TRP CD2   C  Y N 321 
TRP NE1   N  Y N 322 
TRP CE2   C  Y N 323 
TRP CE3   C  Y N 324 
TRP CZ2   C  Y N 325 
TRP CZ3   C  Y N 326 
TRP CH2   C  Y N 327 
TRP OXT   O  N N 328 
TRP H     H  N N 329 
TRP H2    H  N N 330 
TRP HA    H  N N 331 
TRP HB2   H  N N 332 
TRP HB3   H  N N 333 
TRP HD1   H  N N 334 
TRP HE1   H  N N 335 
TRP HE3   H  N N 336 
TRP HZ2   H  N N 337 
TRP HZ3   H  N N 338 
TRP HH2   H  N N 339 
TRP HXT   H  N N 340 
TYR N     N  N N 341 
TYR CA    C  N S 342 
TYR C     C  N N 343 
TYR O     O  N N 344 
TYR CB    C  N N 345 
TYR CG    C  Y N 346 
TYR CD1   C  Y N 347 
TYR CD2   C  Y N 348 
TYR CE1   C  Y N 349 
TYR CE2   C  Y N 350 
TYR CZ    C  Y N 351 
TYR OH    O  N N 352 
TYR OXT   O  N N 353 
TYR H     H  N N 354 
TYR H2    H  N N 355 
TYR HA    H  N N 356 
TYR HB2   H  N N 357 
TYR HB3   H  N N 358 
TYR HD1   H  N N 359 
TYR HD2   H  N N 360 
TYR HE1   H  N N 361 
TYR HE2   H  N N 362 
TYR HH    H  N N 363 
TYR HXT   H  N N 364 
VAL N     N  N N 365 
VAL CA    C  N S 366 
VAL C     C  N N 367 
VAL O     O  N N 368 
VAL CB    C  N N 369 
VAL CG1   C  N N 370 
VAL CG2   C  N N 371 
VAL OXT   O  N N 372 
VAL H     H  N N 373 
VAL H2    H  N N 374 
VAL HA    H  N N 375 
VAL HB    H  N N 376 
VAL HG11  H  N N 377 
VAL HG12  H  N N 378 
VAL HG13  H  N N 379 
VAL HG21  H  N N 380 
VAL HG22  H  N N 381 
VAL HG23  H  N N 382 
VAL HXT   H  N N 383 
# 
loop_
_chem_comp_bond.comp_id 
_chem_comp_bond.atom_id_1 
_chem_comp_bond.atom_id_2 
_chem_comp_bond.value_order 
_chem_comp_bond.pdbx_aromatic_flag 
_chem_comp_bond.pdbx_stereo_config 
_chem_comp_bond.pdbx_ordinal 
ALA N     CA    sing N N 1   
ALA N     H     sing N N 2   
ALA N     H2    sing N N 3   
ALA CA    C     sing N N 4   
ALA CA    CB    sing N N 5   
ALA CA    HA    sing N N 6   
ALA C     O     doub N N 7   
ALA C     OXT   sing N N 8   
ALA CB    HB1   sing N N 9   
ALA CB    HB2   sing N N 10  
ALA CB    HB3   sing N N 11  
ALA OXT   HXT   sing N N 12  
ARG N     CA    sing N N 13  
ARG N     H     sing N N 14  
ARG N     H2    sing N N 15  
ARG CA    C     sing N N 16  
ARG CA    CB    sing N N 17  
ARG CA    HA    sing N N 18  
ARG C     O     doub N N 19  
ARG C     OXT   sing N N 20  
ARG CB    CG    sing N N 21  
ARG CB    HB2   sing N N 22  
ARG CB    HB3   sing N N 23  
ARG CG    CD    sing N N 24  
ARG CG    HG2   sing N N 25  
ARG CG    HG3   sing N N 26  
ARG CD    NE    sing N N 27  
ARG CD    HD2   sing N N 28  
ARG CD    HD3   sing N N 29  
ARG NE    CZ    sing N N 30  
ARG NE    HE    sing N N 31  
ARG CZ    NH1   sing N N 32  
ARG CZ    NH2   doub N N 33  
ARG NH1   HH11  sing N N 34  
ARG NH1   HH12  sing N N 35  
ARG NH2   HH21  sing N N 36  
ARG NH2   HH22  sing N N 37  
ARG OXT   HXT   sing N N 38  
ASP N     CA    sing N N 39  
ASP N     H     sing N N 40  
ASP N     H2    sing N N 41  
ASP CA    C     sing N N 42  
ASP CA    CB    sing N N 43  
ASP CA    HA    sing N N 44  
ASP C     O     doub N N 45  
ASP C     OXT   sing N N 46  
ASP CB    CG    sing N N 47  
ASP CB    HB2   sing N N 48  
ASP CB    HB3   sing N N 49  
ASP CG    OD1   doub N N 50  
ASP CG    OD2   sing N N 51  
ASP OD2   HD2   sing N N 52  
ASP OXT   HXT   sing N N 53  
CFA C1    C2    sing N N 54  
CFA C1    O1    sing N N 55  
CFA C1    O2    doub N N 56  
CFA C2    "O1'" sing N N 57  
CFA C2    H2C1  sing N N 58  
CFA C2    H2C2  sing N N 59  
CFA "C1'" "C2'" doub Y N 60  
CFA "C1'" "C6'" sing Y N 61  
CFA "C1'" "O1'" sing N N 62  
CFA "C2'" "C3'" sing Y N 63  
CFA "C2'" CL3   sing N N 64  
CFA "C3'" "C4'" doub Y N 65  
CFA "C3'" "H3'" sing N N 66  
CFA "C4'" "C5'" sing Y N 67  
CFA "C4'" CL4   sing N N 68  
CFA "C5'" "C6'" doub Y N 69  
CFA "C5'" "H5'" sing N N 70  
CFA "C6'" "H6'" sing N N 71  
CFA O1    H1    sing N N 72  
GLN N     CA    sing N N 73  
GLN N     H     sing N N 74  
GLN N     H2    sing N N 75  
GLN CA    C     sing N N 76  
GLN CA    CB    sing N N 77  
GLN CA    HA    sing N N 78  
GLN C     O     doub N N 79  
GLN C     OXT   sing N N 80  
GLN CB    CG    sing N N 81  
GLN CB    HB2   sing N N 82  
GLN CB    HB3   sing N N 83  
GLN CG    CD    sing N N 84  
GLN CG    HG2   sing N N 85  
GLN CG    HG3   sing N N 86  
GLN CD    OE1   doub N N 87  
GLN CD    NE2   sing N N 88  
GLN NE2   HE21  sing N N 89  
GLN NE2   HE22  sing N N 90  
GLN OXT   HXT   sing N N 91  
GLU N     CA    sing N N 92  
GLU N     H     sing N N 93  
GLU N     H2    sing N N 94  
GLU CA    C     sing N N 95  
GLU CA    CB    sing N N 96  
GLU CA    HA    sing N N 97  
GLU C     O     doub N N 98  
GLU C     OXT   sing N N 99  
GLU CB    CG    sing N N 100 
GLU CB    HB2   sing N N 101 
GLU CB    HB3   sing N N 102 
GLU CG    CD    sing N N 103 
GLU CG    HG2   sing N N 104 
GLU CG    HG3   sing N N 105 
GLU CD    OE1   doub N N 106 
GLU CD    OE2   sing N N 107 
GLU OE2   HE2   sing N N 108 
GLU OXT   HXT   sing N N 109 
GLY N     CA    sing N N 110 
GLY N     H     sing N N 111 
GLY N     H2    sing N N 112 
GLY CA    C     sing N N 113 
GLY CA    HA2   sing N N 114 
GLY CA    HA3   sing N N 115 
GLY C     O     doub N N 116 
GLY C     OXT   sing N N 117 
GLY OXT   HXT   sing N N 118 
HIS N     CA    sing N N 119 
HIS N     H     sing N N 120 
HIS N     H2    sing N N 121 
HIS CA    C     sing N N 122 
HIS CA    CB    sing N N 123 
HIS CA    HA    sing N N 124 
HIS C     O     doub N N 125 
HIS C     OXT   sing N N 126 
HIS CB    CG    sing N N 127 
HIS CB    HB2   sing N N 128 
HIS CB    HB3   sing N N 129 
HIS CG    ND1   sing Y N 130 
HIS CG    CD2   doub Y N 131 
HIS ND1   CE1   doub Y N 132 
HIS ND1   HD1   sing N N 133 
HIS CD2   NE2   sing Y N 134 
HIS CD2   HD2   sing N N 135 
HIS CE1   NE2   sing Y N 136 
HIS CE1   HE1   sing N N 137 
HIS NE2   HE2   sing N N 138 
HIS OXT   HXT   sing N N 139 
HOH O     H1    sing N N 140 
HOH O     H2    sing N N 141 
ILE N     CA    sing N N 142 
ILE N     H     sing N N 143 
ILE N     H2    sing N N 144 
ILE CA    C     sing N N 145 
ILE CA    CB    sing N N 146 
ILE CA    HA    sing N N 147 
ILE C     O     doub N N 148 
ILE C     OXT   sing N N 149 
ILE CB    CG1   sing N N 150 
ILE CB    CG2   sing N N 151 
ILE CB    HB    sing N N 152 
ILE CG1   CD1   sing N N 153 
ILE CG1   HG12  sing N N 154 
ILE CG1   HG13  sing N N 155 
ILE CG2   HG21  sing N N 156 
ILE CG2   HG22  sing N N 157 
ILE CG2   HG23  sing N N 158 
ILE CD1   HD11  sing N N 159 
ILE CD1   HD12  sing N N 160 
ILE CD1   HD13  sing N N 161 
ILE OXT   HXT   sing N N 162 
LEU N     CA    sing N N 163 
LEU N     H     sing N N 164 
LEU N     H2    sing N N 165 
LEU CA    C     sing N N 166 
LEU CA    CB    sing N N 167 
LEU CA    HA    sing N N 168 
LEU C     O     doub N N 169 
LEU C     OXT   sing N N 170 
LEU CB    CG    sing N N 171 
LEU CB    HB2   sing N N 172 
LEU CB    HB3   sing N N 173 
LEU CG    CD1   sing N N 174 
LEU CG    CD2   sing N N 175 
LEU CG    HG    sing N N 176 
LEU CD1   HD11  sing N N 177 
LEU CD1   HD12  sing N N 178 
LEU CD1   HD13  sing N N 179 
LEU CD2   HD21  sing N N 180 
LEU CD2   HD22  sing N N 181 
LEU CD2   HD23  sing N N 182 
LEU OXT   HXT   sing N N 183 
LYS N     CA    sing N N 184 
LYS N     H     sing N N 185 
LYS N     H2    sing N N 186 
LYS CA    C     sing N N 187 
LYS CA    CB    sing N N 188 
LYS CA    HA    sing N N 189 
LYS C     O     doub N N 190 
LYS C     OXT   sing N N 191 
LYS CB    CG    sing N N 192 
LYS CB    HB2   sing N N 193 
LYS CB    HB3   sing N N 194 
LYS CG    CD    sing N N 195 
LYS CG    HG2   sing N N 196 
LYS CG    HG3   sing N N 197 
LYS CD    CE    sing N N 198 
LYS CD    HD2   sing N N 199 
LYS CD    HD3   sing N N 200 
LYS CE    NZ    sing N N 201 
LYS CE    HE2   sing N N 202 
LYS CE    HE3   sing N N 203 
LYS NZ    HZ1   sing N N 204 
LYS NZ    HZ2   sing N N 205 
LYS NZ    HZ3   sing N N 206 
LYS OXT   HXT   sing N N 207 
MET N     CA    sing N N 208 
MET N     H     sing N N 209 
MET N     H2    sing N N 210 
MET CA    C     sing N N 211 
MET CA    CB    sing N N 212 
MET CA    HA    sing N N 213 
MET C     O     doub N N 214 
MET C     OXT   sing N N 215 
MET CB    CG    sing N N 216 
MET CB    HB2   sing N N 217 
MET CB    HB3   sing N N 218 
MET CG    SD    sing N N 219 
MET CG    HG2   sing N N 220 
MET CG    HG3   sing N N 221 
MET SD    CE    sing N N 222 
MET CE    HE1   sing N N 223 
MET CE    HE2   sing N N 224 
MET CE    HE3   sing N N 225 
MET OXT   HXT   sing N N 226 
PHE N     CA    sing N N 227 
PHE N     H     sing N N 228 
PHE N     H2    sing N N 229 
PHE CA    C     sing N N 230 
PHE CA    CB    sing N N 231 
PHE CA    HA    sing N N 232 
PHE C     O     doub N N 233 
PHE C     OXT   sing N N 234 
PHE CB    CG    sing N N 235 
PHE CB    HB2   sing N N 236 
PHE CB    HB3   sing N N 237 
PHE CG    CD1   doub Y N 238 
PHE CG    CD2   sing Y N 239 
PHE CD1   CE1   sing Y N 240 
PHE CD1   HD1   sing N N 241 
PHE CD2   CE2   doub Y N 242 
PHE CD2   HD2   sing N N 243 
PHE CE1   CZ    doub Y N 244 
PHE CE1   HE1   sing N N 245 
PHE CE2   CZ    sing Y N 246 
PHE CE2   HE2   sing N N 247 
PHE CZ    HZ    sing N N 248 
PHE OXT   HXT   sing N N 249 
PRO N     CA    sing N N 250 
PRO N     CD    sing N N 251 
PRO N     H     sing N N 252 
PRO CA    C     sing N N 253 
PRO CA    CB    sing N N 254 
PRO CA    HA    sing N N 255 
PRO C     O     doub N N 256 
PRO C     OXT   sing N N 257 
PRO CB    CG    sing N N 258 
PRO CB    HB2   sing N N 259 
PRO CB    HB3   sing N N 260 
PRO CG    CD    sing N N 261 
PRO CG    HG2   sing N N 262 
PRO CG    HG3   sing N N 263 
PRO CD    HD2   sing N N 264 
PRO CD    HD3   sing N N 265 
PRO OXT   HXT   sing N N 266 
SER N     CA    sing N N 267 
SER N     H     sing N N 268 
SER N     H2    sing N N 269 
SER CA    C     sing N N 270 
SER CA    CB    sing N N 271 
SER CA    HA    sing N N 272 
SER C     O     doub N N 273 
SER C     OXT   sing N N 274 
SER CB    OG    sing N N 275 
SER CB    HB2   sing N N 276 
SER CB    HB3   sing N N 277 
SER OG    HG    sing N N 278 
SER OXT   HXT   sing N N 279 
SO4 S     O1    doub N N 280 
SO4 S     O2    doub N N 281 
SO4 S     O3    sing N N 282 
SO4 S     O4    sing N N 283 
THR N     CA    sing N N 284 
THR N     H     sing N N 285 
THR N     H2    sing N N 286 
THR CA    C     sing N N 287 
THR CA    CB    sing N N 288 
THR CA    HA    sing N N 289 
THR C     O     doub N N 290 
THR C     OXT   sing N N 291 
THR CB    OG1   sing N N 292 
THR CB    CG2   sing N N 293 
THR CB    HB    sing N N 294 
THR OG1   HG1   sing N N 295 
THR CG2   HG21  sing N N 296 
THR CG2   HG22  sing N N 297 
THR CG2   HG23  sing N N 298 
THR OXT   HXT   sing N N 299 
TRP N     CA    sing N N 300 
TRP N     H     sing N N 301 
TRP N     H2    sing N N 302 
TRP CA    C     sing N N 303 
TRP CA    CB    sing N N 304 
TRP CA    HA    sing N N 305 
TRP C     O     doub N N 306 
TRP C     OXT   sing N N 307 
TRP CB    CG    sing N N 308 
TRP CB    HB2   sing N N 309 
TRP CB    HB3   sing N N 310 
TRP CG    CD1   doub Y N 311 
TRP CG    CD2   sing Y N 312 
TRP CD1   NE1   sing Y N 313 
TRP CD1   HD1   sing N N 314 
TRP CD2   CE2   doub Y N 315 
TRP CD2   CE3   sing Y N 316 
TRP NE1   CE2   sing Y N 317 
TRP NE1   HE1   sing N N 318 
TRP CE2   CZ2   sing Y N 319 
TRP CE3   CZ3   doub Y N 320 
TRP CE3   HE3   sing N N 321 
TRP CZ2   CH2   doub Y N 322 
TRP CZ2   HZ2   sing N N 323 
TRP CZ3   CH2   sing Y N 324 
TRP CZ3   HZ3   sing N N 325 
TRP CH2   HH2   sing N N 326 
TRP OXT   HXT   sing N N 327 
TYR N     CA    sing N N 328 
TYR N     H     sing N N 329 
TYR N     H2    sing N N 330 
TYR CA    C     sing N N 331 
TYR CA    CB    sing N N 332 
TYR CA    HA    sing N N 333 
TYR C     O     doub N N 334 
TYR C     OXT   sing N N 335 
TYR CB    CG    sing N N 336 
TYR CB    HB2   sing N N 337 
TYR CB    HB3   sing N N 338 
TYR CG    CD1   doub Y N 339 
TYR CG    CD2   sing Y N 340 
TYR CD1   CE1   sing Y N 341 
TYR CD1   HD1   sing N N 342 
TYR CD2   CE2   doub Y N 343 
TYR CD2   HD2   sing N N 344 
TYR CE1   CZ    doub Y N 345 
TYR CE1   HE1   sing N N 346 
TYR CE2   CZ    sing Y N 347 
TYR CE2   HE2   sing N N 348 
TYR CZ    OH    sing N N 349 
TYR OH    HH    sing N N 350 
TYR OXT   HXT   sing N N 351 
VAL N     CA    sing N N 352 
VAL N     H     sing N N 353 
VAL N     H2    sing N N 354 
VAL CA    C     sing N N 355 
VAL CA    CB    sing N N 356 
VAL CA    HA    sing N N 357 
VAL C     O     doub N N 358 
VAL C     OXT   sing N N 359 
VAL CB    CG1   sing N N 360 
VAL CB    CG2   sing N N 361 
VAL CB    HB    sing N N 362 
VAL CG1   HG11  sing N N 363 
VAL CG1   HG12  sing N N 364 
VAL CG1   HG13  sing N N 365 
VAL CG2   HG21  sing N N 366 
VAL CG2   HG22  sing N N 367 
VAL CG2   HG23  sing N N 368 
VAL OXT   HXT   sing N N 369 
# 
_pdbx_audit_support.funding_organization   'National Science Foundation (NSF, United States)' 
_pdbx_audit_support.country                'United States' 
_pdbx_audit_support.grant_number           IOS-1917270 
_pdbx_audit_support.ordinal                1 
# 
loop_
_pdbx_entity_nonpoly.entity_id 
_pdbx_entity_nonpoly.name 
_pdbx_entity_nonpoly.comp_id 
2 'SULFATE ION'                      SO4 
3 '(2,4-DICHLOROPHENOXY)ACETIC ACID' CFA 
4 water                              HOH 
# 
_pdbx_initial_refinement_model.id               1 
_pdbx_initial_refinement_model.entity_id_list   ? 
_pdbx_initial_refinement_model.type             'experimental model' 
_pdbx_initial_refinement_model.source_name      PDB 
_pdbx_initial_refinement_model.accession_code   7KFO 
_pdbx_initial_refinement_model.details          ? 
# 
_pdbx_struct_assembly_auth_evidence.id                     1 
_pdbx_struct_assembly_auth_evidence.assembly_id            1 
_pdbx_struct_assembly_auth_evidence.experimental_support   'gel filtration' 
_pdbx_struct_assembly_auth_evidence.details                ? 
# 
_space_group.name_H-M_alt     'F 2 2 2' 
_space_group.name_Hall        'F 2 2' 
_space_group.IT_number        22 
_space_group.crystal_system   orthorhombic 
_space_group.id               1 
# 
